data_5VPV
#
_entry.id   5VPV
#
_cell.length_a   176.980
_cell.length_b   176.980
_cell.length_c   159.920
_cell.angle_alpha   90.000
_cell.angle_beta   90.000
_cell.angle_gamma   90.000
#
_symmetry.space_group_name_H-M   'P 41 21 2'
#
loop_
_entity.id
_entity.type
_entity.pdbx_description
1 polymer 'Acetyl-coenzyme A synthetase'
2 non-polymer GLYCEROL
3 non-polymer 'PHOSPHATE ION'
4 water water
#
_entity_poly.entity_id   1
_entity_poly.type   'polypeptide(L)'
_entity_poly.pdbx_seq_one_letter_code
;MHHHHHHHHENLYFQGKTEVAPGVHHVHPLPDSVPESEDLFAPPPRMQGKEGRPKPHIGPNYESYVKEWAKTVGPNSDEW
WAAKARETLDWYDDFKTVRAGGFEHGDVQWFPEGTLNAAYNCLDRHYYKNPKKTAIIYEADEPSESREVSYEELMQETCR
VANVLKSYGVKKGDAVSIYLPMTWQAAAAFLACARIGAIHSAVFAGFSAESLRDRVNDCECKVLITTDEGRRGGKTIATK
QIVDAALQQCPLVENVLVLRRTGNKVPMTEGRDKWWDEECAKMPAYCPCERMASEDPLFILYTSGSTGKPKGVVHSTAGY
LLGTALTLKYVFDAHPDDRFACMADIGWITGHSYIIYGPLANGITTAVFESTPVYPTPSRYWDFVDKWKATQLYTAPTAI
RLLRRMGEDHVKNHDLSSLRVLGSVGEPINPEAWHWYNDFAGKNQCAIVDTYWMTETGSISIAPLPGAISTKPGSATFPF
FGMDVDIIDPQTGQVLEGNDVEGVLVARRPWPSIARTVYRDHKRYLETYMKPYPGYFFFGDGAARDYDGYMWIKGRVDDV
INVSGHRLSTAEVESALILHKGVAETAVVGCADDLTGQAVYAFVTMKPEFDLKATKEADLSKELAIQVRKVIGPFAAPKK
IYLVSDLPKTRSG(ALY)IMRRVLRKIVAGEGDQLGDLSSIADPQIVEEVKQKVTGSA
;
_entity_poly.pdbx_strand_id   A,B,C
#
loop_
_chem_comp.id
_chem_comp.type
_chem_comp.name
_chem_comp.formula
GOL non-polymer GLYCEROL 'C3 H8 O3'
PO4 non-polymer 'PHOSPHATE ION' 'O4 P -3'
#
# COMPACT_ATOMS: atom_id res chain seq x y z
N VAL A 27 -2.48 35.92 7.67
CA VAL A 27 -3.28 35.99 6.45
C VAL A 27 -3.51 37.46 6.04
N HIS A 28 -3.16 37.76 4.79
CA HIS A 28 -3.33 39.10 4.24
C HIS A 28 -4.80 39.51 4.13
N PRO A 29 -5.22 40.59 4.76
CA PRO A 29 -6.64 40.96 4.69
C PRO A 29 -7.01 41.40 3.28
N LEU A 30 -8.19 40.99 2.87
CA LEU A 30 -8.77 41.46 1.62
C LEU A 30 -9.63 42.68 1.90
N PRO A 31 -10.13 43.36 0.87
CA PRO A 31 -11.04 44.49 1.11
C PRO A 31 -12.23 44.09 1.96
N ASP A 32 -12.68 45.04 2.79
CA ASP A 32 -13.93 44.85 3.52
C ASP A 32 -15.10 44.77 2.55
N SER A 33 -15.16 45.71 1.60
CA SER A 33 -16.14 45.68 0.53
C SER A 33 -15.47 46.14 -0.76
N VAL A 34 -16.20 45.99 -1.85
CA VAL A 34 -15.80 46.60 -3.13
C VAL A 34 -16.93 47.52 -3.59
N PRO A 35 -16.73 48.84 -3.52
CA PRO A 35 -17.81 49.77 -3.86
C PRO A 35 -18.12 49.74 -5.36
N GLU A 36 -19.33 50.17 -5.70
CA GLU A 36 -19.73 50.14 -7.09
C GLU A 36 -18.99 51.20 -7.89
N SER A 37 -18.85 50.94 -9.19
CA SER A 37 -18.15 51.87 -10.07
C SER A 37 -18.47 51.48 -11.51
N GLU A 38 -18.31 52.44 -12.42
CA GLU A 38 -18.56 52.17 -13.83
C GLU A 38 -17.49 51.33 -14.49
N ASP A 39 -16.49 50.89 -13.75
CA ASP A 39 -15.48 50.01 -14.30
C ASP A 39 -15.72 48.55 -13.91
N LEU A 40 -16.79 48.27 -13.17
CA LEU A 40 -17.08 46.95 -12.64
C LEU A 40 -18.26 46.38 -13.39
N PHE A 41 -18.17 45.11 -13.76
CA PHE A 41 -19.24 44.39 -14.44
C PHE A 41 -19.85 43.43 -13.43
N ALA A 42 -20.98 43.83 -12.84
CA ALA A 42 -21.63 43.00 -11.84
C ALA A 42 -22.17 41.72 -12.47
N PRO A 43 -22.17 40.62 -11.73
CA PRO A 43 -22.78 39.38 -12.23
C PRO A 43 -24.09 39.64 -12.94
N PRO A 44 -24.21 39.22 -14.20
CA PRO A 44 -25.42 39.49 -14.97
C PRO A 44 -26.52 38.49 -14.63
N PRO A 45 -27.78 38.79 -15.02
CA PRO A 45 -28.94 37.96 -14.63
C PRO A 45 -28.78 36.45 -14.70
N ARG A 46 -28.12 35.91 -15.74
CA ARG A 46 -27.92 34.47 -15.80
C ARG A 46 -27.11 33.95 -14.61
N MET A 47 -26.33 34.80 -13.95
CA MET A 47 -25.58 34.42 -12.76
C MET A 47 -26.27 34.90 -11.48
N GLN A 48 -27.51 35.34 -11.57
CA GLN A 48 -28.30 35.73 -10.39
C GLN A 48 -29.40 34.73 -10.10
N GLY A 49 -29.35 33.56 -10.73
CA GLY A 49 -30.45 32.64 -10.60
C GLY A 49 -31.73 33.12 -11.23
N LYS A 50 -31.64 34.09 -12.14
CA LYS A 50 -32.79 34.57 -12.89
C LYS A 50 -32.98 33.74 -14.17
N GLU A 51 -34.15 33.91 -14.78
CA GLU A 51 -34.47 33.31 -16.08
C GLU A 51 -34.24 31.79 -16.07
N GLY A 52 -34.60 31.15 -14.97
CA GLY A 52 -34.45 29.70 -14.85
C GLY A 52 -33.05 29.18 -14.56
N ARG A 53 -32.02 30.05 -14.50
CA ARG A 53 -30.68 29.51 -14.31
C ARG A 53 -30.45 29.12 -12.84
N PRO A 54 -29.60 28.14 -12.59
CA PRO A 54 -29.28 27.77 -11.20
C PRO A 54 -28.78 28.95 -10.39
N LYS A 55 -29.32 29.09 -9.19
CA LYS A 55 -28.80 30.05 -8.22
C LYS A 55 -27.31 29.75 -8.00
N PRO A 56 -26.44 30.77 -8.00
CA PRO A 56 -25.00 30.50 -7.94
C PRO A 56 -24.56 29.96 -6.57
N HIS A 57 -23.48 29.19 -6.59
CA HIS A 57 -23.00 28.57 -5.35
C HIS A 57 -22.59 29.62 -4.34
N ILE A 58 -21.96 30.69 -4.82
CA ILE A 58 -21.55 31.80 -3.99
C ILE A 58 -22.12 33.06 -4.63
N GLY A 59 -22.80 33.87 -3.82
CA GLY A 59 -23.44 35.07 -4.28
C GLY A 59 -24.18 35.73 -3.14
N PRO A 60 -24.65 36.96 -3.34
CA PRO A 60 -24.62 37.61 -4.65
C PRO A 60 -23.59 38.73 -4.81
N ASN A 61 -22.67 38.90 -3.86
CA ASN A 61 -21.81 40.09 -3.89
C ASN A 61 -20.43 39.76 -3.33
N TYR A 62 -19.52 40.73 -3.40
CA TYR A 62 -18.15 40.55 -2.95
C TYR A 62 -18.09 40.00 -1.52
N GLU A 63 -18.84 40.61 -0.60
CA GLU A 63 -18.83 40.16 0.78
C GLU A 63 -19.25 38.69 0.91
N SER A 64 -20.08 38.18 0.00
CA SER A 64 -20.46 36.77 0.13
C SER A 64 -19.29 35.86 -0.22
N TYR A 65 -18.46 36.27 -1.18
CA TYR A 65 -17.25 35.52 -1.46
C TYR A 65 -16.28 35.59 -0.29
N VAL A 66 -16.07 36.77 0.29
CA VAL A 66 -15.12 36.93 1.38
C VAL A 66 -15.56 36.15 2.61
N LYS A 67 -16.88 36.12 2.87
CA LYS A 67 -17.37 35.37 4.03
C LYS A 67 -16.99 33.89 3.91
N GLU A 68 -17.13 33.30 2.71
CA GLU A 68 -16.79 31.90 2.54
C GLU A 68 -15.28 31.71 2.45
N TRP A 69 -14.60 32.60 1.73
CA TRP A 69 -13.15 32.48 1.55
C TRP A 69 -12.42 32.58 2.89
N ALA A 70 -12.84 33.51 3.77
CA ALA A 70 -12.21 33.62 5.09
C ALA A 70 -12.18 32.29 5.83
N LYS A 71 -13.15 31.40 5.56
CA LYS A 71 -13.17 30.10 6.22
C LYS A 71 -12.10 29.14 5.69
N THR A 72 -11.41 29.47 4.61
CA THR A 72 -10.55 28.53 3.92
C THR A 72 -9.07 28.81 4.15
N VAL A 73 -8.74 29.88 4.85
CA VAL A 73 -7.38 30.27 5.16
C VAL A 73 -7.35 30.73 6.61
N GLY A 74 -6.18 30.64 7.22
CA GLY A 74 -6.03 31.05 8.58
C GLY A 74 -6.21 29.91 9.56
N PRO A 75 -6.22 30.24 10.86
CA PRO A 75 -6.01 29.21 11.88
C PRO A 75 -7.16 28.25 12.08
N ASN A 76 -8.37 28.56 11.61
CA ASN A 76 -9.48 27.63 11.79
C ASN A 76 -9.94 26.97 10.49
N SER A 77 -9.11 27.00 9.45
CA SER A 77 -9.62 26.53 8.17
C SER A 77 -9.56 25.01 8.03
N ASP A 78 -9.00 24.29 9.01
CA ASP A 78 -8.96 22.84 8.91
C ASP A 78 -10.36 22.25 8.88
N GLU A 79 -11.29 22.86 9.61
CA GLU A 79 -12.66 22.36 9.64
C GLU A 79 -13.31 22.47 8.26
N TRP A 80 -13.08 23.59 7.57
CA TRP A 80 -13.68 23.77 6.25
C TRP A 80 -13.10 22.79 5.25
N TRP A 81 -11.78 22.58 5.30
CA TRP A 81 -11.16 21.68 4.34
C TRP A 81 -11.48 20.23 4.65
N ALA A 82 -11.63 19.86 5.92
CA ALA A 82 -11.98 18.48 6.24
C ALA A 82 -13.38 18.16 5.73
N ALA A 83 -14.32 19.10 5.91
CA ALA A 83 -15.68 18.88 5.44
C ALA A 83 -15.73 18.86 3.91
N LYS A 84 -15.03 19.79 3.25
CA LYS A 84 -15.04 19.81 1.79
C LYS A 84 -14.42 18.55 1.21
N ALA A 85 -13.35 18.03 1.82
CA ALA A 85 -12.72 16.83 1.31
C ALA A 85 -13.64 15.62 1.47
N ARG A 86 -14.32 15.52 2.61
CA ARG A 86 -15.21 14.39 2.81
C ARG A 86 -16.50 14.50 2.00
N GLU A 87 -16.92 15.71 1.64
CA GLU A 87 -18.12 15.91 0.85
C GLU A 87 -17.87 15.78 -0.64
N THR A 88 -16.66 16.09 -1.08
CA THR A 88 -16.37 16.15 -2.50
C THR A 88 -15.89 14.82 -3.06
N LEU A 89 -15.15 14.05 -2.26
CA LEU A 89 -14.48 12.85 -2.72
C LEU A 89 -15.01 11.63 -1.99
N ASP A 90 -14.97 10.47 -2.66
CA ASP A 90 -15.25 9.20 -2.01
C ASP A 90 -13.94 8.58 -1.56
N TRP A 91 -13.89 8.18 -0.30
CA TRP A 91 -12.67 7.67 0.30
C TRP A 91 -12.82 6.18 0.61
N TYR A 92 -11.74 5.42 0.41
CA TYR A 92 -11.67 4.06 0.93
C TYR A 92 -11.35 4.07 2.41
N ASP A 93 -10.44 4.95 2.83
CA ASP A 93 -10.10 5.16 4.23
C ASP A 93 -10.18 6.65 4.50
N ASP A 94 -10.80 7.00 5.62
CA ASP A 94 -10.89 8.39 5.99
C ASP A 94 -9.50 8.92 6.36
N PHE A 95 -9.29 10.21 6.15
CA PHE A 95 -8.07 10.81 6.67
C PHE A 95 -8.29 11.18 8.13
N LYS A 96 -7.18 11.37 8.83
CA LYS A 96 -7.21 11.87 10.20
C LYS A 96 -6.62 13.27 10.33
N THR A 97 -5.50 13.52 9.66
CA THR A 97 -4.84 14.80 9.68
C THR A 97 -5.26 15.57 8.44
N VAL A 98 -5.47 16.88 8.58
CA VAL A 98 -5.87 17.67 7.43
C VAL A 98 -4.66 18.11 6.62
N ARG A 99 -3.66 18.67 7.28
CA ARG A 99 -2.51 19.19 6.54
C ARG A 99 -1.27 19.11 7.42
N ALA A 100 -0.11 19.15 6.77
CA ALA A 100 1.17 19.25 7.46
C ALA A 100 2.22 19.67 6.44
N GLY A 101 3.42 19.96 6.95
CA GLY A 101 4.52 20.30 6.11
C GLY A 101 4.43 21.69 5.53
N GLY A 102 5.35 21.98 4.62
CA GLY A 102 5.43 23.33 4.13
C GLY A 102 6.46 23.48 3.03
N PHE A 103 6.75 24.78 2.75
CA PHE A 103 7.55 25.18 1.60
C PHE A 103 9.01 24.87 1.81
N GLU A 104 9.50 25.08 3.03
CA GLU A 104 10.94 25.12 3.27
C GLU A 104 11.61 23.85 2.76
N HIS A 105 11.04 22.70 3.08
CA HIS A 105 11.66 21.44 2.73
C HIS A 105 10.89 20.69 1.65
N GLY A 106 9.72 21.19 1.24
CA GLY A 106 8.92 20.51 0.26
C GLY A 106 8.41 19.20 0.78
N ASP A 107 7.69 19.25 1.89
CA ASP A 107 7.08 18.07 2.50
C ASP A 107 5.60 18.30 2.68
N VAL A 108 4.96 18.89 1.67
CA VAL A 108 3.54 19.24 1.78
C VAL A 108 2.71 17.97 1.87
N GLN A 109 1.82 17.92 2.86
CA GLN A 109 0.90 16.80 3.07
C GLN A 109 -0.52 17.33 3.24
N TRP A 110 -1.47 16.71 2.53
CA TRP A 110 -2.88 16.98 2.74
C TRP A 110 -3.62 15.67 2.87
N PHE A 111 -4.43 15.53 3.95
CA PHE A 111 -5.23 14.34 4.20
C PHE A 111 -4.39 13.08 4.18
N PRO A 112 -3.21 13.06 4.82
CA PRO A 112 -2.24 12.00 4.52
C PRO A 112 -2.71 10.59 4.83
N GLU A 113 -3.47 10.38 5.90
CA GLU A 113 -3.85 9.01 6.25
C GLU A 113 -4.97 8.45 5.39
N GLY A 114 -5.58 9.25 4.51
CA GLY A 114 -6.67 8.76 3.71
C GLY A 114 -6.23 7.98 2.48
N THR A 115 -7.13 7.11 2.01
CA THR A 115 -6.92 6.38 0.77
C THR A 115 -8.14 6.53 -0.12
N LEU A 116 -7.90 6.58 -1.42
CA LEU A 116 -8.94 6.82 -2.41
C LEU A 116 -8.38 6.40 -3.76
N ASN A 117 -9.18 6.61 -4.80
CA ASN A 117 -8.74 6.37 -6.16
C ASN A 117 -9.37 7.42 -7.08
N ALA A 118 -8.54 8.02 -7.94
CA ALA A 118 -9.05 9.08 -8.82
C ALA A 118 -10.02 8.53 -9.86
N ALA A 119 -9.75 7.33 -10.40
CA ALA A 119 -10.68 6.78 -11.38
C ALA A 119 -12.00 6.42 -10.73
N TYR A 120 -11.98 5.95 -9.48
CA TYR A 120 -13.23 5.68 -8.78
C TYR A 120 -14.06 6.96 -8.64
N ASN A 121 -13.38 8.09 -8.35
CA ASN A 121 -14.08 9.36 -8.14
C ASN A 121 -14.51 10.02 -9.45
N CYS A 122 -13.80 9.77 -10.55
CA CYS A 122 -14.19 10.35 -11.83
C CYS A 122 -15.10 9.45 -12.67
N LEU A 123 -15.23 8.16 -12.32
CA LEU A 123 -15.97 7.24 -13.17
C LEU A 123 -16.96 6.42 -12.38
N ASP A 124 -16.42 5.45 -11.63
CA ASP A 124 -17.20 4.46 -10.93
C ASP A 124 -18.41 5.04 -10.20
N ARG A 125 -18.18 5.97 -9.28
CA ARG A 125 -19.28 6.44 -8.44
C ARG A 125 -20.39 7.06 -9.27
N HIS A 126 -20.04 7.72 -10.39
CA HIS A 126 -21.08 8.27 -11.24
C HIS A 126 -21.76 7.18 -12.06
N TYR A 127 -20.97 6.24 -12.60
CA TYR A 127 -21.56 5.12 -13.33
C TYR A 127 -22.53 4.33 -12.45
N TYR A 128 -22.21 4.18 -11.16
CA TYR A 128 -23.16 3.50 -10.29
C TYR A 128 -24.44 4.30 -10.12
N LYS A 129 -24.35 5.64 -10.20
CA LYS A 129 -25.56 6.46 -10.03
C LYS A 129 -26.37 6.57 -11.33
N ASN A 130 -25.72 6.78 -12.47
CA ASN A 130 -26.41 7.00 -13.74
C ASN A 130 -25.49 6.59 -14.88
N PRO A 131 -25.49 5.29 -15.24
CA PRO A 131 -24.54 4.79 -16.26
C PRO A 131 -24.65 5.45 -17.61
N LYS A 132 -25.84 5.89 -18.01
CA LYS A 132 -26.06 6.44 -19.34
C LYS A 132 -25.87 7.95 -19.40
N LYS A 133 -25.61 8.62 -18.28
CA LYS A 133 -25.30 10.03 -18.33
C LYS A 133 -24.05 10.25 -19.19
N THR A 134 -24.03 11.36 -19.91
CA THR A 134 -22.90 11.62 -20.80
C THR A 134 -21.69 12.08 -19.98
N ALA A 135 -20.59 11.35 -20.11
CA ALA A 135 -19.36 11.81 -19.49
C ALA A 135 -18.61 12.77 -20.41
N ILE A 136 -18.46 12.41 -21.69
CA ILE A 136 -17.67 13.17 -22.64
C ILE A 136 -18.51 13.50 -23.87
N ILE A 137 -18.59 14.80 -24.18
CA ILE A 137 -19.00 15.25 -25.51
C ILE A 137 -17.75 15.22 -26.38
N TYR A 138 -17.69 14.25 -27.28
CA TYR A 138 -16.57 14.14 -28.20
C TYR A 138 -16.93 14.96 -29.44
N GLU A 139 -16.34 16.15 -29.57
CA GLU A 139 -16.47 16.94 -30.78
C GLU A 139 -15.28 16.60 -31.66
N ALA A 140 -15.51 15.74 -32.65
CA ALA A 140 -14.46 15.25 -33.52
C ALA A 140 -14.00 16.36 -34.46
N ASP A 141 -12.86 16.14 -35.10
CA ASP A 141 -12.36 17.12 -36.06
C ASP A 141 -13.38 17.38 -37.17
N GLU A 142 -13.92 16.32 -37.77
CA GLU A 142 -15.07 16.46 -38.65
C GLU A 142 -16.33 16.51 -37.80
N PRO A 143 -17.08 17.62 -37.81
CA PRO A 143 -18.28 17.70 -36.95
C PRO A 143 -19.22 16.51 -37.07
N SER A 144 -19.40 15.98 -38.27
CA SER A 144 -20.34 14.86 -38.47
C SER A 144 -19.96 13.61 -37.70
N GLU A 145 -18.70 13.47 -37.29
CA GLU A 145 -18.28 12.32 -36.50
C GLU A 145 -18.34 12.55 -34.98
N SER A 146 -19.00 13.61 -34.51
CA SER A 146 -19.11 13.88 -33.07
C SER A 146 -20.21 13.03 -32.43
N ARG A 147 -20.05 12.77 -31.13
CA ARG A 147 -20.98 11.89 -30.43
C ARG A 147 -20.76 12.01 -28.93
N GLU A 148 -21.68 11.41 -28.18
CA GLU A 148 -21.65 11.39 -26.72
C GLU A 148 -21.05 10.08 -26.24
N VAL A 149 -20.29 10.15 -25.14
CA VAL A 149 -19.69 8.99 -24.49
C VAL A 149 -20.23 8.93 -23.07
N SER A 150 -21.06 7.93 -22.80
CA SER A 150 -21.65 7.75 -21.48
C SER A 150 -20.56 7.47 -20.43
N TYR A 151 -20.93 7.67 -19.15
CA TYR A 151 -20.04 7.28 -18.08
C TYR A 151 -19.73 5.78 -18.12
N GLU A 152 -20.73 4.98 -18.47
CA GLU A 152 -20.52 3.54 -18.60
C GLU A 152 -19.52 3.21 -19.70
N GLU A 153 -19.70 3.78 -20.90
CA GLU A 153 -18.75 3.51 -21.98
C GLU A 153 -17.35 3.96 -21.59
N LEU A 154 -17.23 5.16 -21.00
CA LEU A 154 -15.92 5.66 -20.61
C LEU A 154 -15.28 4.75 -19.55
N MET A 155 -16.06 4.37 -18.53
CA MET A 155 -15.56 3.44 -17.53
C MET A 155 -15.11 2.11 -18.14
N GLN A 156 -15.90 1.55 -19.08
CA GLN A 156 -15.51 0.25 -19.61
C GLN A 156 -14.22 0.33 -20.41
N GLU A 157 -14.04 1.41 -21.18
CA GLU A 157 -12.81 1.55 -21.95
C GLU A 157 -11.61 1.79 -21.05
N THR A 158 -11.80 2.57 -19.98
CA THR A 158 -10.75 2.75 -18.96
C THR A 158 -10.34 1.42 -18.34
N CYS A 159 -11.31 0.62 -17.92
CA CYS A 159 -11.00 -0.68 -17.34
C CYS A 159 -10.24 -1.60 -18.30
N ARG A 160 -10.70 -1.69 -19.56
CA ARG A 160 -9.98 -2.48 -20.55
C ARG A 160 -8.53 -2.04 -20.66
N VAL A 161 -8.31 -0.73 -20.81
CA VAL A 161 -6.95 -0.22 -20.94
C VAL A 161 -6.16 -0.50 -19.67
N ALA A 162 -6.82 -0.42 -18.51
CA ALA A 162 -6.11 -0.70 -17.27
C ALA A 162 -5.67 -2.15 -17.22
N ASN A 163 -6.54 -3.07 -17.62
CA ASN A 163 -6.15 -4.47 -17.66
C ASN A 163 -5.02 -4.70 -18.66
N VAL A 164 -5.02 -3.98 -19.78
CA VAL A 164 -3.91 -4.11 -20.73
C VAL A 164 -2.60 -3.68 -20.07
N LEU A 165 -2.63 -2.53 -19.37
CA LEU A 165 -1.43 -2.05 -18.68
C LEU A 165 -0.94 -3.08 -17.66
N LYS A 166 -1.84 -3.67 -16.89
CA LYS A 166 -1.45 -4.69 -15.93
C LYS A 166 -0.79 -5.88 -16.64
N SER A 167 -1.36 -6.32 -17.76
CA SER A 167 -0.73 -7.41 -18.52
C SER A 167 0.70 -7.07 -18.94
N TYR A 168 1.02 -5.79 -19.11
CA TYR A 168 2.39 -5.38 -19.40
C TYR A 168 3.27 -5.38 -18.16
N GLY A 169 2.72 -5.70 -16.99
CA GLY A 169 3.49 -5.62 -15.77
C GLY A 169 3.56 -4.25 -15.13
N VAL A 170 2.75 -3.29 -15.57
CA VAL A 170 2.74 -1.96 -14.97
C VAL A 170 2.21 -2.08 -13.55
N LYS A 171 3.02 -1.65 -12.57
CA LYS A 171 2.67 -1.72 -11.16
C LYS A 171 2.32 -0.32 -10.66
N LYS A 172 1.70 -0.31 -9.48
CA LYS A 172 1.52 0.92 -8.72
C LYS A 172 2.84 1.68 -8.62
N GLY A 173 2.80 2.96 -8.96
CA GLY A 173 3.99 3.80 -8.90
C GLY A 173 4.85 3.82 -10.15
N ASP A 174 4.52 3.03 -11.17
CA ASP A 174 5.27 3.08 -12.42
C ASP A 174 4.82 4.23 -13.27
N ALA A 175 5.77 4.85 -13.97
CA ALA A 175 5.44 5.92 -14.89
C ALA A 175 4.99 5.33 -16.23
N VAL A 176 3.97 5.94 -16.82
CA VAL A 176 3.48 5.59 -18.15
C VAL A 176 3.37 6.88 -18.94
N SER A 177 4.08 6.96 -20.06
CA SER A 177 3.97 8.12 -20.96
C SER A 177 2.74 8.02 -21.86
N ILE A 178 2.14 9.17 -22.13
CA ILE A 178 0.97 9.29 -22.99
C ILE A 178 1.23 10.40 -24.01
N TYR A 179 1.23 10.03 -25.28
CA TYR A 179 1.37 10.95 -26.42
C TYR A 179 0.08 10.83 -27.24
N LEU A 180 -0.98 11.49 -26.79
CA LEU A 180 -2.28 11.32 -27.40
C LEU A 180 -2.86 12.64 -27.88
N PRO A 181 -3.51 12.64 -29.04
CA PRO A 181 -4.23 13.83 -29.52
C PRO A 181 -5.61 13.88 -28.89
N MET A 182 -6.33 14.97 -29.17
CA MET A 182 -7.59 15.27 -28.49
C MET A 182 -8.75 14.41 -28.95
N THR A 183 -8.62 13.10 -28.80
CA THR A 183 -9.73 12.18 -28.92
C THR A 183 -10.13 11.76 -27.52
N TRP A 184 -11.41 11.36 -27.36
CA TRP A 184 -11.96 11.12 -26.03
C TRP A 184 -11.24 10.01 -25.28
N GLN A 185 -10.64 9.05 -26.02
CA GLN A 185 -9.90 7.98 -25.36
C GLN A 185 -8.73 8.50 -24.52
N ALA A 186 -8.28 9.73 -24.77
CA ALA A 186 -7.23 10.30 -23.92
C ALA A 186 -7.64 10.29 -22.45
N ALA A 187 -8.93 10.52 -22.18
CA ALA A 187 -9.39 10.46 -20.80
C ALA A 187 -9.34 9.03 -20.25
N ALA A 188 -9.72 8.03 -21.07
CA ALA A 188 -9.55 6.64 -20.66
C ALA A 188 -8.09 6.33 -20.37
N ALA A 189 -7.18 6.77 -21.23
CA ALA A 189 -5.75 6.52 -21.00
C ALA A 189 -5.28 7.10 -19.67
N PHE A 190 -5.59 8.39 -19.43
CA PHE A 190 -5.27 9.02 -18.15
C PHE A 190 -5.82 8.19 -16.98
N LEU A 191 -7.11 7.93 -17.02
CA LEU A 191 -7.79 7.34 -15.88
C LEU A 191 -7.45 5.88 -15.70
N ALA A 192 -6.97 5.19 -16.74
CA ALA A 192 -6.50 3.82 -16.57
C ALA A 192 -5.21 3.79 -15.76
N CYS A 193 -4.28 4.70 -16.04
CA CYS A 193 -3.10 4.88 -15.19
C CYS A 193 -3.49 5.15 -13.76
N ALA A 194 -4.49 6.01 -13.56
CA ALA A 194 -4.90 6.37 -12.21
C ALA A 194 -5.61 5.22 -11.52
N ARG A 195 -6.35 4.43 -12.29
CA ARG A 195 -7.11 3.33 -11.70
C ARG A 195 -6.18 2.33 -11.02
N ILE A 196 -5.05 2.02 -11.64
CA ILE A 196 -4.12 1.01 -11.12
C ILE A 196 -2.97 1.64 -10.34
N GLY A 197 -3.02 2.94 -10.10
CA GLY A 197 -1.97 3.59 -9.37
C GLY A 197 -0.72 3.88 -10.17
N ALA A 198 -0.79 3.80 -11.50
CA ALA A 198 0.35 4.21 -12.28
C ALA A 198 0.40 5.75 -12.33
N ILE A 199 1.56 6.26 -12.73
CA ILE A 199 1.82 7.69 -12.77
C ILE A 199 1.83 8.05 -14.25
N HIS A 200 0.74 8.63 -14.76
CA HIS A 200 0.75 8.98 -16.18
C HIS A 200 1.55 10.26 -16.41
N SER A 201 2.21 10.32 -17.55
CA SER A 201 3.02 11.49 -17.93
C SER A 201 2.61 11.89 -19.35
N ALA A 202 1.76 12.90 -19.46
CA ALA A 202 1.14 13.24 -20.74
C ALA A 202 2.04 14.20 -21.51
N VAL A 203 2.37 13.82 -22.74
CA VAL A 203 3.21 14.60 -23.64
C VAL A 203 2.31 15.15 -24.73
N PHE A 204 2.30 16.48 -24.88
CA PHE A 204 1.45 17.15 -25.86
C PHE A 204 1.72 16.61 -27.26
N ALA A 205 0.65 16.23 -27.96
CA ALA A 205 0.76 15.51 -29.23
C ALA A 205 1.29 16.36 -30.38
N GLY A 206 1.45 17.65 -30.19
CA GLY A 206 2.19 18.43 -31.17
C GLY A 206 3.70 18.46 -30.98
N PHE A 207 4.20 17.95 -29.86
CA PHE A 207 5.62 17.97 -29.56
C PHE A 207 6.42 17.19 -30.60
N SER A 208 7.66 17.62 -30.80
CA SER A 208 8.56 16.98 -31.75
C SER A 208 9.08 15.66 -31.17
N ALA A 209 9.87 14.96 -31.99
CA ALA A 209 10.44 13.70 -31.53
C ALA A 209 11.47 13.92 -30.43
N GLU A 210 12.24 15.01 -30.50
CA GLU A 210 13.24 15.24 -29.47
C GLU A 210 12.58 15.62 -28.15
N SER A 211 11.53 16.45 -28.20
CA SER A 211 10.82 16.79 -26.97
C SER A 211 10.11 15.59 -26.39
N LEU A 212 9.48 14.77 -27.24
CA LEU A 212 8.88 13.54 -26.73
C LEU A 212 9.95 12.65 -26.10
N ARG A 213 11.09 12.51 -26.77
CA ARG A 213 12.17 11.65 -26.26
C ARG A 213 12.62 12.10 -24.88
N ASP A 214 12.81 13.40 -24.70
CA ASP A 214 13.36 13.90 -23.44
C ASP A 214 12.42 13.65 -22.27
N ARG A 215 11.10 13.70 -22.51
CA ARG A 215 10.14 13.46 -21.44
C ARG A 215 9.94 11.98 -21.17
N VAL A 216 10.04 11.15 -22.21
CA VAL A 216 9.90 9.72 -22.03
C VAL A 216 11.10 9.17 -21.28
N ASN A 217 12.29 9.69 -21.58
CA ASN A 217 13.48 9.24 -20.88
C ASN A 217 13.47 9.69 -19.42
N ASP A 218 13.12 10.95 -19.17
CA ASP A 218 13.27 11.52 -17.83
C ASP A 218 12.40 10.81 -16.81
N CYS A 219 11.15 10.49 -17.17
CA CYS A 219 10.27 9.78 -16.26
C CYS A 219 10.54 8.29 -16.24
N GLU A 220 11.38 7.79 -17.15
CA GLU A 220 11.85 6.39 -17.17
C GLU A 220 10.70 5.40 -17.31
N CYS A 221 9.63 5.79 -18.01
CA CYS A 221 8.53 4.88 -18.25
C CYS A 221 9.00 3.70 -19.10
N LYS A 222 8.30 2.57 -18.96
CA LYS A 222 8.52 1.40 -19.81
C LYS A 222 7.43 1.21 -20.86
N VAL A 223 6.38 2.02 -20.80
CA VAL A 223 5.16 1.85 -21.61
C VAL A 223 4.75 3.21 -22.14
N LEU A 224 4.37 3.27 -23.41
CA LEU A 224 3.88 4.49 -24.04
C LEU A 224 2.52 4.20 -24.68
N ILE A 225 1.57 5.11 -24.47
CA ILE A 225 0.26 5.05 -25.12
C ILE A 225 0.20 6.18 -26.15
N THR A 226 -0.17 5.83 -27.39
CA THR A 226 -0.17 6.83 -28.44
C THR A 226 -1.21 6.42 -29.50
N THR A 227 -1.19 7.10 -30.64
CA THR A 227 -2.11 6.87 -31.75
C THR A 227 -1.31 6.63 -33.02
N ASP A 228 -1.99 6.05 -34.02
CA ASP A 228 -1.37 5.95 -35.33
C ASP A 228 -1.17 7.34 -35.91
N GLU A 229 -2.21 8.16 -35.87
CA GLU A 229 -2.22 9.51 -36.39
C GLU A 229 -3.27 10.30 -35.63
N GLY A 230 -3.06 11.61 -35.50
CA GLY A 230 -4.09 12.52 -35.10
C GLY A 230 -4.67 13.29 -36.29
N ARG A 231 -5.81 13.94 -36.04
CA ARG A 231 -6.50 14.77 -37.02
C ARG A 231 -6.90 16.08 -36.35
N ARG A 232 -6.58 17.20 -37.00
CA ARG A 232 -6.86 18.52 -36.41
C ARG A 232 -6.84 19.58 -37.49
N GLY A 233 -7.92 20.37 -37.56
CA GLY A 233 -8.08 21.37 -38.60
C GLY A 233 -8.02 20.80 -39.99
N GLY A 234 -8.60 19.62 -40.19
CA GLY A 234 -8.53 18.90 -41.47
C GLY A 234 -7.15 18.40 -41.85
N LYS A 235 -6.20 18.38 -40.92
CA LYS A 235 -4.82 18.00 -41.20
C LYS A 235 -4.42 16.80 -40.37
N THR A 236 -3.52 15.99 -40.91
CA THR A 236 -3.03 14.79 -40.23
C THR A 236 -1.78 15.11 -39.40
N ILE A 237 -1.81 14.73 -38.13
CA ILE A 237 -0.63 14.72 -37.28
C ILE A 237 -0.05 13.30 -37.32
N ALA A 238 1.23 13.18 -37.68
CA ALA A 238 1.85 11.87 -37.87
C ALA A 238 2.47 11.33 -36.58
N THR A 239 1.62 11.11 -35.57
CA THR A 239 2.10 10.81 -34.22
C THR A 239 2.96 9.54 -34.18
N LYS A 240 2.57 8.50 -34.91
CA LYS A 240 3.34 7.26 -34.82
C LYS A 240 4.68 7.42 -35.49
N GLN A 241 4.72 8.14 -36.61
CA GLN A 241 5.99 8.44 -37.24
CA GLN A 241 5.98 8.49 -37.26
C GLN A 241 6.93 9.13 -36.26
N ILE A 242 6.46 10.18 -35.59
CA ILE A 242 7.27 10.89 -34.60
C ILE A 242 7.64 9.98 -33.43
N VAL A 243 6.69 9.19 -32.93
CA VAL A 243 6.98 8.23 -31.86
C VAL A 243 8.14 7.32 -32.23
N ASP A 244 8.09 6.73 -33.42
CA ASP A 244 9.17 5.82 -33.84
C ASP A 244 10.52 6.52 -33.82
N ALA A 245 10.55 7.78 -34.23
CA ALA A 245 11.81 8.49 -34.24
C ALA A 245 12.35 8.66 -32.82
N ALA A 246 11.49 9.15 -31.92
CA ALA A 246 11.91 9.37 -30.53
C ALA A 246 12.35 8.09 -29.86
N LEU A 247 11.55 7.02 -30.01
CA LEU A 247 11.82 5.79 -29.27
C LEU A 247 13.14 5.16 -29.66
N GLN A 248 13.72 5.58 -30.78
CA GLN A 248 15.07 5.14 -31.10
C GLN A 248 16.09 5.60 -30.08
N GLN A 249 15.80 6.68 -29.36
CA GLN A 249 16.67 7.17 -28.31
C GLN A 249 16.03 7.01 -26.93
N CYS A 250 15.12 6.05 -26.81
CA CYS A 250 14.40 5.77 -25.57
C CYS A 250 14.58 4.30 -25.20
N PRO A 251 15.72 3.93 -24.63
CA PRO A 251 16.02 2.50 -24.44
C PRO A 251 15.11 1.77 -23.46
N LEU A 252 14.35 2.46 -22.62
CA LEU A 252 13.60 1.75 -21.59
C LEU A 252 12.19 1.38 -22.00
N VAL A 253 11.68 1.86 -23.14
CA VAL A 253 10.28 1.62 -23.49
C VAL A 253 10.15 0.26 -24.15
N GLU A 254 9.40 -0.64 -23.52
CA GLU A 254 9.21 -1.99 -24.02
C GLU A 254 7.86 -2.20 -24.70
N ASN A 255 6.84 -1.44 -24.32
CA ASN A 255 5.49 -1.64 -24.83
C ASN A 255 4.91 -0.31 -25.30
N VAL A 256 4.31 -0.31 -26.49
CA VAL A 256 3.63 0.86 -27.04
C VAL A 256 2.21 0.44 -27.37
N LEU A 257 1.23 1.09 -26.75
CA LEU A 257 -0.18 0.85 -27.03
C LEU A 257 -0.67 1.89 -28.03
N VAL A 258 -1.11 1.43 -29.21
CA VAL A 258 -1.36 2.33 -30.35
C VAL A 258 -2.85 2.39 -30.62
N LEU A 259 -3.45 3.57 -30.39
CA LEU A 259 -4.86 3.80 -30.68
C LEU A 259 -5.07 4.00 -32.18
N ARG A 260 -6.05 3.28 -32.75
CA ARG A 260 -6.34 3.35 -34.17
C ARG A 260 -7.30 4.51 -34.46
N ARG A 261 -6.74 5.73 -34.41
CA ARG A 261 -7.55 6.93 -34.60
C ARG A 261 -7.95 7.12 -36.06
N THR A 262 -7.06 6.86 -37.01
CA THR A 262 -7.38 7.06 -38.42
C THR A 262 -7.37 5.78 -39.25
N GLY A 263 -6.68 4.74 -38.80
CA GLY A 263 -6.65 3.51 -39.56
C GLY A 263 -5.76 3.52 -40.78
N ASN A 264 -5.13 4.65 -41.12
CA ASN A 264 -4.16 4.69 -42.21
C ASN A 264 -2.90 3.92 -41.85
N LYS A 265 -2.18 3.47 -42.88
CA LYS A 265 -1.00 2.63 -42.66
C LYS A 265 0.09 3.42 -41.92
N VAL A 266 0.56 2.86 -40.83
CA VAL A 266 1.68 3.42 -40.06
C VAL A 266 2.61 2.30 -39.67
N PRO A 267 3.89 2.59 -39.45
CA PRO A 267 4.82 1.54 -39.04
C PRO A 267 4.46 0.98 -37.67
N MET A 268 4.53 -0.34 -37.54
CA MET A 268 4.34 -1.02 -36.28
C MET A 268 5.49 -1.98 -36.03
N THR A 269 6.09 -1.90 -34.84
CA THR A 269 7.25 -2.71 -34.50
C THR A 269 6.79 -3.98 -33.81
N GLU A 270 7.08 -5.12 -34.44
CA GLU A 270 6.68 -6.42 -33.92
C GLU A 270 7.17 -6.60 -32.49
N GLY A 271 6.25 -7.00 -31.62
CA GLY A 271 6.58 -7.18 -30.21
C GLY A 271 6.32 -5.91 -29.42
N ARG A 272 7.02 -4.84 -29.79
CA ARG A 272 6.93 -3.60 -29.03
C ARG A 272 5.55 -2.97 -29.14
N ASP A 273 5.01 -2.93 -30.36
CA ASP A 273 3.79 -2.18 -30.66
C ASP A 273 2.58 -3.10 -30.76
N LYS A 274 1.48 -2.69 -30.14
CA LYS A 274 0.23 -3.43 -30.20
C LYS A 274 -0.90 -2.45 -30.41
N TRP A 275 -1.92 -2.90 -31.13
CA TRP A 275 -3.11 -2.08 -31.36
C TRP A 275 -3.98 -2.01 -30.12
N TRP A 276 -4.41 -0.79 -29.80
CA TRP A 276 -5.30 -0.56 -28.67
C TRP A 276 -6.52 -1.49 -28.74
N ASP A 277 -7.22 -1.50 -29.87
CA ASP A 277 -8.48 -2.22 -29.96
C ASP A 277 -8.27 -3.72 -29.77
N GLU A 278 -7.16 -4.26 -30.32
CA GLU A 278 -6.93 -5.70 -30.25
C GLU A 278 -6.50 -6.13 -28.86
N GLU A 279 -5.71 -5.30 -28.17
CA GLU A 279 -5.34 -5.57 -26.79
C GLU A 279 -6.54 -5.50 -25.87
N CYS A 280 -7.35 -4.44 -26.02
CA CYS A 280 -8.51 -4.27 -25.15
C CYS A 280 -9.54 -5.37 -25.36
N ALA A 281 -9.65 -5.90 -26.57
CA ALA A 281 -10.66 -6.91 -26.84
C ALA A 281 -10.39 -8.21 -26.08
N LYS A 282 -9.14 -8.47 -25.70
CA LYS A 282 -8.81 -9.64 -24.92
C LYS A 282 -9.19 -9.50 -23.44
N MET A 283 -9.32 -8.21 -22.93
CA MET A 283 -9.43 -7.87 -21.52
C MET A 283 -10.89 -7.67 -21.10
N PRO A 284 -11.23 -8.03 -19.86
CA PRO A 284 -12.60 -7.76 -19.40
C PRO A 284 -12.79 -6.28 -19.16
N ALA A 285 -14.06 -5.86 -19.11
CA ALA A 285 -14.43 -4.46 -19.10
C ALA A 285 -14.62 -3.91 -17.70
N TYR A 286 -14.25 -4.66 -16.67
CA TYR A 286 -14.08 -4.13 -15.33
C TYR A 286 -12.69 -4.43 -14.81
N CYS A 287 -12.20 -3.57 -13.92
CA CYS A 287 -10.89 -3.67 -13.33
C CYS A 287 -11.02 -3.08 -11.93
N PRO A 288 -10.51 -3.75 -10.89
CA PRO A 288 -10.59 -3.15 -9.55
C PRO A 288 -9.76 -1.88 -9.45
N CYS A 289 -10.04 -1.08 -8.44
CA CYS A 289 -9.34 0.18 -8.22
C CYS A 289 -8.26 -0.02 -7.18
N GLU A 290 -7.06 0.46 -7.48
CA GLU A 290 -6.00 0.45 -6.48
C GLU A 290 -6.30 1.49 -5.41
N ARG A 291 -6.04 1.12 -4.15
CA ARG A 291 -6.27 2.00 -3.01
C ARG A 291 -5.02 2.87 -2.85
N MET A 292 -5.12 4.12 -3.27
CA MET A 292 -3.99 5.04 -3.29
C MET A 292 -4.01 5.91 -2.04
N ALA A 293 -2.84 6.09 -1.44
CA ALA A 293 -2.70 7.08 -0.39
C ALA A 293 -2.91 8.47 -0.98
N SER A 294 -3.46 9.38 -0.18
CA SER A 294 -3.64 10.78 -0.59
C SER A 294 -2.41 11.33 -1.32
N GLU A 295 -1.23 11.01 -0.80
CA GLU A 295 0.01 11.59 -1.28
C GLU A 295 0.77 10.73 -2.26
N ASP A 296 0.23 9.58 -2.66
CA ASP A 296 0.83 8.88 -3.78
C ASP A 296 0.78 9.78 -5.00
N PRO A 297 1.80 9.75 -5.84
CA PRO A 297 1.78 10.63 -7.02
C PRO A 297 0.67 10.21 -7.96
N LEU A 298 -0.02 11.21 -8.50
CA LEU A 298 -1.03 10.92 -9.51
C LEU A 298 -0.48 11.03 -10.92
N PHE A 299 0.34 12.05 -11.18
CA PHE A 299 0.90 12.21 -12.52
C PHE A 299 2.12 13.14 -12.48
N ILE A 300 2.96 12.98 -13.48
CA ILE A 300 4.01 13.91 -13.83
C ILE A 300 3.55 14.68 -15.06
N LEU A 301 3.79 15.99 -15.09
CA LEU A 301 3.50 16.81 -16.26
C LEU A 301 4.68 17.74 -16.49
N TYR A 302 5.38 17.52 -17.60
CA TYR A 302 6.57 18.33 -17.90
C TYR A 302 6.18 19.72 -18.34
N THR A 303 6.91 20.71 -17.85
CA THR A 303 6.75 22.04 -18.39
C THR A 303 7.26 22.08 -19.83
N SER A 304 6.98 23.18 -20.52
CA SER A 304 7.47 23.39 -21.89
C SER A 304 8.24 24.70 -21.99
N GLY A 308 15.87 26.21 -19.03
CA GLY A 308 16.65 25.00 -18.89
C GLY A 308 16.00 23.80 -19.56
N LYS A 309 16.24 22.60 -19.01
CA LYS A 309 15.65 21.36 -19.48
C LYS A 309 14.27 21.15 -18.85
N PRO A 310 13.43 20.29 -19.44
CA PRO A 310 12.04 20.15 -18.96
C PRO A 310 11.98 19.55 -17.56
N LYS A 311 11.11 20.13 -16.74
CA LYS A 311 10.93 19.67 -15.36
C LYS A 311 9.58 18.99 -15.20
N GLY A 312 9.60 17.80 -14.60
CA GLY A 312 8.40 17.05 -14.34
C GLY A 312 7.70 17.50 -13.08
N VAL A 313 6.70 18.38 -13.22
CA VAL A 313 5.92 18.81 -12.06
C VAL A 313 5.09 17.63 -11.59
N VAL A 314 5.22 17.28 -10.30
CA VAL A 314 4.59 16.08 -9.75
C VAL A 314 3.40 16.51 -8.91
N HIS A 315 2.23 15.95 -9.22
CA HIS A 315 1.04 16.16 -8.40
C HIS A 315 0.63 14.87 -7.71
N SER A 316 0.16 14.99 -6.47
CA SER A 316 -0.32 13.83 -5.73
C SER A 316 -1.82 13.67 -5.99
N THR A 317 -2.50 12.88 -5.18
CA THR A 317 -3.82 12.44 -5.57
C THR A 317 -4.91 13.30 -4.91
N ALA A 318 -5.10 13.16 -3.60
CA ALA A 318 -6.28 13.73 -2.94
C ALA A 318 -6.33 15.24 -3.12
N GLY A 319 -5.25 15.94 -2.72
CA GLY A 319 -5.25 17.39 -2.75
C GLY A 319 -5.41 17.96 -4.15
N TYR A 320 -4.75 17.36 -5.14
CA TYR A 320 -4.95 17.78 -6.52
C TYR A 320 -6.39 17.55 -6.96
N LEU A 321 -6.90 16.34 -6.75
CA LEU A 321 -8.26 16.03 -7.18
C LEU A 321 -9.27 16.97 -6.53
N LEU A 322 -9.06 17.28 -5.25
CA LEU A 322 -9.97 18.16 -4.53
C LEU A 322 -9.91 19.60 -5.06
N GLY A 323 -8.70 20.12 -5.29
CA GLY A 323 -8.56 21.46 -5.85
C GLY A 323 -9.27 21.63 -7.18
N THR A 324 -9.11 20.66 -8.08
CA THR A 324 -9.75 20.79 -9.40
C THR A 324 -11.27 20.67 -9.29
N ALA A 325 -11.76 19.75 -8.45
CA ALA A 325 -13.20 19.58 -8.29
C ALA A 325 -13.83 20.84 -7.70
N LEU A 326 -13.21 21.40 -6.65
CA LEU A 326 -13.70 22.63 -6.03
C LEU A 326 -13.60 23.81 -6.98
N THR A 327 -12.47 23.97 -7.66
CA THR A 327 -12.34 25.10 -8.57
C THR A 327 -13.36 25.00 -9.70
N LEU A 328 -13.51 23.81 -10.28
CA LEU A 328 -14.51 23.66 -11.34
C LEU A 328 -15.89 24.00 -10.83
N LYS A 329 -16.19 23.62 -9.59
CA LYS A 329 -17.52 23.87 -9.03
C LYS A 329 -17.75 25.35 -8.73
N TYR A 330 -16.79 26.02 -8.11
CA TYR A 330 -17.03 27.40 -7.66
C TYR A 330 -16.60 28.45 -8.67
N VAL A 331 -15.46 28.26 -9.34
CA VAL A 331 -15.00 29.27 -10.29
C VAL A 331 -15.88 29.33 -11.54
N PHE A 332 -16.42 28.18 -11.97
CA PHE A 332 -17.32 28.14 -13.13
C PHE A 332 -18.79 27.94 -12.76
N ASP A 333 -19.13 27.96 -11.47
CA ASP A 333 -20.47 27.65 -10.97
C ASP A 333 -21.07 26.46 -11.71
N ALA A 334 -20.36 25.32 -11.62
CA ALA A 334 -20.85 24.07 -12.19
C ALA A 334 -21.95 23.48 -11.32
N HIS A 335 -23.05 23.06 -11.96
CA HIS A 335 -24.17 22.37 -11.33
C HIS A 335 -24.32 20.97 -11.93
N PRO A 336 -25.09 20.07 -11.32
CA PRO A 336 -24.97 18.65 -11.63
C PRO A 336 -25.31 18.25 -13.06
N ASP A 337 -26.04 19.05 -13.82
CA ASP A 337 -26.33 18.69 -15.21
C ASP A 337 -25.63 19.59 -16.21
N ASP A 338 -24.62 20.35 -15.80
CA ASP A 338 -24.01 21.30 -16.71
C ASP A 338 -23.22 20.56 -17.79
N ARG A 339 -22.86 21.30 -18.83
CA ARG A 339 -22.10 20.76 -19.96
C ARG A 339 -20.92 21.70 -20.17
N PHE A 340 -19.79 21.30 -19.60
CA PHE A 340 -18.60 22.12 -19.53
C PHE A 340 -17.76 21.93 -20.78
N ALA A 341 -17.40 23.04 -21.42
CA ALA A 341 -16.64 23.03 -22.67
C ALA A 341 -15.32 23.76 -22.45
N CYS A 342 -14.27 23.03 -22.11
CA CYS A 342 -12.93 23.59 -22.03
C CYS A 342 -12.20 23.27 -23.32
N MET A 343 -11.80 24.31 -24.05
CA MET A 343 -11.22 24.15 -25.38
C MET A 343 -9.70 24.12 -25.35
N ALA A 344 -9.12 23.53 -24.31
CA ALA A 344 -7.68 23.38 -24.17
C ALA A 344 -7.26 22.01 -24.69
N ASP A 345 -6.08 21.54 -24.30
CA ASP A 345 -5.56 20.26 -24.76
C ASP A 345 -5.15 19.46 -23.53
N ILE A 346 -5.38 18.14 -23.56
CA ILE A 346 -5.06 17.32 -22.39
C ILE A 346 -3.55 17.24 -22.15
N GLY A 347 -2.73 17.61 -23.13
CA GLY A 347 -1.29 17.66 -22.92
C GLY A 347 -0.83 18.79 -22.00
N TRP A 348 -1.70 19.72 -21.65
CA TRP A 348 -1.33 20.80 -20.73
C TRP A 348 -2.16 20.70 -19.45
N ILE A 349 -1.72 21.43 -18.43
CA ILE A 349 -2.37 21.33 -17.13
C ILE A 349 -3.84 21.74 -17.21
N THR A 350 -4.18 22.64 -18.14
CA THR A 350 -5.58 23.03 -18.32
C THR A 350 -6.43 21.81 -18.70
N GLY A 351 -5.91 20.94 -19.56
CA GLY A 351 -6.67 19.76 -19.93
C GLY A 351 -6.77 18.75 -18.79
N HIS A 352 -5.65 18.50 -18.10
CA HIS A 352 -5.66 17.66 -16.90
C HIS A 352 -6.76 18.09 -15.94
N SER A 353 -6.86 19.39 -15.71
CA SER A 353 -7.64 19.88 -14.60
C SER A 353 -9.05 20.27 -14.99
N TYR A 354 -9.26 20.80 -16.19
CA TYR A 354 -10.58 21.35 -16.52
C TYR A 354 -11.18 20.73 -17.77
N ILE A 355 -10.59 19.65 -18.30
CA ILE A 355 -11.26 18.75 -19.21
C ILE A 355 -11.54 17.41 -18.54
N ILE A 356 -10.54 16.85 -17.86
CA ILE A 356 -10.66 15.50 -17.31
C ILE A 356 -10.99 15.50 -15.82
N TYR A 357 -10.06 15.95 -14.96
CA TYR A 357 -10.18 15.62 -13.54
C TYR A 357 -11.28 16.42 -12.86
N GLY A 358 -11.25 17.75 -13.00
CA GLY A 358 -12.25 18.61 -12.41
C GLY A 358 -13.69 18.21 -12.75
N PRO A 359 -14.02 18.18 -14.04
CA PRO A 359 -15.44 17.95 -14.38
C PRO A 359 -15.90 16.51 -14.16
N LEU A 360 -15.03 15.52 -14.40
CA LEU A 360 -15.44 14.13 -14.14
C LEU A 360 -15.56 13.87 -12.65
N ALA A 361 -14.65 14.41 -11.83
CA ALA A 361 -14.83 14.32 -10.38
C ALA A 361 -16.22 14.81 -9.97
N ASN A 362 -16.67 15.92 -10.55
CA ASN A 362 -17.98 16.49 -10.27
C ASN A 362 -19.13 15.75 -10.94
N GLY A 363 -18.85 14.75 -11.77
CA GLY A 363 -19.91 13.95 -12.35
C GLY A 363 -20.73 14.65 -13.42
N ILE A 364 -20.21 15.70 -14.03
CA ILE A 364 -20.96 16.38 -15.10
C ILE A 364 -20.44 15.90 -16.46
N THR A 365 -20.85 16.60 -17.52
CA THR A 365 -20.43 16.31 -18.89
C THR A 365 -19.35 17.30 -19.28
N THR A 366 -18.31 16.80 -19.95
CA THR A 366 -17.18 17.63 -20.33
C THR A 366 -16.88 17.41 -21.81
N ALA A 367 -16.35 18.44 -22.46
CA ALA A 367 -16.13 18.41 -23.90
C ALA A 367 -14.68 18.02 -24.19
N VAL A 368 -14.49 17.07 -25.11
CA VAL A 368 -13.18 16.81 -25.69
C VAL A 368 -13.27 17.29 -27.13
N PHE A 369 -12.64 18.44 -27.40
CA PHE A 369 -12.79 19.17 -28.65
C PHE A 369 -11.54 18.96 -29.49
N GLU A 370 -11.69 18.29 -30.64
CA GLU A 370 -10.54 17.80 -31.39
C GLU A 370 -10.05 18.77 -32.47
N SER A 371 -10.90 19.72 -32.87
CA SER A 371 -10.62 20.58 -34.01
C SER A 371 -9.92 21.87 -33.56
N THR A 372 -9.85 22.85 -34.46
CA THR A 372 -9.39 24.22 -34.27
C THR A 372 -10.59 25.17 -34.21
N PRO A 373 -10.39 26.40 -33.71
CA PRO A 373 -11.51 27.34 -33.66
C PRO A 373 -12.03 27.77 -35.01
N VAL A 374 -11.30 27.53 -36.10
CA VAL A 374 -11.74 28.01 -37.40
C VAL A 374 -11.89 26.87 -38.41
N TYR A 375 -11.93 25.62 -37.95
CA TYR A 375 -12.18 24.50 -38.86
C TYR A 375 -13.55 23.89 -38.61
N PRO A 376 -14.39 23.69 -39.65
CA PRO A 376 -14.18 24.14 -41.04
C PRO A 376 -14.24 25.66 -41.25
N THR A 377 -14.99 26.36 -40.41
CA THR A 377 -15.18 27.79 -40.52
C THR A 377 -15.03 28.41 -39.13
N PRO A 378 -14.86 29.74 -39.05
CA PRO A 378 -14.73 30.38 -37.73
C PRO A 378 -15.99 30.28 -36.88
N SER A 379 -17.04 29.67 -37.42
CA SER A 379 -18.26 29.47 -36.65
C SER A 379 -18.21 28.22 -35.77
N ARG A 380 -17.05 27.55 -35.70
CA ARG A 380 -17.01 26.19 -35.14
C ARG A 380 -17.35 26.18 -33.64
N TYR A 381 -16.71 27.05 -32.84
CA TYR A 381 -17.04 27.16 -31.42
C TYR A 381 -18.53 27.36 -31.21
N TRP A 382 -19.15 28.20 -32.02
CA TRP A 382 -20.50 28.65 -31.69
C TRP A 382 -21.54 27.66 -32.16
N ASP A 383 -21.30 27.01 -33.30
CA ASP A 383 -22.08 25.84 -33.65
C ASP A 383 -22.03 24.79 -32.55
N PHE A 384 -20.81 24.49 -32.07
CA PHE A 384 -20.65 23.57 -30.95
C PHE A 384 -21.51 23.97 -29.75
N VAL A 385 -21.44 25.23 -29.33
CA VAL A 385 -22.16 25.68 -28.14
C VAL A 385 -23.66 25.52 -28.33
N ASP A 386 -24.16 25.81 -29.53
CA ASP A 386 -25.59 25.68 -29.75
C ASP A 386 -26.02 24.23 -29.98
N LYS A 387 -25.12 23.38 -30.49
CA LYS A 387 -25.48 21.98 -30.71
C LYS A 387 -25.60 21.21 -29.39
N TRP A 388 -24.68 21.45 -28.45
CA TRP A 388 -24.65 20.70 -27.20
C TRP A 388 -25.26 21.48 -26.04
N LYS A 389 -25.63 22.75 -26.27
CA LYS A 389 -26.12 23.62 -25.21
C LYS A 389 -25.10 23.70 -24.07
N ALA A 390 -23.86 24.05 -24.44
CA ALA A 390 -22.79 24.23 -23.46
C ALA A 390 -23.18 25.30 -22.45
N THR A 391 -22.99 25.00 -21.18
CA THR A 391 -23.31 25.93 -20.12
C THR A 391 -22.12 26.79 -19.69
N GLN A 392 -20.89 26.33 -19.95
CA GLN A 392 -19.69 27.11 -19.69
C GLN A 392 -18.69 26.84 -20.80
N LEU A 393 -17.86 27.83 -21.07
CA LEU A 393 -16.81 27.73 -22.06
C LEU A 393 -15.52 28.29 -21.46
N TYR A 394 -14.42 27.58 -21.68
CA TYR A 394 -13.13 27.91 -21.12
C TYR A 394 -12.14 27.86 -22.26
N THR A 395 -11.66 29.02 -22.71
CA THR A 395 -10.79 29.08 -23.88
C THR A 395 -9.66 30.07 -23.62
N ALA A 396 -8.77 30.21 -24.62
CA ALA A 396 -7.55 31.01 -24.57
C ALA A 396 -7.72 32.34 -25.30
N PRO A 397 -7.09 33.39 -24.79
CA PRO A 397 -7.19 34.69 -25.48
C PRO A 397 -6.72 34.63 -26.92
N THR A 398 -5.78 33.74 -27.26
CA THR A 398 -5.34 33.62 -28.65
C THR A 398 -6.49 33.16 -29.55
N ALA A 399 -7.32 32.24 -29.07
CA ALA A 399 -8.44 31.82 -29.90
C ALA A 399 -9.45 32.94 -30.04
N ILE A 400 -9.70 33.68 -28.95
CA ILE A 400 -10.60 34.82 -29.01
C ILE A 400 -10.07 35.88 -29.97
N ARG A 401 -8.76 36.16 -29.94
CA ARG A 401 -8.20 37.12 -30.89
C ARG A 401 -8.37 36.66 -32.32
N LEU A 402 -8.21 35.36 -32.58
CA LEU A 402 -8.34 34.83 -33.93
C LEU A 402 -9.77 34.92 -34.44
N LEU A 403 -10.73 34.63 -33.56
CA LEU A 403 -12.14 34.71 -33.96
C LEU A 403 -12.57 36.16 -34.15
N ARG A 404 -12.05 37.07 -33.33
CA ARG A 404 -12.30 38.49 -33.57
C ARG A 404 -11.79 38.90 -34.94
N ARG A 405 -10.57 38.48 -35.26
CA ARG A 405 -9.98 38.74 -36.57
C ARG A 405 -10.86 38.22 -37.71
N MET A 406 -11.61 37.13 -37.48
CA MET A 406 -12.43 36.53 -38.52
C MET A 406 -13.79 37.21 -38.69
N GLY A 407 -14.25 38.01 -37.74
CA GLY A 407 -15.39 38.86 -37.95
C GLY A 407 -16.63 38.41 -37.21
N GLU A 408 -17.60 39.32 -37.16
CA GLU A 408 -18.81 39.15 -36.36
C GLU A 408 -19.84 38.22 -36.99
N ASP A 409 -19.80 38.03 -38.32
CA ASP A 409 -20.82 37.22 -38.95
C ASP A 409 -20.82 35.79 -38.43
N HIS A 410 -19.65 35.25 -38.08
CA HIS A 410 -19.63 33.86 -37.65
C HIS A 410 -20.21 33.66 -36.26
N VAL A 411 -20.58 34.73 -35.55
CA VAL A 411 -20.99 34.55 -34.16
C VAL A 411 -22.29 35.28 -33.82
N LYS A 412 -22.56 36.42 -34.46
CA LYS A 412 -23.62 37.29 -33.92
C LYS A 412 -25.03 36.71 -34.08
N ASN A 413 -25.28 35.85 -35.06
CA ASN A 413 -26.60 35.27 -35.22
C ASN A 413 -26.74 33.90 -34.57
N HIS A 414 -25.78 33.48 -33.75
CA HIS A 414 -25.99 32.27 -32.97
C HIS A 414 -26.88 32.58 -31.75
N ASP A 415 -27.31 31.52 -31.06
CA ASP A 415 -28.17 31.67 -29.89
C ASP A 415 -27.30 31.91 -28.65
N LEU A 416 -26.50 30.90 -28.27
CA LEU A 416 -25.49 30.94 -27.21
C LEU A 416 -26.06 31.12 -25.80
N SER A 417 -27.38 31.20 -25.63
CA SER A 417 -27.93 31.54 -24.32
C SER A 417 -27.79 30.41 -23.30
N SER A 418 -27.48 29.19 -23.73
CA SER A 418 -27.15 28.15 -22.76
C SER A 418 -25.93 28.51 -21.92
N LEU A 419 -25.06 29.37 -22.43
CA LEU A 419 -23.87 29.77 -21.70
C LEU A 419 -24.21 30.68 -20.53
N ARG A 420 -23.59 30.42 -19.38
CA ARG A 420 -23.66 31.30 -18.21
C ARG A 420 -22.32 31.92 -17.86
N VAL A 421 -21.22 31.21 -18.10
CA VAL A 421 -19.89 31.64 -17.69
C VAL A 421 -18.95 31.44 -18.86
N LEU A 422 -18.16 32.48 -19.17
CA LEU A 422 -17.10 32.40 -20.17
C LEU A 422 -15.76 32.63 -19.48
N GLY A 423 -14.87 31.64 -19.53
CA GLY A 423 -13.60 31.69 -18.84
C GLY A 423 -12.45 31.90 -19.79
N SER A 424 -11.35 32.46 -19.26
CA SER A 424 -10.15 32.77 -20.03
C SER A 424 -8.92 32.18 -19.34
N VAL A 425 -8.00 31.61 -20.12
CA VAL A 425 -6.85 30.89 -19.59
C VAL A 425 -5.68 30.99 -20.57
N GLY A 426 -4.48 31.23 -20.02
CA GLY A 426 -3.28 31.47 -20.79
C GLY A 426 -2.58 32.75 -20.37
N GLU A 427 -2.24 33.60 -21.33
CA GLU A 427 -1.66 34.88 -20.98
C GLU A 427 -2.76 35.79 -20.40
N PRO A 428 -2.39 36.78 -19.59
CA PRO A 428 -3.38 37.80 -19.20
C PRO A 428 -4.02 38.41 -20.43
N ILE A 429 -5.31 38.60 -20.37
CA ILE A 429 -6.09 38.98 -21.56
C ILE A 429 -6.11 40.51 -21.66
N ASN A 430 -6.17 40.99 -22.87
CA ASN A 430 -6.34 42.40 -23.12
C ASN A 430 -7.82 42.75 -23.16
N PRO A 431 -8.18 44.00 -22.84
CA PRO A 431 -9.61 44.38 -22.85
C PRO A 431 -10.30 44.17 -24.20
N GLU A 432 -9.57 44.29 -25.31
CA GLU A 432 -10.24 44.20 -26.60
C GLU A 432 -10.75 42.78 -26.86
N ALA A 433 -9.95 41.77 -26.50
CA ALA A 433 -10.43 40.40 -26.57
C ALA A 433 -11.50 40.15 -25.51
N TRP A 434 -11.33 40.73 -24.32
CA TRP A 434 -12.30 40.57 -23.25
C TRP A 434 -13.67 41.10 -23.67
N HIS A 435 -13.71 42.31 -24.25
CA HIS A 435 -14.98 42.88 -24.70
C HIS A 435 -15.58 42.07 -25.84
N TRP A 436 -14.77 41.62 -26.80
CA TRP A 436 -15.29 40.77 -27.88
C TRP A 436 -15.91 39.50 -27.30
N TYR A 437 -15.20 38.86 -26.38
CA TYR A 437 -15.72 37.70 -25.66
C TYR A 437 -17.04 38.05 -24.98
N ASN A 438 -17.05 39.14 -24.21
CA ASN A 438 -18.22 39.52 -23.42
C ASN A 438 -19.39 39.89 -24.32
N ASP A 439 -19.12 40.63 -25.39
CA ASP A 439 -20.17 41.11 -26.28
C ASP A 439 -20.75 39.99 -27.14
N PHE A 440 -19.89 39.18 -27.76
CA PHE A 440 -20.37 38.29 -28.81
C PHE A 440 -20.61 36.87 -28.34
N ALA A 441 -19.66 36.28 -27.61
CA ALA A 441 -19.91 34.96 -27.05
C ALA A 441 -20.92 35.03 -25.91
N GLY A 442 -20.88 36.10 -25.11
CA GLY A 442 -21.70 36.20 -23.94
C GLY A 442 -22.98 36.99 -24.15
N LYS A 443 -23.00 37.78 -25.23
CA LYS A 443 -24.08 38.72 -25.50
C LYS A 443 -24.38 39.59 -24.28
N ASN A 444 -23.32 39.91 -23.54
CA ASN A 444 -23.39 40.75 -22.33
C ASN A 444 -24.23 40.12 -21.24
N GLN A 445 -24.40 38.79 -21.28
CA GLN A 445 -25.22 38.10 -20.29
C GLN A 445 -24.46 37.03 -19.52
N CYS A 446 -23.17 36.85 -19.79
CA CYS A 446 -22.36 35.89 -19.06
C CYS A 446 -21.38 36.64 -18.17
N ALA A 447 -21.02 36.00 -17.06
CA ALA A 447 -19.86 36.42 -16.29
C ALA A 447 -18.59 35.98 -17.02
N ILE A 448 -17.63 36.90 -17.13
CA ILE A 448 -16.32 36.63 -17.72
C ILE A 448 -15.34 36.30 -16.59
N VAL A 449 -14.79 35.11 -16.59
CA VAL A 449 -13.95 34.64 -15.49
C VAL A 449 -12.52 34.58 -15.99
N ASP A 450 -11.75 35.61 -15.61
CA ASP A 450 -10.29 35.62 -15.76
C ASP A 450 -9.68 34.65 -14.77
N THR A 451 -8.78 33.79 -15.23
CA THR A 451 -8.16 32.83 -14.31
C THR A 451 -6.64 32.94 -14.35
N TYR A 452 -6.02 32.85 -13.19
CA TYR A 452 -4.56 32.82 -13.07
C TYR A 452 -4.17 31.56 -12.31
N TRP A 453 -3.21 30.81 -12.87
CA TRP A 453 -2.61 29.64 -12.22
C TRP A 453 -1.49 29.08 -13.09
N MET A 454 -0.89 27.97 -12.67
CA MET A 454 0.15 27.32 -13.46
C MET A 454 0.13 25.83 -13.16
N THR A 455 0.92 25.08 -13.94
CA THR A 455 1.07 23.66 -13.70
C THR A 455 1.37 23.37 -12.23
N GLU A 456 2.19 24.22 -11.60
CA GLU A 456 2.63 23.96 -10.24
C GLU A 456 1.56 24.22 -9.18
N THR A 457 0.54 25.01 -9.48
CA THR A 457 -0.54 25.20 -8.52
C THR A 457 -1.64 24.16 -8.63
N GLY A 458 -1.64 23.39 -9.73
CA GLY A 458 -2.58 22.30 -9.92
C GLY A 458 -4.00 22.72 -10.30
N SER A 459 -4.44 23.86 -9.77
CA SER A 459 -5.78 24.38 -10.05
C SER A 459 -5.75 25.90 -9.97
N ILE A 460 -6.89 26.51 -10.31
CA ILE A 460 -6.99 27.98 -10.46
C ILE A 460 -6.69 28.68 -9.14
N SER A 461 -5.80 29.67 -9.18
CA SER A 461 -5.32 30.35 -7.98
C SER A 461 -6.08 31.63 -7.68
N ILE A 462 -6.28 32.47 -8.71
CA ILE A 462 -6.94 33.75 -8.59
C ILE A 462 -7.96 33.85 -9.71
N ALA A 463 -9.19 34.16 -9.38
CA ALA A 463 -10.28 34.24 -10.35
C ALA A 463 -11.51 34.77 -9.65
N PRO A 464 -12.37 35.50 -10.35
CA PRO A 464 -13.67 35.88 -9.76
C PRO A 464 -14.58 34.67 -9.64
N LEU A 465 -15.36 34.65 -8.57
CA LEU A 465 -16.46 33.72 -8.48
C LEU A 465 -17.63 34.33 -9.23
N PRO A 466 -18.11 33.72 -10.31
CA PRO A 466 -18.98 34.45 -11.25
C PRO A 466 -20.28 34.95 -10.65
N GLY A 467 -20.75 34.34 -9.57
CA GLY A 467 -21.96 34.80 -8.93
C GLY A 467 -21.79 35.88 -7.88
N ALA A 468 -20.55 36.27 -7.54
CA ALA A 468 -20.30 37.18 -6.43
C ALA A 468 -19.41 38.38 -6.79
N ILE A 469 -18.41 38.21 -7.66
CA ILE A 469 -17.40 39.23 -7.89
C ILE A 469 -17.71 40.02 -9.15
N SER A 470 -17.72 41.35 -9.02
CA SER A 470 -17.79 42.21 -10.19
C SER A 470 -16.42 42.24 -10.88
N THR A 471 -16.43 42.14 -12.21
CA THR A 471 -15.20 41.98 -12.97
C THR A 471 -14.68 43.29 -13.55
N LYS A 472 -13.39 43.28 -13.90
CA LYS A 472 -12.68 44.33 -14.61
C LYS A 472 -11.92 43.66 -15.74
N PRO A 473 -12.03 44.15 -16.97
CA PRO A 473 -11.33 43.51 -18.10
C PRO A 473 -9.82 43.39 -17.85
N GLY A 474 -9.34 42.14 -17.87
CA GLY A 474 -7.92 41.87 -17.67
C GLY A 474 -7.50 41.51 -16.26
N SER A 475 -8.42 41.50 -15.30
CA SER A 475 -8.07 41.35 -13.89
C SER A 475 -8.52 39.99 -13.39
N ALA A 476 -7.61 39.28 -12.73
CA ALA A 476 -7.96 38.01 -12.12
C ALA A 476 -8.79 38.17 -10.84
N THR A 477 -8.90 39.38 -10.30
CA THR A 477 -9.66 39.75 -9.09
C THR A 477 -9.03 39.18 -7.81
N PHE A 478 -9.61 38.15 -7.22
CA PHE A 478 -9.34 37.75 -5.85
C PHE A 478 -8.95 36.27 -5.74
N PRO A 479 -8.16 35.91 -4.75
CA PRO A 479 -7.66 34.53 -4.66
C PRO A 479 -8.78 33.52 -4.40
N PHE A 480 -8.55 32.29 -4.88
CA PHE A 480 -9.48 31.21 -4.64
C PHE A 480 -9.32 30.66 -3.22
N PHE A 481 -10.36 29.97 -2.74
CA PHE A 481 -10.34 29.26 -1.47
C PHE A 481 -9.00 28.57 -1.23
N GLY A 482 -8.44 28.78 -0.04
CA GLY A 482 -7.14 28.22 0.30
C GLY A 482 -5.94 29.01 -0.16
N MET A 483 -6.14 30.06 -0.96
CA MET A 483 -5.04 30.85 -1.50
C MET A 483 -4.91 32.16 -0.72
N ASP A 484 -3.75 32.32 -0.10
CA ASP A 484 -3.39 33.51 0.65
C ASP A 484 -2.20 34.11 -0.08
N VAL A 485 -2.45 35.07 -0.96
CA VAL A 485 -1.40 35.64 -1.78
C VAL A 485 -1.12 37.07 -1.33
N ASP A 486 0.12 37.52 -1.57
CA ASP A 486 0.59 38.83 -1.20
C ASP A 486 1.50 39.33 -2.30
N ILE A 487 2.00 40.55 -2.15
CA ILE A 487 2.87 41.18 -3.13
C ILE A 487 4.15 41.60 -2.42
N ILE A 488 5.29 41.26 -3.01
CA ILE A 488 6.58 41.54 -2.42
C ILE A 488 7.35 42.50 -3.32
N ASP A 489 7.99 43.49 -2.70
CA ASP A 489 8.95 44.32 -3.40
C ASP A 489 10.19 43.49 -3.67
N PRO A 490 10.52 43.17 -4.93
CA PRO A 490 11.72 42.35 -5.18
C PRO A 490 13.00 43.07 -4.84
N GLN A 491 13.01 44.40 -4.85
CA GLN A 491 14.22 45.15 -4.52
C GLN A 491 14.48 45.20 -3.02
N THR A 492 13.47 44.90 -2.18
CA THR A 492 13.64 44.88 -0.73
C THR A 492 13.37 43.53 -0.08
N GLY A 493 12.64 42.62 -0.75
CA GLY A 493 12.24 41.37 -0.16
C GLY A 493 11.04 41.44 0.77
N GLN A 494 10.47 42.62 0.99
CA GLN A 494 9.45 42.82 2.00
C GLN A 494 8.05 42.87 1.39
N VAL A 495 7.09 42.35 2.15
CA VAL A 495 5.69 42.39 1.73
C VAL A 495 5.24 43.84 1.64
N LEU A 496 4.46 44.16 0.59
CA LEU A 496 3.88 45.48 0.43
C LEU A 496 2.45 45.44 0.92
N GLU A 497 2.11 46.35 1.82
CA GLU A 497 0.80 46.39 2.43
C GLU A 497 0.01 47.54 1.82
N GLY A 498 -1.28 47.31 1.61
CA GLY A 498 -2.13 48.32 1.02
C GLY A 498 -2.50 48.01 -0.41
N ASN A 499 -3.37 48.86 -0.94
CA ASN A 499 -3.84 48.76 -2.31
C ASN A 499 -3.16 49.83 -3.17
N ASP A 500 -3.10 49.57 -4.48
CA ASP A 500 -2.26 50.33 -5.42
C ASP A 500 -0.77 50.06 -5.12
N VAL A 501 -0.40 48.78 -5.09
CA VAL A 501 0.99 48.36 -4.93
C VAL A 501 1.34 47.43 -6.06
N GLU A 502 2.64 47.29 -6.31
CA GLU A 502 3.12 46.45 -7.40
C GLU A 502 4.45 45.84 -7.03
N GLY A 503 4.63 44.57 -7.42
CA GLY A 503 5.83 43.80 -7.16
C GLY A 503 5.76 42.40 -7.74
N VAL A 504 6.17 41.40 -6.97
CA VAL A 504 6.12 40.00 -7.39
C VAL A 504 5.14 39.24 -6.51
N LEU A 505 4.41 38.31 -7.13
CA LEU A 505 3.34 37.57 -6.47
C LEU A 505 3.90 36.36 -5.72
N VAL A 506 3.44 36.17 -4.48
CA VAL A 506 3.84 35.06 -3.63
C VAL A 506 2.62 34.55 -2.89
N ALA A 507 2.69 33.29 -2.47
CA ALA A 507 1.65 32.66 -1.66
C ALA A 507 2.20 32.38 -0.27
N ARG A 508 1.41 32.72 0.76
CA ARG A 508 1.89 32.64 2.14
C ARG A 508 1.86 31.23 2.72
N ARG A 509 1.08 30.31 2.17
CA ARG A 509 0.91 28.99 2.79
C ARG A 509 0.61 27.96 1.71
N PRO A 510 0.92 26.70 1.95
CA PRO A 510 0.52 25.66 0.99
C PRO A 510 -1.00 25.56 0.83
N TRP A 511 -1.40 25.03 -0.31
CA TRP A 511 -2.80 24.76 -0.62
C TRP A 511 -2.89 23.32 -1.09
N PRO A 512 -4.08 22.72 -1.07
CA PRO A 512 -4.17 21.26 -1.28
C PRO A 512 -3.65 20.75 -2.61
N SER A 513 -3.73 21.52 -3.69
CA SER A 513 -3.32 21.04 -5.01
C SER A 513 -1.93 21.50 -5.42
N ILE A 514 -1.13 22.06 -4.52
CA ILE A 514 0.22 22.48 -4.89
C ILE A 514 1.04 21.26 -5.31
N ALA A 515 1.89 21.45 -6.31
CA ALA A 515 2.81 20.40 -6.72
C ALA A 515 3.76 20.05 -5.58
N ARG A 516 4.09 18.77 -5.46
CA ARG A 516 4.83 18.30 -4.30
C ARG A 516 6.33 18.20 -4.55
N THR A 517 6.74 18.11 -5.80
CA THR A 517 8.17 17.99 -6.14
C THR A 517 8.30 18.13 -7.66
N VAL A 518 9.55 18.13 -8.11
CA VAL A 518 9.90 17.96 -9.51
C VAL A 518 10.56 16.60 -9.61
N TYR A 519 10.07 15.76 -10.54
CA TYR A 519 10.41 14.36 -10.57
C TYR A 519 11.92 14.12 -10.50
N ARG A 520 12.35 13.47 -9.42
CA ARG A 520 13.76 13.12 -9.15
C ARG A 520 14.67 14.35 -9.07
N ASP A 521 14.14 15.53 -8.80
CA ASP A 521 14.95 16.75 -8.79
C ASP A 521 14.32 17.72 -7.79
N HIS A 522 14.23 17.27 -6.55
CA HIS A 522 13.57 18.06 -5.52
C HIS A 522 14.37 19.32 -5.22
N LYS A 523 15.68 19.26 -5.37
CA LYS A 523 16.49 20.47 -5.21
C LYS A 523 16.04 21.54 -6.19
N ARG A 524 15.70 21.15 -7.43
CA ARG A 524 15.25 22.14 -8.40
C ARG A 524 13.91 22.71 -8.00
N TYR A 525 13.05 21.88 -7.42
CA TYR A 525 11.76 22.33 -6.90
C TYR A 525 11.95 23.37 -5.82
N LEU A 526 12.90 23.15 -4.90
CA LEU A 526 13.07 24.07 -3.78
C LEU A 526 13.68 25.39 -4.24
N GLU A 527 14.72 25.31 -5.06
CA GLU A 527 15.39 26.53 -5.53
C GLU A 527 14.47 27.38 -6.37
N THR A 528 13.66 26.76 -7.23
CA THR A 528 12.83 27.55 -8.13
C THR A 528 11.69 28.23 -7.36
N TYR A 529 11.00 27.49 -6.50
CA TYR A 529 9.74 27.99 -5.95
C TYR A 529 9.84 28.44 -4.51
N MET A 530 10.79 27.92 -3.74
CA MET A 530 10.79 28.07 -2.29
C MET A 530 11.97 28.86 -1.75
N LYS A 531 13.08 28.91 -2.47
CA LYS A 531 14.29 29.61 -2.05
C LYS A 531 14.21 31.12 -2.27
N PRO A 532 13.70 31.62 -3.41
CA PRO A 532 13.80 33.09 -3.64
C PRO A 532 13.14 33.93 -2.56
N TYR A 533 12.01 33.50 -2.00
CA TYR A 533 11.34 34.19 -0.91
C TYR A 533 11.01 33.20 0.19
N PRO A 534 11.92 33.01 1.13
CA PRO A 534 11.74 31.97 2.15
C PRO A 534 10.52 32.24 3.01
N GLY A 535 9.64 31.25 3.08
CA GLY A 535 8.35 31.37 3.74
C GLY A 535 7.21 31.47 2.76
N TYR A 536 7.50 31.67 1.48
CA TYR A 536 6.49 31.88 0.46
C TYR A 536 6.70 30.91 -0.68
N PHE A 537 5.66 30.73 -1.48
CA PHE A 537 5.77 30.11 -2.79
C PHE A 537 5.86 31.22 -3.83
N PHE A 538 6.94 31.20 -4.60
CA PHE A 538 7.22 32.23 -5.60
C PHE A 538 6.65 31.79 -6.95
N PHE A 539 5.59 32.46 -7.40
CA PHE A 539 4.95 32.11 -8.67
C PHE A 539 5.84 32.39 -9.88
N GLY A 540 6.74 33.36 -9.77
CA GLY A 540 7.55 33.79 -10.91
C GLY A 540 7.00 34.99 -11.67
N ASP A 541 5.83 35.50 -11.32
CA ASP A 541 5.17 36.57 -12.05
C ASP A 541 5.09 37.84 -11.21
N GLY A 542 5.24 38.99 -11.87
CA GLY A 542 4.88 40.25 -11.26
C GLY A 542 3.37 40.43 -11.21
N ALA A 543 2.93 41.27 -10.28
CA ALA A 543 1.51 41.54 -10.16
C ALA A 543 1.29 42.90 -9.49
N ALA A 544 0.13 43.47 -9.75
CA ALA A 544 -0.30 44.71 -9.10
C ALA A 544 -1.63 44.48 -8.39
N ARG A 545 -1.78 45.09 -7.23
CA ARG A 545 -3.06 45.15 -6.54
C ARG A 545 -3.56 46.58 -6.64
N ASP A 546 -4.69 46.79 -7.31
CA ASP A 546 -5.12 48.15 -7.58
C ASP A 546 -5.79 48.76 -6.34
N TYR A 547 -6.29 49.98 -6.48
CA TYR A 547 -6.88 50.70 -5.35
C TYR A 547 -8.18 50.08 -4.85
N ASP A 548 -8.80 49.15 -5.58
CA ASP A 548 -9.94 48.40 -5.08
C ASP A 548 -9.56 47.06 -4.48
N GLY A 549 -8.27 46.71 -4.48
CA GLY A 549 -7.81 45.41 -4.01
C GLY A 549 -7.75 44.32 -5.06
N TYR A 550 -8.01 44.63 -6.32
CA TYR A 550 -8.04 43.63 -7.38
C TYR A 550 -6.62 43.26 -7.82
N MET A 551 -6.44 41.99 -8.19
CA MET A 551 -5.16 41.47 -8.66
C MET A 551 -5.02 41.58 -10.18
N TRP A 552 -3.83 41.99 -10.62
CA TRP A 552 -3.54 42.30 -12.01
C TRP A 552 -2.24 41.60 -12.33
N ILE A 553 -2.34 40.36 -12.83
CA ILE A 553 -1.14 39.59 -13.14
C ILE A 553 -0.36 40.31 -14.21
N LYS A 554 0.94 40.49 -13.98
N LYS A 554 0.93 40.48 -13.98
CA LYS A 554 1.87 41.08 -14.94
CA LYS A 554 1.86 41.07 -14.95
C LYS A 554 1.56 42.54 -15.26
C LYS A 554 1.52 42.53 -15.28
N GLY A 555 0.76 43.19 -14.42
CA GLY A 555 0.53 44.60 -14.52
C GLY A 555 -0.91 44.94 -14.85
N ARG A 556 -1.33 46.13 -14.41
CA ARG A 556 -2.61 46.69 -14.78
C ARG A 556 -2.68 46.98 -16.28
N VAL A 557 -3.87 46.84 -16.84
CA VAL A 557 -4.12 47.24 -18.22
C VAL A 557 -5.32 48.19 -18.25
N ASP A 558 -5.27 49.18 -19.13
CA ASP A 558 -6.30 50.22 -19.19
C ASP A 558 -7.49 49.80 -20.04
N ASP A 559 -8.66 50.28 -19.64
CA ASP A 559 -9.87 50.12 -20.45
C ASP A 559 -10.46 51.49 -20.75
N VAL A 560 -11.17 52.08 -19.80
CA VAL A 560 -11.60 53.47 -19.87
C VAL A 560 -10.60 54.33 -19.13
N ILE A 561 -10.19 55.45 -19.74
CA ILE A 561 -9.24 56.39 -19.16
C ILE A 561 -9.93 57.72 -19.03
N ASN A 562 -9.68 58.43 -17.92
CA ASN A 562 -10.42 59.65 -17.62
C ASN A 562 -9.54 60.87 -17.82
N VAL A 563 -9.62 61.47 -19.00
CA VAL A 563 -8.87 62.67 -19.33
C VAL A 563 -9.76 63.87 -19.08
N SER A 564 -9.49 64.61 -18.01
CA SER A 564 -10.23 65.83 -17.65
C SER A 564 -11.74 65.58 -17.69
N GLY A 565 -12.20 64.57 -16.95
CA GLY A 565 -13.61 64.26 -16.85
C GLY A 565 -14.25 63.62 -18.05
N HIS A 566 -13.50 63.29 -19.10
CA HIS A 566 -14.04 62.66 -20.29
C HIS A 566 -13.64 61.19 -20.29
N ARG A 567 -14.63 60.31 -20.23
CA ARG A 567 -14.37 58.88 -20.22
C ARG A 567 -14.13 58.43 -21.66
N LEU A 568 -12.87 58.18 -21.98
CA LEU A 568 -12.45 57.64 -23.27
C LEU A 568 -11.93 56.23 -23.07
N SER A 569 -12.19 55.37 -24.04
CA SER A 569 -11.66 54.02 -23.97
C SER A 569 -10.50 53.91 -24.95
N THR A 570 -9.54 53.06 -24.60
CA THR A 570 -8.48 52.76 -25.55
C THR A 570 -9.07 52.36 -26.90
N ALA A 571 -10.20 51.63 -26.87
CA ALA A 571 -10.84 51.23 -28.11
C ALA A 571 -11.29 52.44 -28.93
N GLU A 572 -12.00 53.37 -28.29
CA GLU A 572 -12.43 54.59 -28.97
C GLU A 572 -11.23 55.35 -29.56
N VAL A 573 -10.19 55.56 -28.75
CA VAL A 573 -9.05 56.33 -29.22
C VAL A 573 -8.32 55.58 -30.33
N GLU A 574 -8.12 54.26 -30.15
CA GLU A 574 -7.36 53.49 -31.13
C GLU A 574 -8.06 53.46 -32.48
N SER A 575 -9.38 53.27 -32.50
CA SER A 575 -10.09 53.23 -33.78
C SER A 575 -10.17 54.61 -34.43
N ALA A 576 -10.08 55.69 -33.65
CA ALA A 576 -9.95 57.02 -34.23
C ALA A 576 -8.59 57.18 -34.91
N LEU A 577 -7.53 56.63 -34.31
CA LEU A 577 -6.20 56.69 -34.92
C LEU A 577 -6.13 55.84 -36.19
N ILE A 578 -6.71 54.64 -36.16
CA ILE A 578 -6.68 53.73 -37.30
C ILE A 578 -7.37 54.30 -38.53
N LEU A 579 -8.16 55.37 -38.36
CA LEU A 579 -8.77 56.03 -39.51
C LEU A 579 -7.74 56.72 -40.38
N HIS A 580 -6.61 57.15 -39.81
CA HIS A 580 -5.51 57.66 -40.62
C HIS A 580 -5.05 56.57 -41.58
N LYS A 581 -5.16 56.85 -42.88
CA LYS A 581 -5.01 55.80 -43.90
C LYS A 581 -3.64 55.13 -43.86
N GLY A 582 -2.62 55.80 -43.32
CA GLY A 582 -1.30 55.21 -43.21
C GLY A 582 -1.02 54.39 -41.98
N VAL A 583 -1.95 54.32 -41.03
CA VAL A 583 -1.72 53.66 -39.75
C VAL A 583 -1.96 52.16 -39.88
N ALA A 584 -1.03 51.36 -39.36
CA ALA A 584 -1.11 49.91 -39.38
C ALA A 584 -1.63 49.34 -38.07
N GLU A 585 -0.92 49.59 -36.97
CA GLU A 585 -1.34 49.13 -35.66
C GLU A 585 -1.24 50.27 -34.67
N THR A 586 -2.04 50.19 -33.60
CA THR A 586 -1.96 51.22 -32.57
C THR A 586 -2.35 50.63 -31.21
N ALA A 587 -1.69 51.10 -30.16
CA ALA A 587 -2.04 50.74 -28.80
C ALA A 587 -1.93 51.97 -27.93
N VAL A 588 -2.91 52.16 -27.05
CA VAL A 588 -3.06 53.38 -26.26
C VAL A 588 -3.06 53.00 -24.79
N VAL A 589 -2.32 53.76 -23.97
CA VAL A 589 -2.27 53.49 -22.54
C VAL A 589 -2.50 54.80 -21.77
N GLY A 590 -2.90 54.64 -20.51
CA GLY A 590 -3.13 55.75 -19.63
C GLY A 590 -2.05 55.85 -18.55
N CYS A 591 -2.05 57.01 -17.88
CA CYS A 591 -1.09 57.32 -16.85
C CYS A 591 -1.56 58.56 -16.10
N ALA A 592 -1.14 58.68 -14.85
CA ALA A 592 -1.52 59.84 -14.04
C ALA A 592 -1.03 61.12 -14.69
N ASP A 593 -1.75 62.21 -14.43
CA ASP A 593 -1.40 63.48 -15.04
C ASP A 593 -1.90 64.61 -14.15
N ASP A 594 -1.01 65.53 -13.80
CA ASP A 594 -1.33 66.61 -12.88
C ASP A 594 -2.22 67.66 -13.50
N LEU A 595 -2.50 67.57 -14.79
CA LEU A 595 -3.39 68.51 -15.46
C LEU A 595 -4.75 67.90 -15.75
N THR A 596 -4.77 66.70 -16.32
CA THR A 596 -6.01 66.08 -16.76
C THR A 596 -6.40 64.87 -15.90
N GLY A 597 -5.75 64.68 -14.75
CA GLY A 597 -6.05 63.56 -13.87
C GLY A 597 -5.41 62.29 -14.40
N GLN A 598 -5.90 61.82 -15.54
CA GLN A 598 -5.21 60.81 -16.31
C GLN A 598 -4.98 61.35 -17.72
N ALA A 599 -3.98 60.81 -18.39
CA ALA A 599 -3.65 61.19 -19.76
C ALA A 599 -3.50 59.95 -20.62
N VAL A 600 -3.67 60.15 -21.92
CA VAL A 600 -3.67 59.07 -22.91
C VAL A 600 -2.36 59.13 -23.67
N TYR A 601 -1.60 58.04 -23.62
CA TYR A 601 -0.37 57.91 -24.40
C TYR A 601 -0.59 56.85 -25.47
N ALA A 602 -0.25 57.17 -26.71
CA ALA A 602 -0.49 56.33 -27.87
C ALA A 602 0.83 55.90 -28.49
N PHE A 603 0.85 54.65 -28.94
CA PHE A 603 1.94 54.09 -29.74
C PHE A 603 1.35 53.69 -31.10
N VAL A 604 1.98 54.16 -32.17
CA VAL A 604 1.46 53.99 -33.51
C VAL A 604 2.55 53.42 -34.41
N THR A 605 2.18 52.44 -35.22
CA THR A 605 3.05 51.92 -36.27
C THR A 605 2.39 52.13 -37.63
N MET A 606 3.19 52.53 -38.61
CA MET A 606 2.70 52.87 -39.93
C MET A 606 2.83 51.68 -40.89
N LYS A 607 1.95 51.64 -41.88
CA LYS A 607 2.05 50.63 -42.93
C LYS A 607 3.24 50.95 -43.84
N PRO A 608 3.89 49.94 -44.41
CA PRO A 608 5.11 50.20 -45.21
C PRO A 608 4.87 51.04 -46.47
N GLU A 609 3.63 51.11 -46.96
CA GLU A 609 3.31 51.93 -48.12
C GLU A 609 3.30 53.42 -47.81
N PHE A 610 4.01 53.83 -46.74
CA PHE A 610 3.94 55.19 -46.23
C PHE A 610 5.35 55.74 -46.08
N ASP A 611 5.57 56.97 -46.56
CA ASP A 611 6.90 57.58 -46.52
C ASP A 611 6.95 58.81 -45.62
N THR A 615 6.86 63.54 -45.48
CA THR A 615 6.09 63.23 -44.27
C THR A 615 6.99 63.15 -43.03
N LYS A 616 7.43 64.32 -42.54
CA LYS A 616 8.26 64.39 -41.34
C LYS A 616 7.55 63.76 -40.15
N GLU A 617 8.33 63.16 -39.23
CA GLU A 617 7.73 62.38 -38.15
C GLU A 617 6.90 63.25 -37.22
N ALA A 618 7.37 64.47 -36.92
CA ALA A 618 6.61 65.35 -36.05
C ALA A 618 5.36 65.86 -36.73
N ASP A 619 5.41 66.06 -38.05
CA ASP A 619 4.21 66.39 -38.80
C ASP A 619 3.23 65.23 -38.89
N LEU A 620 3.64 64.03 -38.46
CA LEU A 620 2.73 62.90 -38.38
C LEU A 620 2.07 62.84 -37.01
N SER A 621 2.86 63.00 -35.93
CA SER A 621 2.30 63.08 -34.59
C SER A 621 1.34 64.25 -34.44
N LYS A 622 1.57 65.34 -35.19
CA LYS A 622 0.60 66.43 -35.23
C LYS A 622 -0.59 66.09 -36.13
N GLU A 623 -0.39 65.23 -37.13
CA GLU A 623 -1.47 64.87 -38.05
C GLU A 623 -2.41 63.84 -37.44
N LEU A 624 -1.90 62.96 -36.58
CA LEU A 624 -2.77 61.97 -35.96
C LEU A 624 -3.60 62.59 -34.85
N ALA A 625 -3.02 63.53 -34.09
CA ALA A 625 -3.78 64.21 -33.04
C ALA A 625 -4.99 64.92 -33.63
N ILE A 626 -4.76 65.69 -34.69
CA ILE A 626 -5.85 66.33 -35.43
C ILE A 626 -6.87 65.28 -35.89
N GLN A 627 -6.39 64.11 -36.32
CA GLN A 627 -7.31 63.06 -36.75
C GLN A 627 -8.14 62.53 -35.58
N VAL A 628 -7.55 62.43 -34.39
CA VAL A 628 -8.33 61.98 -33.24
C VAL A 628 -9.33 63.04 -32.81
N ARG A 629 -8.95 64.32 -32.92
CA ARG A 629 -9.88 65.40 -32.60
C ARG A 629 -11.04 65.43 -33.58
N LYS A 630 -10.78 65.22 -34.87
CA LYS A 630 -11.83 65.21 -35.87
C LYS A 630 -12.89 64.15 -35.59
N VAL A 631 -12.54 63.10 -34.85
CA VAL A 631 -13.46 61.99 -34.64
C VAL A 631 -14.10 62.06 -33.26
N ILE A 632 -13.36 62.55 -32.27
CA ILE A 632 -13.79 62.42 -30.87
C ILE A 632 -13.91 63.78 -30.18
N GLY A 633 -13.17 64.78 -30.66
CA GLY A 633 -13.32 66.13 -30.15
C GLY A 633 -12.10 66.70 -29.46
N PRO A 634 -12.13 68.01 -29.22
CA PRO A 634 -10.92 68.75 -28.83
C PRO A 634 -10.17 68.18 -27.62
N PHE A 635 -10.87 67.55 -26.68
CA PHE A 635 -10.23 67.07 -25.47
C PHE A 635 -9.83 65.61 -25.56
N ALA A 636 -9.86 65.03 -26.75
CA ALA A 636 -9.51 63.63 -26.95
C ALA A 636 -8.12 63.44 -27.53
N ALA A 637 -7.35 64.51 -27.67
CA ALA A 637 -5.98 64.39 -28.14
C ALA A 637 -5.16 63.59 -27.11
N PRO A 638 -4.40 62.59 -27.55
CA PRO A 638 -3.39 62.01 -26.65
C PRO A 638 -2.38 63.07 -26.21
N LYS A 639 -1.93 62.98 -24.96
CA LYS A 639 -0.92 63.90 -24.46
C LYS A 639 0.40 63.71 -25.18
N LYS A 640 0.80 62.46 -25.39
CA LYS A 640 1.99 62.12 -26.16
C LYS A 640 1.60 61.05 -27.18
N ILE A 641 2.39 60.97 -28.25
CA ILE A 641 2.09 60.02 -29.32
C ILE A 641 3.38 59.56 -29.98
N TYR A 642 3.69 58.27 -29.84
CA TYR A 642 4.99 57.69 -30.17
C TYR A 642 4.90 56.84 -31.43
N LEU A 643 5.62 57.24 -32.46
CA LEU A 643 5.73 56.45 -33.68
C LEU A 643 6.87 55.44 -33.54
N VAL A 644 6.53 54.15 -33.54
CA VAL A 644 7.51 53.09 -33.34
C VAL A 644 7.41 52.07 -34.47
N SER A 645 8.49 51.28 -34.62
CA SER A 645 8.59 50.39 -35.77
C SER A 645 7.66 49.20 -35.64
N ASP A 646 7.31 48.82 -34.40
CA ASP A 646 6.37 47.74 -34.17
C ASP A 646 5.89 47.84 -32.72
N LEU A 647 4.83 47.11 -32.42
CA LEU A 647 4.41 47.07 -31.02
C LEU A 647 5.03 45.86 -30.33
N PRO A 648 5.41 46.00 -29.07
CA PRO A 648 5.91 44.83 -28.34
C PRO A 648 4.84 43.75 -28.26
N LYS A 649 5.21 42.54 -28.67
CA LYS A 649 4.27 41.43 -28.73
C LYS A 649 4.92 40.18 -28.16
N THR A 650 4.09 39.28 -27.62
CA THR A 650 4.52 37.91 -27.33
C THR A 650 4.46 37.06 -28.60
N ARG A 651 5.01 35.84 -28.48
CA ARG A 651 4.98 34.88 -29.58
C ARG A 651 3.56 34.53 -30.01
N SER A 652 2.58 34.68 -29.13
CA SER A 652 1.21 34.41 -29.54
C SER A 652 0.58 35.55 -30.34
N GLY A 653 1.24 36.71 -30.41
CA GLY A 653 0.71 37.87 -31.11
C GLY A 653 0.06 38.91 -30.21
OH ALY A 654 1.09 41.50 -22.14
CH ALY A 654 0.83 40.44 -21.54
CH3 ALY A 654 1.62 39.99 -20.34
NZ ALY A 654 -0.22 39.63 -21.94
CE ALY A 654 -1.06 39.94 -23.06
CD ALY A 654 -0.43 39.48 -24.37
CG ALY A 654 -1.40 39.61 -25.51
CB ALY A 654 -0.87 38.74 -26.62
CA ALY A 654 -0.68 39.46 -27.97
N ALY A 654 -0.05 38.59 -28.92
C ALY A 654 0.15 40.72 -27.77
O ALY A 654 1.38 40.70 -27.56
N ILE A 655 -0.53 41.86 -27.87
CA ILE A 655 0.14 43.15 -27.70
C ILE A 655 0.43 43.39 -26.22
N MET A 656 1.66 43.77 -25.92
CA MET A 656 2.07 43.90 -24.52
C MET A 656 1.75 45.31 -24.04
N ARG A 657 0.44 45.53 -23.91
CA ARG A 657 -0.08 46.80 -23.40
C ARG A 657 0.37 47.05 -21.97
N ARG A 658 0.43 45.99 -21.15
CA ARG A 658 0.85 46.15 -19.76
C ARG A 658 2.28 46.65 -19.67
N VAL A 659 3.15 46.18 -20.57
CA VAL A 659 4.51 46.70 -20.62
C VAL A 659 4.51 48.15 -21.08
N LEU A 660 3.80 48.45 -22.17
CA LEU A 660 3.73 49.84 -22.64
C LEU A 660 3.25 50.77 -21.54
N ARG A 661 2.37 50.28 -20.66
CA ARG A 661 1.89 51.12 -19.57
C ARG A 661 2.97 51.37 -18.53
N LYS A 662 3.74 50.32 -18.19
CA LYS A 662 4.82 50.50 -17.22
C LYS A 662 5.88 51.45 -17.77
N ILE A 663 6.23 51.31 -19.05
CA ILE A 663 7.23 52.20 -19.66
C ILE A 663 6.79 53.64 -19.55
N VAL A 664 5.50 53.92 -19.75
CA VAL A 664 5.00 55.29 -19.64
C VAL A 664 5.03 55.75 -18.19
N ALA A 665 4.69 54.85 -17.26
CA ALA A 665 4.81 55.16 -15.84
C ALA A 665 6.26 55.38 -15.42
N GLY A 666 7.24 55.02 -16.24
CA GLY A 666 8.62 55.20 -15.89
C GLY A 666 9.27 54.01 -15.24
N GLU A 667 8.82 52.80 -15.53
CA GLU A 667 9.38 51.59 -14.95
C GLU A 667 9.97 50.66 -16.00
N GLY A 668 10.48 51.23 -17.11
CA GLY A 668 11.15 50.42 -18.11
C GLY A 668 12.27 49.55 -17.55
N ASP A 669 12.89 50.00 -16.46
CA ASP A 669 13.91 49.22 -15.79
C ASP A 669 13.32 48.17 -14.85
N GLN A 670 12.04 48.29 -14.48
CA GLN A 670 11.39 47.36 -13.58
C GLN A 670 10.43 46.43 -14.33
N LEU A 671 10.78 46.03 -15.55
CA LEU A 671 9.86 45.26 -16.39
C LEU A 671 9.94 43.76 -16.13
N GLY A 672 11.09 43.15 -16.38
CA GLY A 672 11.23 41.72 -16.21
C GLY A 672 11.67 40.98 -17.45
N ASP A 673 10.97 39.89 -17.80
CA ASP A 673 11.25 39.07 -18.99
C ASP A 673 12.72 38.67 -19.08
N SER A 676 11.11 36.89 -22.33
CA SER A 676 11.14 35.63 -23.07
C SER A 676 10.11 35.62 -24.21
N ILE A 677 10.12 36.68 -25.04
CA ILE A 677 9.07 36.88 -26.04
C ILE A 677 9.62 37.37 -27.37
N ALA A 678 8.74 37.92 -28.21
CA ALA A 678 9.08 38.28 -29.57
C ALA A 678 9.82 39.61 -29.60
N ASP A 679 11.02 39.61 -30.20
CA ASP A 679 11.85 40.78 -30.49
C ASP A 679 12.05 41.69 -29.28
N PRO A 680 12.93 41.34 -28.35
CA PRO A 680 13.21 42.25 -27.21
C PRO A 680 13.80 43.59 -27.61
N GLN A 681 14.29 43.77 -28.84
CA GLN A 681 14.77 45.09 -29.25
C GLN A 681 13.64 46.11 -29.25
N ILE A 682 12.39 45.66 -29.40
CA ILE A 682 11.28 46.60 -29.51
C ILE A 682 11.02 47.29 -28.17
N VAL A 683 11.16 46.56 -27.07
CA VAL A 683 11.04 47.21 -25.77
C VAL A 683 12.13 48.26 -25.59
N GLU A 684 13.36 47.93 -25.99
CA GLU A 684 14.44 48.92 -25.94
C GLU A 684 14.16 50.05 -26.92
N GLU A 685 13.66 49.74 -28.12
CA GLU A 685 13.23 50.80 -29.01
C GLU A 685 12.16 51.67 -28.35
N VAL A 686 11.14 51.03 -27.77
CA VAL A 686 10.05 51.77 -27.13
C VAL A 686 10.58 52.58 -25.94
N LYS A 687 11.47 51.97 -25.14
CA LYS A 687 12.09 52.70 -24.04
C LYS A 687 12.83 53.94 -24.54
N GLN A 688 13.50 53.82 -25.70
CA GLN A 688 14.26 54.95 -26.22
C GLN A 688 13.37 56.07 -26.73
N LYS A 689 12.21 55.73 -27.31
CA LYS A 689 11.35 56.76 -27.87
C LYS A 689 10.60 57.52 -26.77
N VAL A 690 10.09 56.82 -25.75
CA VAL A 690 9.43 57.50 -24.65
C VAL A 690 10.43 58.36 -23.88
N THR A 691 11.71 57.99 -23.89
CA THR A 691 12.75 58.79 -23.24
C THR A 691 13.34 59.82 -24.18
N GLY B 16 0.10 -16.26 44.47
CA GLY B 16 -1.17 -16.30 45.17
C GLY B 16 -2.35 -16.21 44.22
N LYS B 17 -3.50 -15.81 44.75
CA LYS B 17 -4.70 -15.58 43.96
C LYS B 17 -4.97 -14.08 43.95
N THR B 18 -5.07 -13.51 42.75
CA THR B 18 -5.36 -12.10 42.56
C THR B 18 -6.67 -11.96 41.81
N GLU B 19 -7.54 -11.09 42.29
CA GLU B 19 -8.79 -10.81 41.58
C GLU B 19 -8.53 -9.95 40.35
N VAL B 20 -9.22 -10.29 39.25
CA VAL B 20 -9.13 -9.55 38.00
C VAL B 20 -10.46 -8.94 37.60
N ALA B 21 -11.55 -9.71 37.72
CA ALA B 21 -12.90 -9.29 37.39
C ALA B 21 -13.74 -9.48 38.65
N PRO B 22 -14.98 -8.97 38.71
CA PRO B 22 -15.80 -9.20 39.92
C PRO B 22 -15.85 -10.65 40.36
N GLY B 23 -15.93 -11.60 39.43
CA GLY B 23 -16.00 -13.00 39.81
C GLY B 23 -14.69 -13.76 39.82
N VAL B 24 -13.79 -13.45 38.87
CA VAL B 24 -12.64 -14.29 38.54
C VAL B 24 -11.40 -13.87 39.31
N HIS B 25 -10.64 -14.86 39.77
CA HIS B 25 -9.28 -14.69 40.31
C HIS B 25 -8.30 -15.47 39.45
N HIS B 26 -7.01 -15.20 39.66
CA HIS B 26 -5.94 -15.85 38.92
C HIS B 26 -4.89 -16.32 39.93
N VAL B 27 -4.61 -17.63 39.95
CA VAL B 27 -3.57 -18.20 40.80
C VAL B 27 -2.25 -18.14 40.05
N HIS B 28 -1.17 -17.76 40.73
CA HIS B 28 0.08 -17.47 40.06
C HIS B 28 1.23 -17.70 41.03
N PRO B 29 2.48 -17.81 40.53
CA PRO B 29 3.63 -18.08 41.43
C PRO B 29 4.10 -16.88 42.24
N LEU B 30 3.58 -15.68 41.98
CA LEU B 30 4.04 -14.48 42.64
C LEU B 30 3.42 -14.36 44.04
N PRO B 31 4.04 -13.58 44.93
CA PRO B 31 3.40 -13.29 46.22
C PRO B 31 2.13 -12.46 46.06
N ASP B 32 1.39 -12.34 47.17
CA ASP B 32 0.23 -11.47 47.24
C ASP B 32 0.61 -10.11 47.82
N SER B 33 1.34 -10.12 48.94
CA SER B 33 1.94 -8.93 49.51
C SER B 33 3.43 -9.15 49.66
N VAL B 34 4.18 -8.05 49.77
CA VAL B 34 5.60 -8.11 50.09
C VAL B 34 5.83 -7.21 51.31
N PRO B 35 6.19 -7.78 52.45
CA PRO B 35 6.30 -6.98 53.68
C PRO B 35 7.51 -6.04 53.65
N GLU B 36 7.37 -4.92 54.36
CA GLU B 36 8.46 -3.94 54.42
C GLU B 36 9.68 -4.52 55.15
N SER B 37 10.87 -4.14 54.69
CA SER B 37 12.10 -4.73 55.19
C SER B 37 13.24 -3.73 55.10
N GLU B 38 14.25 -3.92 55.97
CA GLU B 38 15.45 -3.09 55.94
C GLU B 38 16.33 -3.39 54.73
N ASP B 39 16.20 -4.58 54.14
CA ASP B 39 16.97 -5.02 52.98
C ASP B 39 16.33 -4.63 51.65
N LEU B 40 15.18 -3.97 51.67
CA LEU B 40 14.44 -3.57 50.47
C LEU B 40 14.47 -2.06 50.34
N PHE B 41 14.53 -1.58 49.09
CA PHE B 41 14.60 -0.15 48.80
C PHE B 41 13.26 0.28 48.22
N ALA B 42 12.43 0.88 49.06
CA ALA B 42 11.12 1.35 48.63
C ALA B 42 11.27 2.48 47.62
N PRO B 43 10.33 2.62 46.68
CA PRO B 43 10.35 3.74 45.73
C PRO B 43 10.58 5.06 46.44
N PRO B 44 11.58 5.83 46.03
CA PRO B 44 11.92 7.06 46.73
C PRO B 44 11.01 8.20 46.30
N PRO B 45 11.05 9.36 46.97
CA PRO B 45 10.05 10.43 46.68
C PRO B 45 9.89 10.82 45.20
N ARG B 46 10.97 10.88 44.41
CA ARG B 46 10.82 11.18 42.99
C ARG B 46 9.93 10.17 42.25
N MET B 47 9.79 8.96 42.79
CA MET B 47 8.88 7.96 42.22
C MET B 47 7.56 7.88 42.97
N GLN B 48 7.28 8.85 43.85
CA GLN B 48 6.04 8.92 44.59
C GLN B 48 5.21 10.14 44.20
N GLY B 49 5.51 10.75 43.06
CA GLY B 49 4.80 11.94 42.66
C GLY B 49 5.05 13.13 43.56
N LYS B 50 6.17 13.14 44.26
CA LYS B 50 6.55 14.25 45.11
C LYS B 50 7.58 15.11 44.39
N GLU B 51 7.88 16.26 44.98
CA GLU B 51 8.84 17.21 44.41
C GLU B 51 8.50 17.54 42.96
N GLY B 52 7.21 17.67 42.69
CA GLY B 52 6.74 18.03 41.36
C GLY B 52 6.88 16.98 40.28
N ARG B 53 7.33 15.75 40.60
CA ARG B 53 7.46 14.72 39.58
C ARG B 53 6.10 14.10 39.23
N PRO B 54 5.96 13.56 38.02
CA PRO B 54 4.70 12.88 37.65
C PRO B 54 4.41 11.72 38.60
N LYS B 55 3.15 11.57 38.97
CA LYS B 55 2.76 10.38 39.71
C LYS B 55 3.04 9.16 38.84
N PRO B 56 3.46 8.04 39.44
CA PRO B 56 3.78 6.86 38.62
C PRO B 56 2.54 6.18 38.07
N HIS B 57 2.70 5.56 36.89
CA HIS B 57 1.58 4.88 36.25
C HIS B 57 1.06 3.70 37.06
N ILE B 58 1.96 2.95 37.73
CA ILE B 58 1.58 1.84 38.59
C ILE B 58 2.20 2.05 39.97
N GLY B 59 1.37 2.14 40.99
CA GLY B 59 1.85 2.31 42.35
C GLY B 59 0.71 2.34 43.33
N PRO B 60 1.01 2.50 44.63
CA PRO B 60 2.34 2.79 45.20
C PRO B 60 3.14 1.60 45.74
N ASN B 61 2.68 0.36 45.55
CA ASN B 61 3.27 -0.75 46.29
C ASN B 61 3.20 -2.03 45.45
N TYR B 62 3.60 -3.15 46.06
CA TYR B 62 3.57 -4.42 45.35
C TYR B 62 2.15 -4.75 44.89
N GLU B 63 1.17 -4.63 45.80
CA GLU B 63 -0.20 -5.01 45.48
C GLU B 63 -0.68 -4.33 44.20
N SER B 64 -0.26 -3.09 43.97
CA SER B 64 -0.72 -2.40 42.77
C SER B 64 -0.12 -3.00 41.51
N TYR B 65 1.13 -3.47 41.57
CA TYR B 65 1.71 -4.19 40.44
C TYR B 65 0.98 -5.52 40.21
N VAL B 66 0.86 -6.35 41.25
CA VAL B 66 0.27 -7.66 41.05
C VAL B 66 -1.17 -7.52 40.58
N LYS B 67 -1.84 -6.43 40.99
CA LYS B 67 -3.24 -6.27 40.59
C LYS B 67 -3.35 -5.97 39.09
N GLU B 68 -2.48 -5.12 38.56
CA GLU B 68 -2.51 -4.88 37.13
C GLU B 68 -1.92 -6.05 36.34
N TRP B 69 -0.83 -6.64 36.83
CA TRP B 69 -0.17 -7.73 36.13
C TRP B 69 -1.10 -8.94 35.98
N ALA B 70 -1.94 -9.19 36.98
CA ALA B 70 -2.86 -10.32 36.90
C ALA B 70 -3.77 -10.21 35.70
N LYS B 71 -4.22 -8.99 35.36
CA LYS B 71 -5.10 -8.84 34.22
C LYS B 71 -4.42 -9.18 32.90
N THR B 72 -3.09 -9.15 32.83
CA THR B 72 -2.40 -9.34 31.56
C THR B 72 -2.09 -10.80 31.27
N VAL B 73 -2.36 -11.68 32.23
CA VAL B 73 -2.18 -13.12 32.11
C VAL B 73 -3.44 -13.78 32.67
N GLY B 74 -3.52 -15.08 32.55
CA GLY B 74 -4.72 -15.74 32.99
C GLY B 74 -5.95 -15.40 32.15
N PRO B 75 -7.13 -15.36 32.82
CA PRO B 75 -8.38 -15.75 32.15
C PRO B 75 -9.03 -14.72 31.23
N ASN B 76 -9.24 -13.50 31.71
CA ASN B 76 -9.88 -12.49 30.88
C ASN B 76 -8.86 -11.52 30.29
N SER B 77 -7.66 -12.00 29.96
CA SER B 77 -6.59 -11.08 29.59
C SER B 77 -6.68 -10.56 28.15
N ASP B 78 -7.54 -11.15 27.30
CA ASP B 78 -7.72 -10.62 25.95
C ASP B 78 -8.28 -9.21 25.99
N GLU B 79 -9.24 -8.95 26.87
CA GLU B 79 -9.84 -7.63 26.94
C GLU B 79 -8.78 -6.59 27.34
N TRP B 80 -7.87 -6.97 28.23
CA TRP B 80 -6.82 -6.04 28.59
C TRP B 80 -5.90 -5.76 27.41
N TRP B 81 -5.47 -6.81 26.71
CA TRP B 81 -4.53 -6.60 25.61
C TRP B 81 -5.19 -5.89 24.43
N ALA B 82 -6.45 -6.22 24.13
CA ALA B 82 -7.15 -5.49 23.07
C ALA B 82 -7.22 -3.99 23.39
N ALA B 83 -7.56 -3.63 24.63
CA ALA B 83 -7.67 -2.23 25.00
C ALA B 83 -6.30 -1.53 24.93
N LYS B 84 -5.27 -2.15 25.51
CA LYS B 84 -3.95 -1.53 25.48
C LYS B 84 -3.44 -1.37 24.04
N ALA B 85 -3.73 -2.35 23.19
CA ALA B 85 -3.25 -2.27 21.82
C ALA B 85 -3.90 -1.12 21.06
N ARG B 86 -5.21 -0.93 21.24
CA ARG B 86 -5.89 0.18 20.58
C ARG B 86 -5.55 1.53 21.22
N GLU B 87 -5.29 1.57 22.53
CA GLU B 87 -4.93 2.82 23.19
C GLU B 87 -3.53 3.26 22.79
N THR B 88 -2.61 2.31 22.59
CA THR B 88 -1.18 2.60 22.49
C THR B 88 -0.74 2.89 21.06
N LEU B 89 -1.34 2.25 20.08
CA LEU B 89 -0.89 2.38 18.70
C LEU B 89 -2.01 2.96 17.84
N ASP B 90 -1.62 3.73 16.84
CA ASP B 90 -2.57 4.11 15.80
C ASP B 90 -2.62 3.02 14.75
N TRP B 91 -3.83 2.50 14.49
CA TRP B 91 -4.04 1.48 13.48
C TRP B 91 -4.65 2.09 12.22
N TYR B 92 -4.29 1.51 11.07
CA TYR B 92 -5.00 1.85 9.84
C TYR B 92 -6.28 1.02 9.71
N ASP B 93 -6.16 -0.29 9.95
CA ASP B 93 -7.28 -1.21 10.06
C ASP B 93 -7.24 -1.83 11.45
N ASP B 94 -8.39 -1.88 12.12
CA ASP B 94 -8.50 -2.51 13.42
C ASP B 94 -8.31 -4.02 13.29
N PHE B 95 -7.99 -4.66 14.40
CA PHE B 95 -7.92 -6.11 14.46
C PHE B 95 -9.23 -6.67 15.00
N LYS B 96 -9.41 -7.97 14.84
CA LYS B 96 -10.55 -8.67 15.39
C LYS B 96 -10.12 -9.68 16.44
N THR B 97 -9.12 -10.49 16.11
CA THR B 97 -8.59 -11.51 17.00
C THR B 97 -7.44 -10.94 17.81
N VAL B 98 -7.40 -11.25 19.11
CA VAL B 98 -6.32 -10.72 19.93
C VAL B 98 -5.07 -11.61 19.82
N ARG B 99 -5.21 -12.92 20.03
CA ARG B 99 -4.05 -13.79 20.04
C ARG B 99 -4.45 -15.17 19.50
N ALA B 100 -3.46 -15.89 18.99
CA ALA B 100 -3.64 -17.23 18.43
C ALA B 100 -2.26 -17.84 18.27
N GLY B 101 -2.23 -19.13 17.96
CA GLY B 101 -0.97 -19.82 17.75
C GLY B 101 -0.22 -20.05 19.06
N GLY B 102 0.95 -20.65 18.93
CA GLY B 102 1.67 -21.01 20.14
C GLY B 102 3.06 -21.51 19.87
N PHE B 103 3.66 -22.04 20.94
CA PHE B 103 5.05 -22.44 20.93
C PHE B 103 5.31 -23.62 20.03
N GLU B 104 4.42 -24.62 20.04
CA GLU B 104 4.73 -25.92 19.45
C GLU B 104 5.13 -25.79 17.99
N HIS B 105 4.29 -25.15 17.18
CA HIS B 105 4.56 -25.03 15.76
C HIS B 105 5.15 -23.68 15.36
N GLY B 106 5.24 -22.72 16.28
CA GLY B 106 5.76 -21.40 15.95
C GLY B 106 4.89 -20.62 15.00
N ASP B 107 3.59 -20.57 15.29
CA ASP B 107 2.58 -19.85 14.52
C ASP B 107 1.96 -18.73 15.35
N VAL B 108 2.77 -18.08 16.19
CA VAL B 108 2.27 -17.07 17.11
C VAL B 108 1.70 -15.88 16.35
N GLN B 109 0.50 -15.44 16.76
CA GLN B 109 -0.19 -14.33 16.13
C GLN B 109 -0.71 -13.37 17.20
N TRP B 110 -0.50 -12.07 16.98
CA TRP B 110 -1.15 -11.03 17.76
C TRP B 110 -1.78 -10.02 16.82
N PHE B 111 -3.04 -9.67 17.09
CA PHE B 111 -3.80 -8.69 16.34
C PHE B 111 -3.75 -8.96 14.84
N PRO B 112 -3.93 -10.20 14.40
CA PRO B 112 -3.56 -10.56 13.01
C PRO B 112 -4.30 -9.78 11.95
N GLU B 113 -5.57 -9.44 12.14
CA GLU B 113 -6.31 -8.71 11.11
C GLU B 113 -5.94 -7.23 11.03
N GLY B 114 -5.23 -6.70 12.03
CA GLY B 114 -4.94 -5.29 12.04
C GLY B 114 -3.87 -4.91 11.02
N THR B 115 -3.88 -3.62 10.67
CA THR B 115 -2.80 -3.04 9.89
C THR B 115 -2.39 -1.71 10.49
N LEU B 116 -1.11 -1.42 10.35
CA LEU B 116 -0.49 -0.26 10.97
C LEU B 116 0.85 -0.04 10.28
N ASN B 117 1.56 0.97 10.72
CA ASN B 117 2.92 1.19 10.23
C ASN B 117 3.77 1.69 11.39
N ALA B 118 4.97 1.13 11.55
CA ALA B 118 5.79 1.50 12.70
C ALA B 118 6.34 2.90 12.57
N ALA B 119 6.68 3.34 11.35
CA ALA B 119 7.18 4.70 11.19
C ALA B 119 6.08 5.71 11.49
N TYR B 120 4.83 5.37 11.16
CA TYR B 120 3.72 6.25 11.48
C TYR B 120 3.57 6.43 12.98
N ASN B 121 3.79 5.35 13.75
CA ASN B 121 3.58 5.41 15.19
C ASN B 121 4.76 6.02 15.93
N CYS B 122 5.94 6.03 15.33
CA CYS B 122 7.13 6.59 15.95
C CYS B 122 7.47 7.98 15.43
N LEU B 123 6.89 8.39 14.30
CA LEU B 123 7.23 9.68 13.70
C LEU B 123 5.99 10.52 13.42
N ASP B 124 5.28 10.19 12.33
CA ASP B 124 4.19 11.01 11.80
C ASP B 124 3.25 11.52 12.89
N ARG B 125 2.66 10.58 13.65
CA ARG B 125 1.62 10.98 14.58
C ARG B 125 2.15 11.95 15.63
N HIS B 126 3.43 11.88 15.97
CA HIS B 126 3.97 12.85 16.91
C HIS B 126 4.34 14.15 16.22
N TYR B 127 4.89 14.05 15.01
CA TYR B 127 5.12 15.21 14.18
C TYR B 127 3.84 16.00 13.91
N TYR B 128 2.68 15.33 13.80
CA TYR B 128 1.45 16.08 13.57
C TYR B 128 0.99 16.81 14.83
N LYS B 129 1.36 16.33 16.01
CA LYS B 129 0.92 16.95 17.24
C LYS B 129 1.87 18.06 17.71
N ASN B 130 3.18 17.88 17.57
CA ASN B 130 4.16 18.90 17.97
C ASN B 130 5.43 18.75 17.14
N PRO B 131 5.47 19.34 15.94
CA PRO B 131 6.60 19.07 15.03
C PRO B 131 7.94 19.55 15.56
N LYS B 132 7.98 20.62 16.35
CA LYS B 132 9.24 21.15 16.83
C LYS B 132 9.76 20.45 18.07
N LYS B 133 8.99 19.55 18.65
CA LYS B 133 9.44 18.78 19.80
C LYS B 133 10.65 17.92 19.44
N THR B 134 11.61 17.85 20.37
CA THR B 134 12.83 17.09 20.13
C THR B 134 12.55 15.60 20.18
N ALA B 135 12.85 14.90 19.10
CA ALA B 135 12.78 13.43 19.07
C ALA B 135 14.08 12.79 19.54
N ILE B 136 15.23 13.28 19.07
CA ILE B 136 16.52 12.70 19.42
C ILE B 136 17.44 13.78 19.95
N ILE B 137 18.00 13.55 21.13
CA ILE B 137 19.17 14.28 21.60
C ILE B 137 20.38 13.55 21.04
N TYR B 138 21.03 14.13 20.05
CA TYR B 138 22.20 13.53 19.43
C TYR B 138 23.42 14.04 20.20
N GLU B 139 23.97 13.16 21.05
CA GLU B 139 25.18 13.47 21.81
C GLU B 139 26.34 12.96 20.97
N ALA B 140 26.90 13.84 20.16
CA ALA B 140 28.02 13.49 19.29
C ALA B 140 29.22 13.01 20.11
N ASP B 141 30.11 12.25 19.46
CA ASP B 141 31.34 11.83 20.12
C ASP B 141 32.08 13.03 20.73
N GLU B 142 32.16 14.14 19.98
CA GLU B 142 32.73 15.38 20.53
C GLU B 142 31.62 16.26 21.12
N PRO B 143 31.67 16.59 22.41
CA PRO B 143 30.59 17.39 23.03
C PRO B 143 30.16 18.62 22.27
N SER B 144 31.08 19.30 21.59
CA SER B 144 30.73 20.53 20.88
C SER B 144 29.75 20.32 19.73
N GLU B 145 29.63 19.09 19.19
CA GLU B 145 28.82 18.84 18.01
C GLU B 145 27.46 18.23 18.33
N SER B 146 27.06 18.24 19.59
CA SER B 146 25.78 17.70 19.97
C SER B 146 24.64 18.65 19.63
N ARG B 147 23.45 18.07 19.37
CA ARG B 147 22.30 18.90 19.03
C ARG B 147 21.02 18.08 19.08
N GLU B 148 19.91 18.83 19.14
CA GLU B 148 18.57 18.26 19.22
C GLU B 148 18.00 18.07 17.82
N VAL B 149 17.50 16.87 17.53
CA VAL B 149 16.85 16.61 16.25
C VAL B 149 15.35 16.58 16.49
N SER B 150 14.64 17.58 15.96
CA SER B 150 13.20 17.65 16.14
C SER B 150 12.53 16.47 15.42
N TYR B 151 11.26 16.22 15.80
CA TYR B 151 10.47 15.22 15.09
C TYR B 151 10.32 15.57 13.63
N GLU B 152 10.13 16.85 13.32
CA GLU B 152 10.06 17.29 11.93
C GLU B 152 11.32 16.90 11.17
N GLU B 153 12.50 17.17 11.73
CA GLU B 153 13.72 16.86 10.98
C GLU B 153 13.87 15.36 10.81
N LEU B 154 13.61 14.57 11.87
CA LEU B 154 13.77 13.13 11.78
C LEU B 154 12.83 12.54 10.74
N MET B 155 11.57 13.00 10.73
CA MET B 155 10.62 12.52 9.75
C MET B 155 11.02 12.88 8.33
N GLN B 156 11.46 14.12 8.12
CA GLN B 156 11.90 14.52 6.78
C GLN B 156 13.05 13.66 6.30
N GLU B 157 14.01 13.35 7.19
CA GLU B 157 15.14 12.54 6.78
C GLU B 157 14.71 11.09 6.55
N THR B 158 13.75 10.61 7.35
CA THR B 158 13.20 9.28 7.12
C THR B 158 12.53 9.17 5.77
N CYS B 159 11.70 10.16 5.41
CA CYS B 159 10.99 10.11 4.13
C CYS B 159 11.95 10.21 2.96
N ARG B 160 12.95 11.08 3.04
CA ARG B 160 13.93 11.17 1.96
C ARG B 160 14.61 9.83 1.73
N VAL B 161 15.13 9.21 2.80
CA VAL B 161 15.76 7.90 2.69
C VAL B 161 14.76 6.85 2.17
N ALA B 162 13.57 6.84 2.73
CA ALA B 162 12.50 5.97 2.25
C ALA B 162 12.28 6.13 0.74
N ASN B 163 12.31 7.37 0.25
CA ASN B 163 12.15 7.61 -1.18
C ASN B 163 13.37 7.12 -1.96
N VAL B 164 14.57 7.30 -1.40
CA VAL B 164 15.77 6.77 -2.05
C VAL B 164 15.66 5.26 -2.21
N LEU B 165 15.36 4.55 -1.11
CA LEU B 165 15.22 3.10 -1.13
C LEU B 165 14.24 2.64 -2.20
N LYS B 166 13.07 3.27 -2.27
CA LYS B 166 12.10 2.89 -3.29
C LYS B 166 12.67 3.06 -4.69
N SER B 167 13.47 4.11 -4.90
CA SER B 167 14.06 4.30 -6.23
C SER B 167 15.08 3.22 -6.55
N TYR B 168 15.65 2.58 -5.53
CA TYR B 168 16.45 1.37 -5.73
C TYR B 168 15.58 0.14 -5.96
N GLY B 169 14.26 0.29 -6.01
CA GLY B 169 13.39 -0.87 -6.21
C GLY B 169 13.14 -1.71 -4.99
N VAL B 170 13.40 -1.17 -3.79
CA VAL B 170 13.09 -1.91 -2.57
C VAL B 170 11.58 -2.01 -2.40
N LYS B 171 11.09 -3.23 -2.19
CA LYS B 171 9.66 -3.50 -2.03
C LYS B 171 9.37 -3.99 -0.63
N LYS B 172 8.09 -3.91 -0.27
CA LYS B 172 7.58 -4.56 0.93
C LYS B 172 8.14 -5.99 1.06
N GLY B 173 8.70 -6.29 2.23
CA GLY B 173 9.23 -7.61 2.49
C GLY B 173 10.68 -7.84 2.08
N ASP B 174 11.34 -6.87 1.42
CA ASP B 174 12.75 -7.00 1.08
C ASP B 174 13.61 -6.70 2.28
N ALA B 175 14.66 -7.50 2.46
CA ALA B 175 15.64 -7.20 3.50
C ALA B 175 16.55 -6.06 3.06
N VAL B 176 16.90 -5.20 4.01
CA VAL B 176 17.87 -4.10 3.82
C VAL B 176 18.85 -4.16 4.98
N SER B 177 20.14 -4.23 4.69
CA SER B 177 21.16 -4.29 5.73
C SER B 177 21.64 -2.89 6.12
N ILE B 178 21.85 -2.69 7.41
CA ILE B 178 22.28 -1.40 7.95
C ILE B 178 23.53 -1.63 8.80
N TYR B 179 24.64 -1.03 8.38
CA TYR B 179 25.91 -1.03 9.10
C TYR B 179 26.21 0.44 9.44
N LEU B 180 25.55 0.94 10.48
CA LEU B 180 25.66 2.34 10.85
C LEU B 180 26.10 2.50 12.29
N PRO B 181 26.96 3.47 12.57
CA PRO B 181 27.34 3.76 13.95
C PRO B 181 26.32 4.67 14.60
N MET B 182 26.60 5.04 15.85
CA MET B 182 25.64 5.73 16.71
C MET B 182 25.57 7.23 16.40
N THR B 183 25.16 7.55 15.18
CA THR B 183 24.72 8.88 14.83
C THR B 183 23.20 8.85 14.60
N TRP B 184 22.57 10.02 14.76
CA TRP B 184 21.11 10.07 14.85
C TRP B 184 20.43 9.54 13.57
N GLN B 185 21.08 9.64 12.42
CA GLN B 185 20.50 9.12 11.19
C GLN B 185 20.29 7.61 11.23
N ALA B 186 20.96 6.90 12.14
CA ALA B 186 20.67 5.48 12.30
C ALA B 186 19.17 5.26 12.55
N ALA B 187 18.54 6.14 13.33
CA ALA B 187 17.10 6.02 13.54
C ALA B 187 16.34 6.23 12.23
N ALA B 188 16.76 7.19 11.41
CA ALA B 188 16.07 7.44 10.15
C ALA B 188 16.24 6.25 9.19
N ALA B 189 17.40 5.60 9.21
CA ALA B 189 17.59 4.43 8.35
C ALA B 189 16.64 3.30 8.75
N PHE B 190 16.50 3.04 10.05
CA PHE B 190 15.56 2.02 10.52
C PHE B 190 14.15 2.34 10.07
N LEU B 191 13.69 3.56 10.35
CA LEU B 191 12.28 3.90 10.17
C LEU B 191 11.92 4.08 8.71
N ALA B 192 12.89 4.40 7.86
CA ALA B 192 12.64 4.44 6.42
C ALA B 192 12.34 3.05 5.89
N CYS B 193 13.06 2.06 6.39
CA CYS B 193 12.77 0.67 6.06
C CYS B 193 11.36 0.29 6.54
N ALA B 194 11.06 0.58 7.80
CA ALA B 194 9.76 0.22 8.33
C ALA B 194 8.65 0.94 7.60
N ARG B 195 8.95 2.17 7.14
CA ARG B 195 7.94 3.00 6.48
C ARG B 195 7.45 2.34 5.18
N ILE B 196 8.35 1.72 4.43
CA ILE B 196 7.99 1.10 3.16
C ILE B 196 7.75 -0.39 3.29
N GLY B 197 7.81 -0.95 4.50
CA GLY B 197 7.61 -2.37 4.68
C GLY B 197 8.80 -3.24 4.37
N ALA B 198 9.97 -2.66 4.12
CA ALA B 198 11.19 -3.44 4.05
C ALA B 198 11.57 -3.93 5.44
N ILE B 199 12.34 -5.00 5.48
CA ILE B 199 12.80 -5.63 6.71
C ILE B 199 14.24 -5.20 6.93
N HIS B 200 14.48 -4.29 7.88
CA HIS B 200 15.87 -3.91 8.13
C HIS B 200 16.60 -4.97 8.97
N SER B 201 17.88 -5.13 8.68
CA SER B 201 18.79 -5.98 9.46
C SER B 201 20.01 -5.17 9.87
N ALA B 202 20.09 -4.80 11.15
CA ALA B 202 21.17 -3.94 11.62
C ALA B 202 22.38 -4.79 12.03
N VAL B 203 23.54 -4.40 11.55
CA VAL B 203 24.80 -5.03 11.91
C VAL B 203 25.57 -4.02 12.75
N PHE B 204 25.87 -4.39 13.98
CA PHE B 204 26.68 -3.59 14.87
C PHE B 204 27.90 -3.05 14.15
N ALA B 205 28.07 -1.72 14.20
CA ALA B 205 29.10 -1.04 13.42
C ALA B 205 30.52 -1.39 13.86
N GLY B 206 30.68 -2.12 14.97
CA GLY B 206 31.97 -2.63 15.38
C GLY B 206 32.33 -3.99 14.83
N PHE B 207 31.42 -4.66 14.12
CA PHE B 207 31.73 -5.96 13.55
C PHE B 207 32.81 -5.84 12.49
N SER B 208 33.57 -6.92 12.33
CA SER B 208 34.57 -7.06 11.30
C SER B 208 33.91 -7.31 9.94
N ALA B 209 34.75 -7.30 8.88
CA ALA B 209 34.28 -7.62 7.54
C ALA B 209 33.57 -8.97 7.51
N GLU B 210 34.18 -9.99 8.11
CA GLU B 210 33.63 -11.34 8.01
C GLU B 210 32.24 -11.42 8.67
N SER B 211 32.11 -10.92 9.89
CA SER B 211 30.82 -10.94 10.58
C SER B 211 29.78 -10.13 9.82
N LEU B 212 30.18 -8.99 9.26
CA LEU B 212 29.30 -8.22 8.40
C LEU B 212 28.90 -9.04 7.16
N ARG B 213 29.88 -9.61 6.47
CA ARG B 213 29.61 -10.38 5.26
C ARG B 213 28.59 -11.50 5.52
N ASP B 214 28.70 -12.18 6.66
CA ASP B 214 27.80 -13.29 6.95
C ASP B 214 26.37 -12.83 7.14
N ARG B 215 26.16 -11.78 7.93
CA ARG B 215 24.79 -11.29 8.13
C ARG B 215 24.20 -10.74 6.84
N VAL B 216 25.04 -10.05 6.04
CA VAL B 216 24.56 -9.48 4.78
C VAL B 216 24.16 -10.59 3.83
N ASN B 217 24.93 -11.68 3.82
CA ASN B 217 24.65 -12.77 2.91
C ASN B 217 23.41 -13.54 3.33
N ASP B 218 23.24 -13.78 4.62
CA ASP B 218 22.19 -14.65 5.10
C ASP B 218 20.79 -14.06 4.85
N CYS B 219 20.62 -12.76 5.06
CA CYS B 219 19.35 -12.10 4.82
C CYS B 219 19.11 -11.76 3.34
N GLU B 220 20.11 -11.94 2.49
CA GLU B 220 19.98 -11.83 1.04
C GLU B 220 19.60 -10.43 0.58
N CYS B 221 19.92 -9.42 1.36
CA CYS B 221 19.59 -8.05 0.98
C CYS B 221 20.33 -7.64 -0.29
N LYS B 222 19.70 -6.75 -1.06
CA LYS B 222 20.31 -6.15 -2.24
C LYS B 222 20.78 -4.72 -1.99
N VAL B 223 20.45 -4.15 -0.84
CA VAL B 223 20.76 -2.77 -0.50
C VAL B 223 21.41 -2.75 0.87
N LEU B 224 22.49 -1.98 1.00
CA LEU B 224 23.20 -1.75 2.25
C LEU B 224 23.27 -0.26 2.54
N ILE B 225 23.00 0.12 3.80
CA ILE B 225 23.14 1.49 4.28
C ILE B 225 24.29 1.53 5.29
N THR B 226 25.21 2.49 5.10
CA THR B 226 26.39 2.58 5.96
C THR B 226 26.91 4.02 5.98
N THR B 227 28.01 4.25 6.69
CA THR B 227 28.69 5.54 6.73
C THR B 227 30.04 5.45 6.03
N ASP B 228 30.64 6.63 5.82
CA ASP B 228 32.02 6.65 5.37
C ASP B 228 32.95 6.25 6.50
N GLU B 229 32.75 6.84 7.68
CA GLU B 229 33.51 6.50 8.87
C GLU B 229 32.62 6.72 10.08
N GLY B 230 32.99 6.09 11.20
CA GLY B 230 32.34 6.34 12.46
C GLY B 230 33.35 6.97 13.41
N ARG B 231 32.82 7.52 14.51
CA ARG B 231 33.64 8.18 15.52
C ARG B 231 33.19 7.73 16.90
N ARG B 232 34.14 7.22 17.69
CA ARG B 232 33.83 6.69 19.02
C ARG B 232 35.02 6.89 19.92
N GLY B 233 34.79 7.55 21.06
CA GLY B 233 35.85 7.79 22.02
C GLY B 233 37.04 8.54 21.46
N GLY B 234 36.80 9.44 20.52
CA GLY B 234 37.88 10.17 19.86
C GLY B 234 38.59 9.40 18.77
N LYS B 235 38.13 8.20 18.42
CA LYS B 235 38.79 7.37 17.43
C LYS B 235 37.89 7.17 16.22
N THR B 236 38.51 6.85 15.09
CA THR B 236 37.83 6.69 13.82
C THR B 236 37.59 5.21 13.55
N ILE B 237 36.38 4.89 13.10
CA ILE B 237 35.99 3.53 12.69
C ILE B 237 35.87 3.51 11.17
N ALA B 238 36.62 2.63 10.53
CA ALA B 238 36.74 2.64 9.07
C ALA B 238 35.63 1.82 8.42
N THR B 239 34.39 2.27 8.63
CA THR B 239 33.22 1.50 8.21
C THR B 239 33.23 1.25 6.70
N LYS B 240 33.48 2.29 5.90
CA LYS B 240 33.44 2.11 4.45
C LYS B 240 34.54 1.15 4.00
N GLN B 241 35.73 1.26 4.58
CA GLN B 241 36.81 0.33 4.30
C GLN B 241 36.40 -1.10 4.59
N ILE B 242 35.76 -1.32 5.73
CA ILE B 242 35.35 -2.67 6.12
C ILE B 242 34.23 -3.17 5.22
N VAL B 243 33.29 -2.29 4.90
CA VAL B 243 32.21 -2.64 3.97
C VAL B 243 32.77 -3.11 2.63
N ASP B 244 33.74 -2.38 2.08
CA ASP B 244 34.36 -2.76 0.82
C ASP B 244 35.02 -4.13 0.89
N ALA B 245 35.58 -4.49 2.06
CA ALA B 245 36.19 -5.81 2.19
C ALA B 245 35.13 -6.89 2.30
N ALA B 246 34.04 -6.61 3.00
CA ALA B 246 32.97 -7.59 3.16
C ALA B 246 32.23 -7.80 1.84
N LEU B 247 31.92 -6.71 1.14
CA LEU B 247 31.12 -6.82 -0.07
C LEU B 247 31.84 -7.56 -1.20
N GLN B 248 33.17 -7.58 -1.17
CA GLN B 248 33.91 -8.41 -2.13
C GLN B 248 33.42 -9.84 -2.12
N GLN B 249 32.68 -10.24 -1.09
CA GLN B 249 32.15 -11.60 -0.90
C GLN B 249 30.64 -11.60 -0.72
N CYS B 250 29.94 -10.55 -1.14
CA CYS B 250 28.49 -10.42 -0.96
C CYS B 250 27.88 -10.18 -2.33
N PRO B 251 27.67 -11.24 -3.11
CA PRO B 251 27.29 -11.08 -4.52
C PRO B 251 25.96 -10.37 -4.75
N LEU B 252 25.04 -10.38 -3.80
CA LEU B 252 23.71 -9.85 -4.05
C LEU B 252 23.57 -8.35 -3.81
N VAL B 253 24.50 -7.73 -3.08
CA VAL B 253 24.38 -6.31 -2.76
C VAL B 253 24.69 -5.47 -3.99
N GLU B 254 23.73 -4.65 -4.40
CA GLU B 254 23.83 -3.86 -5.63
C GLU B 254 23.94 -2.36 -5.38
N ASN B 255 23.32 -1.87 -4.31
CA ASN B 255 23.27 -0.45 -4.01
C ASN B 255 23.75 -0.27 -2.58
N VAL B 256 24.72 0.62 -2.39
CA VAL B 256 25.21 0.98 -1.06
C VAL B 256 24.95 2.46 -0.90
N LEU B 257 24.24 2.82 0.17
CA LEU B 257 23.92 4.19 0.50
C LEU B 257 24.85 4.63 1.63
N VAL B 258 25.68 5.63 1.38
CA VAL B 258 26.79 5.99 2.26
C VAL B 258 26.51 7.34 2.89
N LEU B 259 26.23 7.31 4.19
CA LEU B 259 26.09 8.54 4.97
C LEU B 259 27.47 9.16 5.22
N ARG B 260 27.54 10.49 5.05
CA ARG B 260 28.81 11.21 5.18
C ARG B 260 28.94 11.71 6.61
N ARG B 261 29.36 10.82 7.50
CA ARG B 261 29.46 11.19 8.91
C ARG B 261 30.69 12.06 9.17
N THR B 262 31.77 11.87 8.41
CA THR B 262 33.01 12.62 8.59
C THR B 262 33.43 13.36 7.33
N GLY B 263 33.07 12.87 6.16
CA GLY B 263 33.49 13.51 4.94
C GLY B 263 34.95 13.30 4.58
N ASN B 264 35.66 12.42 5.29
CA ASN B 264 37.06 12.16 4.95
C ASN B 264 37.15 11.14 3.81
N LYS B 265 38.30 11.16 3.12
CA LYS B 265 38.50 10.31 1.96
C LYS B 265 38.26 8.83 2.26
N VAL B 266 37.25 8.27 1.62
CA VAL B 266 37.00 6.83 1.62
C VAL B 266 36.80 6.37 0.17
N PRO B 267 37.12 5.13 -0.16
CA PRO B 267 36.83 4.66 -1.52
C PRO B 267 35.34 4.58 -1.78
N MET B 268 34.97 4.82 -3.03
CA MET B 268 33.58 4.72 -3.49
C MET B 268 33.58 3.99 -4.82
N THR B 269 32.73 2.99 -4.95
CA THR B 269 32.65 2.18 -6.16
C THR B 269 31.56 2.75 -7.08
N GLU B 270 31.97 3.18 -8.27
CA GLU B 270 31.02 3.78 -9.22
C GLU B 270 29.82 2.87 -9.43
N GLY B 271 28.63 3.47 -9.50
CA GLY B 271 27.42 2.71 -9.65
C GLY B 271 26.90 2.18 -8.35
N ARG B 272 27.67 1.28 -7.73
CA ARG B 272 27.23 0.60 -6.52
C ARG B 272 26.98 1.59 -5.37
N ASP B 273 27.90 2.53 -5.16
CA ASP B 273 27.87 3.45 -4.01
C ASP B 273 27.39 4.84 -4.38
N LYS B 274 26.54 5.41 -3.52
CA LYS B 274 26.04 6.77 -3.65
C LYS B 274 26.03 7.45 -2.29
N TRP B 275 26.31 8.76 -2.30
CA TRP B 275 26.20 9.55 -1.08
C TRP B 275 24.74 9.72 -0.67
N TRP B 276 24.46 9.40 0.60
CA TRP B 276 23.17 9.66 1.24
C TRP B 276 22.69 11.09 0.98
N ASP B 277 23.51 12.11 1.30
CA ASP B 277 23.07 13.49 1.09
C ASP B 277 22.70 13.74 -0.36
N GLU B 278 23.46 13.21 -1.31
CA GLU B 278 23.20 13.53 -2.72
C GLU B 278 21.97 12.82 -3.24
N GLU B 279 21.73 11.58 -2.80
CA GLU B 279 20.50 10.88 -3.18
C GLU B 279 19.28 11.52 -2.55
N CYS B 280 19.36 11.86 -1.25
CA CYS B 280 18.21 12.44 -0.55
C CYS B 280 17.84 13.81 -1.10
N ALA B 281 18.80 14.55 -1.66
CA ALA B 281 18.47 15.86 -2.21
C ALA B 281 17.62 15.78 -3.48
N LYS B 282 17.61 14.61 -4.14
CA LYS B 282 16.76 14.44 -5.31
C LYS B 282 15.31 14.10 -4.96
N MET B 283 15.03 13.74 -3.71
CA MET B 283 13.78 13.13 -3.29
C MET B 283 12.92 14.08 -2.48
N PRO B 284 11.59 13.97 -2.58
CA PRO B 284 10.71 14.78 -1.72
C PRO B 284 10.91 14.45 -0.25
N ALA B 285 10.50 15.37 0.61
CA ALA B 285 10.71 15.19 2.04
C ALA B 285 9.49 14.57 2.74
N TYR B 286 8.52 14.07 1.97
CA TYR B 286 7.47 13.22 2.53
C TYR B 286 7.36 11.96 1.69
N CYS B 287 6.81 10.92 2.30
CA CYS B 287 6.67 9.65 1.64
C CYS B 287 5.54 8.94 2.36
N PRO B 288 4.56 8.37 1.65
CA PRO B 288 3.43 7.72 2.34
C PRO B 288 3.91 6.47 3.06
N CYS B 289 3.13 6.07 4.07
CA CYS B 289 3.43 4.88 4.86
C CYS B 289 2.77 3.67 4.22
N GLU B 290 3.56 2.60 4.07
CA GLU B 290 2.99 1.32 3.67
C GLU B 290 2.11 0.77 4.78
N ARG B 291 0.91 0.32 4.43
CA ARG B 291 0.00 -0.30 5.39
C ARG B 291 0.44 -1.74 5.60
N MET B 292 0.91 -2.05 6.81
CA MET B 292 1.53 -3.34 7.13
C MET B 292 0.59 -4.19 7.97
N ALA B 293 0.46 -5.46 7.64
CA ALA B 293 -0.20 -6.37 8.55
C ALA B 293 0.59 -6.46 9.86
N SER B 294 -0.12 -6.67 10.97
CA SER B 294 0.53 -6.84 12.27
C SER B 294 1.65 -7.86 12.20
N GLU B 295 1.43 -8.94 11.46
CA GLU B 295 2.39 -10.04 11.44
C GLU B 295 3.40 -9.94 10.30
N ASP B 296 3.35 -8.90 9.49
CA ASP B 296 4.46 -8.66 8.58
C ASP B 296 5.74 -8.49 9.38
N PRO B 297 6.84 -9.09 8.95
CA PRO B 297 8.08 -8.95 9.71
C PRO B 297 8.54 -7.50 9.66
N LEU B 298 8.99 -7.02 10.81
CA LEU B 298 9.53 -5.68 10.93
C LEU B 298 11.04 -5.67 10.77
N PHE B 299 11.75 -6.63 11.36
CA PHE B 299 13.18 -6.62 11.21
C PHE B 299 13.77 -7.99 11.52
N ILE B 300 14.99 -8.19 11.03
CA ILE B 300 15.85 -9.28 11.42
C ILE B 300 16.99 -8.69 12.25
N LEU B 301 17.29 -9.31 13.38
CA LEU B 301 18.45 -8.94 14.18
C LEU B 301 19.23 -10.22 14.46
N TYR B 302 20.44 -10.31 13.89
CA TYR B 302 21.28 -11.48 14.11
C TYR B 302 21.88 -11.44 15.50
N THR B 303 21.80 -12.55 16.21
CA THR B 303 22.54 -12.71 17.46
C THR B 303 24.03 -12.63 17.17
N SER B 304 24.79 -12.24 18.20
CA SER B 304 26.24 -12.09 18.05
C SER B 304 26.98 -13.36 18.46
N LYS B 309 26.86 -20.56 12.02
CA LYS B 309 25.80 -19.84 11.30
C LYS B 309 25.09 -18.91 12.29
N PRO B 310 24.78 -17.68 11.85
CA PRO B 310 24.17 -16.71 12.77
C PRO B 310 22.65 -16.78 12.75
N LYS B 311 22.05 -16.57 13.91
CA LYS B 311 20.60 -16.63 14.07
C LYS B 311 19.98 -15.29 13.74
N GLY B 312 19.28 -15.21 12.61
CA GLY B 312 18.50 -14.03 12.31
C GLY B 312 17.18 -14.04 13.03
N VAL B 313 17.11 -13.41 14.21
CA VAL B 313 15.87 -13.36 14.98
C VAL B 313 14.90 -12.38 14.33
N VAL B 314 13.67 -12.82 14.10
CA VAL B 314 12.69 -12.08 13.30
C VAL B 314 11.57 -11.59 14.22
N HIS B 315 11.28 -10.31 14.14
CA HIS B 315 10.18 -9.71 14.91
C HIS B 315 9.16 -9.15 13.93
N SER B 316 7.88 -9.42 14.20
CA SER B 316 6.82 -8.84 13.39
C SER B 316 6.53 -7.42 13.90
N THR B 317 5.47 -6.78 13.40
CA THR B 317 5.28 -5.35 13.57
C THR B 317 4.50 -4.98 14.83
N ALA B 318 3.21 -5.37 14.90
CA ALA B 318 2.36 -4.82 15.96
C ALA B 318 2.78 -5.31 17.35
N GLY B 319 3.01 -6.62 17.49
CA GLY B 319 3.35 -7.17 18.80
C GLY B 319 4.63 -6.58 19.34
N TYR B 320 5.66 -6.52 18.50
CA TYR B 320 6.94 -5.97 18.94
C TYR B 320 6.79 -4.51 19.35
N LEU B 321 6.11 -3.73 18.51
CA LEU B 321 5.97 -2.30 18.77
C LEU B 321 5.20 -2.03 20.06
N LEU B 322 4.12 -2.79 20.29
CA LEU B 322 3.35 -2.65 21.53
C LEU B 322 4.19 -3.05 22.74
N GLY B 323 4.98 -4.11 22.61
CA GLY B 323 5.82 -4.52 23.73
C GLY B 323 6.85 -3.47 24.09
N THR B 324 7.53 -2.92 23.10
CA THR B 324 8.53 -1.90 23.37
C THR B 324 7.88 -0.65 23.94
N ALA B 325 6.73 -0.25 23.39
CA ALA B 325 6.04 0.94 23.87
C ALA B 325 5.55 0.75 25.30
N LEU B 326 4.97 -0.42 25.62
CA LEU B 326 4.46 -0.63 26.98
C LEU B 326 5.57 -0.74 28.00
N THR B 327 6.64 -1.51 27.68
CA THR B 327 7.72 -1.66 28.63
C THR B 327 8.40 -0.33 28.89
N LEU B 328 8.73 0.42 27.83
CA LEU B 328 9.35 1.72 28.05
C LEU B 328 8.47 2.61 28.94
N LYS B 329 7.17 2.65 28.67
CA LYS B 329 6.27 3.49 29.47
C LYS B 329 6.20 3.01 30.91
N TYR B 330 6.01 1.71 31.15
CA TYR B 330 5.76 1.25 32.51
C TYR B 330 7.02 0.90 33.29
N VAL B 331 8.01 0.29 32.64
CA VAL B 331 9.19 -0.12 33.39
C VAL B 331 10.02 1.09 33.76
N PHE B 332 10.06 2.12 32.89
CA PHE B 332 10.83 3.32 33.16
C PHE B 332 9.97 4.50 33.56
N ASP B 333 8.66 4.28 33.70
CA ASP B 333 7.68 5.31 34.05
C ASP B 333 7.83 6.56 33.17
N ALA B 334 7.83 6.35 31.85
CA ALA B 334 7.96 7.45 30.90
C ALA B 334 6.67 8.24 30.82
N HIS B 335 6.79 9.57 30.87
CA HIS B 335 5.70 10.52 30.78
C HIS B 335 5.97 11.44 29.59
N PRO B 336 4.96 12.17 29.10
CA PRO B 336 5.09 12.80 27.76
C PRO B 336 6.31 13.69 27.55
N ASP B 337 6.81 14.39 28.56
CA ASP B 337 7.92 15.30 28.34
C ASP B 337 9.26 14.72 28.77
N ASP B 338 9.33 13.40 28.96
CA ASP B 338 10.57 12.81 29.45
C ASP B 338 11.64 12.77 28.38
N ARG B 339 12.87 12.74 28.85
CA ARG B 339 14.08 12.73 28.03
CA ARG B 339 14.09 12.74 28.03
C ARG B 339 14.85 11.47 28.41
N PHE B 340 14.60 10.41 27.65
CA PHE B 340 15.13 9.08 27.91
C PHE B 340 16.51 8.92 27.29
N ALA B 341 17.44 8.39 28.08
CA ALA B 341 18.85 8.31 27.73
C ALA B 341 19.26 6.85 27.95
N CYS B 342 19.13 6.04 26.90
CA CYS B 342 19.63 4.67 26.88
C CYS B 342 21.02 4.67 26.24
N MET B 343 22.02 4.24 26.99
CA MET B 343 23.41 4.31 26.56
C MET B 343 23.83 2.97 25.94
N ALA B 344 23.14 2.58 24.89
CA ALA B 344 23.47 1.36 24.17
C ALA B 344 23.75 1.71 22.71
N ASP B 345 23.88 0.67 21.90
CA ASP B 345 24.10 0.82 20.47
C ASP B 345 22.86 0.29 19.75
N ILE B 346 22.45 1.03 18.71
CA ILE B 346 21.32 0.61 17.91
C ILE B 346 21.56 -0.73 17.20
N GLY B 347 22.80 -1.23 17.22
CA GLY B 347 23.08 -2.51 16.59
C GLY B 347 22.65 -3.71 17.40
N TRP B 348 22.22 -3.49 18.64
CA TRP B 348 21.77 -4.55 19.52
C TRP B 348 20.30 -4.35 19.85
N ILE B 349 19.69 -5.40 20.40
CA ILE B 349 18.26 -5.32 20.65
C ILE B 349 17.95 -4.20 21.64
N THR B 350 18.86 -3.92 22.58
CA THR B 350 18.63 -2.86 23.54
C THR B 350 18.40 -1.52 22.83
N GLY B 351 19.16 -1.25 21.78
CA GLY B 351 18.98 -0.01 21.04
C GLY B 351 17.80 -0.04 20.11
N HIS B 352 17.51 -1.21 19.51
CA HIS B 352 16.29 -1.36 18.73
C HIS B 352 15.07 -0.96 19.54
N SER B 353 14.93 -1.55 20.74
CA SER B 353 13.73 -1.38 21.56
C SER B 353 13.76 -0.14 22.45
N TYR B 354 14.90 0.22 23.04
CA TYR B 354 14.90 1.28 24.04
C TYR B 354 15.71 2.51 23.66
N ILE B 355 16.22 2.60 22.44
CA ILE B 355 16.62 3.88 21.86
C ILE B 355 15.63 4.36 20.81
N ILE B 356 15.26 3.48 19.87
CA ILE B 356 14.42 3.89 18.74
C ILE B 356 12.94 3.59 18.97
N TYR B 357 12.57 2.31 18.96
CA TYR B 357 11.16 1.98 18.82
C TYR B 357 10.35 2.34 20.07
N GLY B 358 10.87 2.00 21.25
CA GLY B 358 10.15 2.25 22.48
C GLY B 358 9.89 3.71 22.75
N PRO B 359 10.97 4.51 22.82
CA PRO B 359 10.75 5.93 23.14
C PRO B 359 10.02 6.70 22.04
N LEU B 360 10.28 6.42 20.77
CA LEU B 360 9.60 7.20 19.74
C LEU B 360 8.14 6.76 19.56
N ALA B 361 7.83 5.51 19.83
CA ALA B 361 6.42 5.12 19.86
C ALA B 361 5.66 5.93 20.90
N ASN B 362 6.27 6.13 22.08
CA ASN B 362 5.67 6.96 23.11
C ASN B 362 5.76 8.44 22.80
N GLY B 363 6.44 8.82 21.73
CA GLY B 363 6.50 10.22 21.35
C GLY B 363 7.30 11.09 22.29
N ILE B 364 8.27 10.51 23.03
CA ILE B 364 9.10 11.31 23.93
C ILE B 364 10.43 11.60 23.25
N THR B 365 11.40 12.09 24.02
CA THR B 365 12.73 12.39 23.51
C THR B 365 13.69 11.28 23.93
N THR B 366 14.53 10.86 22.98
CA THR B 366 15.42 9.72 23.17
C THR B 366 16.82 10.13 22.77
N ALA B 367 17.81 9.62 23.51
CA ALA B 367 19.20 9.97 23.25
C ALA B 367 19.86 8.99 22.29
N VAL B 368 20.63 9.53 21.35
CA VAL B 368 21.59 8.74 20.58
C VAL B 368 22.96 9.19 21.09
N PHE B 369 23.53 8.41 22.00
CA PHE B 369 24.83 8.73 22.60
C PHE B 369 25.92 8.06 21.78
N GLU B 370 26.76 8.89 21.13
CA GLU B 370 27.79 8.42 20.19
C GLU B 370 29.16 8.18 20.85
N SER B 371 29.34 8.49 22.12
CA SER B 371 30.67 8.40 22.69
C SER B 371 30.80 7.17 23.60
N THR B 372 31.81 7.15 24.44
CA THR B 372 32.03 6.15 25.48
C THR B 372 31.77 6.77 26.84
N PRO B 373 31.65 5.96 27.89
CA PRO B 373 31.46 6.52 29.24
C PRO B 373 32.61 7.38 29.72
N VAL B 374 33.79 7.31 29.10
CA VAL B 374 34.96 7.95 29.69
C VAL B 374 35.65 8.89 28.70
N TYR B 375 34.95 9.31 27.67
CA TYR B 375 35.51 10.24 26.71
C TYR B 375 34.66 11.51 26.68
N PRO B 376 35.26 12.70 26.82
CA PRO B 376 36.70 12.93 27.02
C PRO B 376 37.21 12.56 28.40
N THR B 377 36.34 12.51 29.41
CA THR B 377 36.73 12.10 30.76
C THR B 377 35.62 11.23 31.35
N PRO B 378 35.85 10.55 32.49
CA PRO B 378 34.78 9.72 33.08
C PRO B 378 33.51 10.43 33.53
N SER B 379 33.44 11.76 33.46
CA SER B 379 32.22 12.47 33.83
C SER B 379 31.23 12.60 32.68
N ARG B 380 31.49 11.93 31.55
CA ARG B 380 30.70 12.19 30.33
C ARG B 380 29.22 11.88 30.54
N TYR B 381 28.90 10.73 31.16
CA TYR B 381 27.50 10.40 31.43
C TYR B 381 26.84 11.52 32.21
N TRP B 382 27.53 12.02 33.24
CA TRP B 382 26.91 12.97 34.14
C TRP B 382 26.87 14.37 33.54
N ASP B 383 27.89 14.75 32.77
CA ASP B 383 27.77 15.99 31.99
C ASP B 383 26.56 15.92 31.09
N PHE B 384 26.31 14.75 30.50
CA PHE B 384 25.16 14.55 29.61
C PHE B 384 23.85 14.75 30.37
N VAL B 385 23.74 14.14 31.55
CA VAL B 385 22.47 14.17 32.28
C VAL B 385 22.11 15.59 32.66
N ASP B 386 23.09 16.38 33.12
CA ASP B 386 22.83 17.76 33.51
C ASP B 386 22.69 18.71 32.33
N LYS B 387 23.31 18.40 31.18
CA LYS B 387 23.17 19.28 30.02
C LYS B 387 21.77 19.21 29.43
N TRP B 388 21.17 18.03 29.43
CA TRP B 388 19.87 17.82 28.81
C TRP B 388 18.76 17.55 29.81
N LYS B 389 19.09 17.54 31.11
CA LYS B 389 18.13 17.25 32.16
C LYS B 389 17.44 15.91 31.90
N ALA B 390 18.26 14.88 31.67
CA ALA B 390 17.74 13.55 31.40
C ALA B 390 16.93 13.04 32.57
N THR B 391 15.82 12.35 32.28
CA THR B 391 14.89 11.90 33.31
C THR B 391 15.02 10.41 33.64
N GLN B 392 15.53 9.62 32.72
CA GLN B 392 15.88 8.23 32.97
C GLN B 392 17.21 7.95 32.30
N LEU B 393 17.89 6.93 32.78
CA LEU B 393 19.17 6.49 32.24
C LEU B 393 19.21 4.98 32.25
N TYR B 394 19.58 4.39 31.11
CA TYR B 394 19.60 2.95 30.90
C TYR B 394 21.01 2.59 30.45
N THR B 395 21.73 1.81 31.27
CA THR B 395 23.09 1.45 30.90
C THR B 395 23.39 0.03 31.35
N ALA B 396 24.63 -0.38 31.15
CA ALA B 396 25.11 -1.73 31.38
C ALA B 396 25.98 -1.77 32.62
N PRO B 397 25.92 -2.87 33.37
CA PRO B 397 26.80 -3.01 34.54
C PRO B 397 28.28 -2.80 34.22
N THR B 398 28.76 -3.29 33.07
CA THR B 398 30.15 -3.07 32.71
CA THR B 398 30.15 -3.06 32.68
C THR B 398 30.50 -1.58 32.71
N ALA B 399 29.58 -0.74 32.23
CA ALA B 399 29.86 0.69 32.24
C ALA B 399 29.86 1.24 33.65
N ILE B 400 28.93 0.79 34.48
CA ILE B 400 28.84 1.27 35.87
C ILE B 400 30.10 0.89 36.64
N ARG B 401 30.54 -0.36 36.49
CA ARG B 401 31.76 -0.81 37.18
C ARG B 401 32.98 -0.02 36.70
N LEU B 402 33.07 0.21 35.40
CA LEU B 402 34.17 1.01 34.85
C LEU B 402 34.19 2.40 35.48
N LEU B 403 33.03 3.06 35.52
CA LEU B 403 32.96 4.40 36.09
C LEU B 403 33.32 4.40 37.55
N ARG B 404 32.84 3.40 38.29
CA ARG B 404 33.11 3.32 39.73
C ARG B 404 34.62 3.23 40.01
N ARG B 405 35.38 2.57 39.13
CA ARG B 405 36.83 2.55 39.30
C ARG B 405 37.47 3.90 39.04
N MET B 406 36.75 4.82 38.38
CA MET B 406 37.35 6.08 37.99
C MET B 406 37.29 7.13 39.09
N GLY B 407 36.55 6.90 40.16
CA GLY B 407 36.58 7.77 41.31
C GLY B 407 35.34 8.65 41.45
N GLU B 408 35.07 9.05 42.69
CA GLU B 408 33.84 9.77 43.01
C GLU B 408 33.82 11.18 42.42
N ASP B 409 34.97 11.80 42.17
CA ASP B 409 34.96 13.20 41.78
C ASP B 409 34.32 13.43 40.42
N HIS B 410 34.27 12.42 39.55
CA HIS B 410 33.64 12.60 38.26
C HIS B 410 32.11 12.68 38.35
N VAL B 411 31.50 12.27 39.47
CA VAL B 411 30.05 12.18 39.57
C VAL B 411 29.52 12.91 40.80
N LYS B 412 30.32 12.93 41.87
CA LYS B 412 29.86 13.39 43.18
C LYS B 412 29.36 14.82 43.17
N ASN B 413 29.84 15.66 42.25
CA ASN B 413 29.47 17.08 42.29
C ASN B 413 28.50 17.49 41.20
N HIS B 414 27.94 16.52 40.46
CA HIS B 414 26.92 16.88 39.50
C HIS B 414 25.57 17.09 40.18
N ASP B 415 24.60 17.53 39.40
CA ASP B 415 23.23 17.72 39.92
C ASP B 415 22.45 16.41 39.82
N LEU B 416 22.17 15.96 38.60
CA LEU B 416 21.49 14.69 38.32
C LEU B 416 20.06 14.62 38.87
N SER B 417 19.56 15.69 39.49
CA SER B 417 18.26 15.61 40.14
C SER B 417 17.10 15.48 39.15
N SER B 418 17.33 15.62 37.85
CA SER B 418 16.28 15.37 36.88
C SER B 418 16.02 13.89 36.66
N LEU B 419 16.97 13.04 37.03
CA LEU B 419 16.77 11.60 36.97
C LEU B 419 15.73 11.15 37.98
N ARG B 420 14.93 10.16 37.59
CA ARG B 420 14.02 9.46 38.50
C ARG B 420 14.25 7.96 38.52
N VAL B 421 14.67 7.38 37.39
CA VAL B 421 14.80 5.94 37.23
C VAL B 421 16.15 5.63 36.59
N LEU B 422 16.90 4.73 37.20
CA LEU B 422 18.16 4.24 36.66
C LEU B 422 17.98 2.76 36.34
N GLY B 423 18.16 2.40 35.08
CA GLY B 423 18.02 1.02 34.66
C GLY B 423 19.35 0.35 34.35
N SER B 424 19.38 -0.98 34.50
CA SER B 424 20.56 -1.79 34.20
C SER B 424 20.17 -2.92 33.25
N VAL B 425 21.04 -3.18 32.27
CA VAL B 425 20.74 -4.17 31.23
C VAL B 425 22.04 -4.83 30.78
N GLY B 426 21.97 -6.14 30.55
CA GLY B 426 23.00 -6.84 29.82
C GLY B 426 23.50 -8.10 30.52
N GLU B 427 23.76 -7.97 31.80
CA GLU B 427 24.24 -9.05 32.64
C GLU B 427 23.74 -8.75 34.04
N PRO B 428 23.84 -9.72 34.96
CA PRO B 428 23.50 -9.41 36.36
C PRO B 428 24.33 -8.25 36.86
N ILE B 429 23.70 -7.36 37.61
CA ILE B 429 24.43 -6.28 38.26
C ILE B 429 24.88 -6.75 39.64
N ASN B 430 26.11 -6.50 39.97
CA ASN B 430 26.69 -6.92 41.24
C ASN B 430 26.51 -5.85 42.31
N PRO B 431 26.47 -6.27 43.60
CA PRO B 431 26.26 -5.33 44.70
C PRO B 431 27.02 -4.02 44.60
N GLU B 432 28.36 -4.06 44.59
CA GLU B 432 29.14 -2.82 44.53
C GLU B 432 28.63 -1.88 43.46
N ALA B 433 28.36 -2.43 42.27
CA ALA B 433 27.87 -1.63 41.15
C ALA B 433 26.49 -1.06 41.44
N TRP B 434 25.57 -1.91 41.92
CA TRP B 434 24.21 -1.44 42.21
C TRP B 434 24.23 -0.31 43.23
N HIS B 435 25.00 -0.47 44.31
CA HIS B 435 25.02 0.56 45.34
CA HIS B 435 25.03 0.55 45.34
C HIS B 435 25.71 1.83 44.84
N TRP B 436 26.72 1.69 43.98
CA TRP B 436 27.38 2.86 43.41
C TRP B 436 26.41 3.65 42.53
N TYR B 437 25.77 2.95 41.61
CA TYR B 437 24.64 3.49 40.84
C TYR B 437 23.66 4.23 41.73
N ASN B 438 23.16 3.54 42.77
CA ASN B 438 22.15 4.10 43.65
C ASN B 438 22.68 5.30 44.43
N ASP B 439 23.90 5.19 44.97
CA ASP B 439 24.44 6.24 45.83
C ASP B 439 24.82 7.50 45.05
N PHE B 440 25.45 7.33 43.88
CA PHE B 440 26.09 8.44 43.19
C PHE B 440 25.34 8.92 41.96
N ALA B 441 24.96 8.02 41.06
CA ALA B 441 24.18 8.45 39.90
C ALA B 441 22.79 8.93 40.32
N GLY B 442 22.17 8.24 41.28
CA GLY B 442 20.83 8.57 41.69
C GLY B 442 20.73 9.30 43.00
N LYS B 443 21.86 9.57 43.66
CA LYS B 443 21.93 10.23 44.97
C LYS B 443 20.92 9.62 45.95
N ASN B 444 20.72 8.30 45.85
CA ASN B 444 19.75 7.57 46.68
C ASN B 444 18.35 8.12 46.50
N GLN B 445 18.06 8.67 45.34
CA GLN B 445 16.76 9.24 45.08
C GLN B 445 16.09 8.70 43.81
N CYS B 446 16.70 7.73 43.13
CA CYS B 446 16.11 7.11 41.97
C CYS B 446 15.79 5.66 42.26
N ALA B 447 14.70 5.18 41.69
CA ALA B 447 14.44 3.74 41.66
C ALA B 447 15.42 3.07 40.69
N ILE B 448 16.04 1.98 41.12
CA ILE B 448 16.95 1.23 40.26
C ILE B 448 16.20 0.07 39.63
N VAL B 449 16.08 0.10 38.31
CA VAL B 449 15.30 -0.87 37.55
C VAL B 449 16.29 -1.83 36.89
N ASP B 450 16.47 -3.00 37.51
CA ASP B 450 17.24 -4.10 36.94
C ASP B 450 16.37 -4.89 35.98
N THR B 451 16.78 -5.00 34.72
CA THR B 451 15.92 -5.59 33.69
C THR B 451 16.52 -6.87 33.12
N TYR B 452 15.65 -7.81 32.76
CA TYR B 452 16.02 -9.07 32.13
C TYR B 452 15.17 -9.30 30.90
N TRP B 453 15.83 -9.62 29.78
CA TRP B 453 15.18 -9.94 28.51
C TRP B 453 16.23 -10.36 27.48
N MET B 454 15.82 -10.64 26.25
CA MET B 454 16.75 -11.10 25.22
C MET B 454 16.27 -10.59 23.88
N THR B 455 17.13 -10.74 22.87
CA THR B 455 16.71 -10.43 21.50
C THR B 455 15.42 -11.16 21.15
N GLU B 456 15.27 -12.40 21.64
CA GLU B 456 14.10 -13.20 21.30
C GLU B 456 12.85 -12.75 22.01
N THR B 457 12.95 -12.05 23.15
CA THR B 457 11.75 -11.58 23.84
C THR B 457 11.27 -10.22 23.33
N GLY B 458 12.09 -9.50 22.56
CA GLY B 458 11.64 -8.25 21.96
C GLY B 458 11.61 -7.07 22.91
N SER B 459 11.24 -7.33 24.16
CA SER B 459 11.15 -6.27 25.14
C SER B 459 11.34 -6.87 26.52
N ILE B 460 11.48 -5.98 27.51
CA ILE B 460 11.81 -6.37 28.87
C ILE B 460 10.83 -7.40 29.40
N SER B 461 11.36 -8.46 30.00
CA SER B 461 10.55 -9.57 30.50
C SER B 461 10.38 -9.57 32.01
N ILE B 462 11.45 -9.31 32.76
CA ILE B 462 11.41 -9.26 34.21
C ILE B 462 12.10 -7.97 34.64
N ALA B 463 11.40 -7.16 35.43
CA ALA B 463 11.91 -5.87 35.88
C ALA B 463 10.99 -5.33 36.95
N PRO B 464 11.51 -4.55 37.89
CA PRO B 464 10.63 -3.88 38.87
C PRO B 464 9.92 -2.71 38.21
N LEU B 465 8.64 -2.53 38.55
CA LEU B 465 7.96 -1.29 38.20
C LEU B 465 8.33 -0.21 39.21
N PRO B 466 8.98 0.88 38.79
CA PRO B 466 9.72 1.72 39.74
C PRO B 466 8.86 2.43 40.76
N GLY B 467 7.61 2.76 40.44
CA GLY B 467 6.71 3.33 41.43
C GLY B 467 6.03 2.34 42.36
N ALA B 468 6.18 1.02 42.11
CA ALA B 468 5.48 -0.01 42.87
C ALA B 468 6.41 -0.97 43.61
N ILE B 469 7.53 -1.38 43.02
CA ILE B 469 8.32 -2.49 43.55
C ILE B 469 9.48 -1.97 44.38
N SER B 470 9.62 -2.48 45.61
CA SER B 470 10.80 -2.25 46.41
C SER B 470 11.89 -3.24 45.98
N THR B 471 13.12 -2.74 45.84
CA THR B 471 14.13 -3.44 45.06
C THR B 471 15.16 -4.12 45.96
N LYS B 472 15.68 -5.24 45.47
CA LYS B 472 16.82 -5.96 46.05
C LYS B 472 18.01 -5.85 45.11
N PRO B 473 19.19 -5.47 45.61
CA PRO B 473 20.35 -5.28 44.72
C PRO B 473 20.76 -6.58 44.04
N GLY B 474 20.69 -6.58 42.71
CA GLY B 474 20.97 -7.76 41.91
C GLY B 474 19.74 -8.50 41.39
N SER B 475 18.54 -8.12 41.80
CA SER B 475 17.34 -8.92 41.54
C SER B 475 16.47 -8.29 40.46
N ALA B 476 16.02 -9.12 39.53
CA ALA B 476 15.12 -8.65 38.47
C ALA B 476 13.72 -8.36 39.01
N THR B 477 13.32 -9.05 40.09
CA THR B 477 12.05 -8.95 40.82
C THR B 477 10.91 -9.69 40.13
N PHE B 478 10.10 -9.01 39.32
CA PHE B 478 8.84 -9.63 38.91
C PHE B 478 8.55 -9.53 37.43
N PRO B 479 7.81 -10.49 36.86
CA PRO B 479 7.60 -10.53 35.42
C PRO B 479 6.81 -9.32 34.93
N PHE B 480 7.03 -8.96 33.67
CA PHE B 480 6.30 -7.84 33.11
C PHE B 480 4.93 -8.31 32.62
N PHE B 481 4.06 -7.33 32.31
CA PHE B 481 2.76 -7.58 31.69
C PHE B 481 2.84 -8.60 30.57
N GLY B 482 2.00 -9.63 30.65
CA GLY B 482 1.97 -10.66 29.65
C GLY B 482 3.00 -11.76 29.82
N MET B 483 3.91 -11.64 30.77
CA MET B 483 4.93 -12.64 30.99
C MET B 483 4.49 -13.48 32.18
N ASP B 484 4.15 -14.73 31.90
CA ASP B 484 3.86 -15.73 32.92
C ASP B 484 5.05 -16.67 32.91
N VAL B 485 5.95 -16.51 33.88
CA VAL B 485 7.19 -17.26 33.88
C VAL B 485 7.20 -18.22 35.07
N ASP B 486 8.04 -19.25 34.96
CA ASP B 486 8.26 -20.14 36.09
C ASP B 486 9.63 -20.79 35.95
N ILE B 487 9.96 -21.66 36.90
CA ILE B 487 11.28 -22.27 37.02
C ILE B 487 11.14 -23.78 36.94
N ILE B 488 11.82 -24.37 35.98
CA ILE B 488 11.80 -25.81 35.73
C ILE B 488 13.03 -26.45 36.32
N ASP B 489 12.88 -27.65 36.84
CA ASP B 489 14.03 -28.51 37.13
C ASP B 489 14.67 -28.92 35.82
N PRO B 490 15.94 -28.58 35.55
CA PRO B 490 16.50 -28.95 34.25
C PRO B 490 16.63 -30.44 34.06
N GLN B 491 16.89 -31.19 35.12
CA GLN B 491 17.17 -32.61 35.02
C GLN B 491 15.91 -33.45 34.86
N THR B 492 14.73 -32.93 35.23
CA THR B 492 13.51 -33.71 35.20
C THR B 492 12.41 -33.13 34.32
N GLY B 493 12.60 -31.95 33.76
CA GLY B 493 11.55 -31.33 32.96
C GLY B 493 10.43 -30.69 33.74
N GLN B 494 10.30 -30.99 35.04
CA GLN B 494 9.15 -30.57 35.83
C GLN B 494 9.36 -29.20 36.48
N VAL B 495 8.24 -28.58 36.84
CA VAL B 495 8.22 -27.22 37.36
C VAL B 495 8.38 -27.26 38.88
N LEU B 496 9.26 -26.40 39.39
CA LEU B 496 9.46 -26.27 40.83
C LEU B 496 8.40 -25.34 41.42
N GLU B 497 7.76 -25.79 42.50
CA GLU B 497 6.71 -25.03 43.16
C GLU B 497 7.24 -24.39 44.44
N GLY B 498 6.70 -23.22 44.77
CA GLY B 498 7.08 -22.52 45.98
C GLY B 498 8.27 -21.61 45.78
N ASN B 499 8.64 -20.95 46.87
CA ASN B 499 9.82 -20.10 46.87
C ASN B 499 11.04 -20.94 47.24
N ASP B 500 12.22 -20.29 47.24
CA ASP B 500 13.49 -20.94 47.55
C ASP B 500 13.78 -22.10 46.59
N VAL B 501 13.47 -21.90 45.31
CA VAL B 501 13.74 -22.88 44.26
C VAL B 501 14.70 -22.24 43.26
N GLU B 502 15.36 -23.11 42.50
CA GLU B 502 16.36 -22.71 41.52
C GLU B 502 16.38 -23.69 40.36
N GLY B 503 16.43 -23.18 39.13
CA GLY B 503 16.44 -24.02 37.95
C GLY B 503 16.55 -23.27 36.64
N VAL B 504 15.84 -23.72 35.60
CA VAL B 504 15.86 -23.03 34.31
C VAL B 504 14.59 -22.18 34.23
N LEU B 505 14.73 -21.02 33.61
CA LEU B 505 13.63 -20.08 33.48
C LEU B 505 12.84 -20.40 32.22
N VAL B 506 11.51 -20.43 32.33
CA VAL B 506 10.64 -20.65 31.19
C VAL B 506 9.45 -19.71 31.31
N ALA B 507 8.80 -19.49 30.17
CA ALA B 507 7.55 -18.74 30.10
C ALA B 507 6.45 -19.66 29.59
N ARG B 508 5.25 -19.50 30.14
CA ARG B 508 4.17 -20.47 29.96
C ARG B 508 3.27 -20.16 28.74
N ARG B 509 3.36 -18.98 28.14
CA ARG B 509 2.46 -18.61 27.05
C ARG B 509 3.13 -17.54 26.19
N PRO B 510 2.73 -17.42 24.93
CA PRO B 510 3.28 -16.35 24.09
C PRO B 510 2.94 -14.96 24.63
N TRP B 511 3.79 -14.01 24.27
CA TRP B 511 3.57 -12.59 24.55
C TRP B 511 3.70 -11.81 23.26
N PRO B 512 3.20 -10.58 23.21
CA PRO B 512 3.08 -9.91 21.90
C PRO B 512 4.40 -9.70 21.18
N SER B 513 5.51 -9.46 21.89
CA SER B 513 6.77 -9.11 21.23
C SER B 513 7.73 -10.29 21.07
N ILE B 514 7.28 -11.52 21.32
CA ILE B 514 8.14 -12.67 21.11
C ILE B 514 8.56 -12.76 19.64
N ALA B 515 9.82 -13.12 19.42
CA ALA B 515 10.28 -13.40 18.07
C ALA B 515 9.40 -14.47 17.42
N ARG B 516 9.18 -14.33 16.12
CA ARG B 516 8.24 -15.18 15.41
C ARG B 516 8.91 -16.33 14.68
N THR B 517 10.17 -16.17 14.28
CA THR B 517 10.92 -17.24 13.64
C THR B 517 12.41 -16.89 13.67
N VAL B 518 13.22 -17.77 13.11
CA VAL B 518 14.58 -17.45 12.74
C VAL B 518 14.61 -17.40 11.21
N TYR B 519 15.22 -16.35 10.66
CA TYR B 519 15.02 -16.05 9.24
C TYR B 519 15.39 -17.24 8.34
N ARG B 520 14.43 -17.69 7.55
CA ARG B 520 14.57 -18.83 6.63
C ARG B 520 15.11 -20.06 7.34
N ASP B 521 14.83 -20.18 8.64
CA ASP B 521 15.31 -21.32 9.41
C ASP B 521 14.38 -21.56 10.59
N HIS B 522 13.10 -21.80 10.30
CA HIS B 522 12.11 -21.98 11.36
C HIS B 522 12.42 -23.21 12.22
N LYS B 523 13.01 -24.25 11.64
CA LYS B 523 13.31 -25.45 12.42
C LYS B 523 14.30 -25.13 13.54
N ARG B 524 15.30 -24.29 13.26
CA ARG B 524 16.24 -23.89 14.29
C ARG B 524 15.56 -23.08 15.38
N TYR B 525 14.53 -22.31 15.00
CA TYR B 525 13.72 -21.59 15.97
C TYR B 525 13.00 -22.55 16.90
N LEU B 526 12.36 -23.57 16.34
CA LEU B 526 11.65 -24.55 17.16
C LEU B 526 12.62 -25.34 18.03
N GLU B 527 13.73 -25.79 17.44
CA GLU B 527 14.66 -26.65 18.17
C GLU B 527 15.29 -25.92 19.34
N THR B 528 15.58 -24.63 19.16
CA THR B 528 16.28 -23.87 20.17
C THR B 528 15.36 -23.46 21.32
N TYR B 529 14.17 -22.94 21.01
CA TYR B 529 13.32 -22.34 22.03
C TYR B 529 12.13 -23.20 22.45
N MET B 530 11.60 -24.05 21.57
CA MET B 530 10.33 -24.70 21.84
C MET B 530 10.41 -26.18 22.18
N LYS B 531 11.50 -26.86 21.80
CA LYS B 531 11.63 -28.31 22.01
C LYS B 531 12.22 -28.68 23.37
N PRO B 532 13.23 -27.96 23.90
CA PRO B 532 13.89 -28.41 25.14
C PRO B 532 12.93 -28.66 26.29
N TYR B 533 11.84 -27.91 26.36
CA TYR B 533 10.89 -27.98 27.47
C TYR B 533 9.52 -27.79 26.85
N PRO B 534 8.97 -28.85 26.29
CA PRO B 534 7.74 -28.71 25.49
C PRO B 534 6.61 -28.09 26.30
N GLY B 535 5.95 -27.13 25.67
CA GLY B 535 4.90 -26.36 26.32
C GLY B 535 5.37 -25.02 26.82
N TYR B 536 6.68 -24.78 26.81
CA TYR B 536 7.25 -23.56 27.36
C TYR B 536 8.19 -22.94 26.35
N PHE B 537 8.46 -21.66 26.56
CA PHE B 537 9.56 -20.98 25.89
C PHE B 537 10.78 -21.10 26.79
N PHE B 538 11.92 -21.47 26.21
CA PHE B 538 13.15 -21.69 26.95
C PHE B 538 14.06 -20.48 26.76
N PHE B 539 14.19 -19.67 27.80
CA PHE B 539 15.08 -18.51 27.72
C PHE B 539 16.54 -18.93 27.61
N GLY B 540 16.91 -20.08 28.14
CA GLY B 540 18.30 -20.47 28.19
C GLY B 540 19.09 -19.94 29.36
N ASP B 541 18.45 -19.32 30.34
CA ASP B 541 19.12 -18.82 31.52
C ASP B 541 18.65 -19.54 32.78
N GLY B 542 19.53 -19.55 33.77
CA GLY B 542 19.15 -19.99 35.09
C GLY B 542 18.43 -18.89 35.86
N ALA B 543 17.58 -19.31 36.80
CA ALA B 543 16.82 -18.35 37.58
C ALA B 543 16.53 -18.96 38.94
N ALA B 544 16.49 -18.11 39.96
CA ALA B 544 16.07 -18.53 41.28
C ALA B 544 14.94 -17.62 41.75
N ARG B 545 14.13 -18.16 42.65
CA ARG B 545 13.04 -17.44 43.30
C ARG B 545 13.32 -17.49 44.79
N ASP B 546 13.59 -16.33 45.38
CA ASP B 546 13.97 -16.32 46.79
C ASP B 546 12.72 -16.41 47.66
N TYR B 547 12.90 -16.32 48.99
CA TYR B 547 11.80 -16.61 49.89
C TYR B 547 10.63 -15.64 49.74
N ASP B 548 10.91 -14.40 49.32
CA ASP B 548 9.88 -13.40 49.09
C ASP B 548 9.29 -13.48 47.69
N GLY B 549 9.66 -14.50 46.91
CA GLY B 549 9.20 -14.60 45.54
C GLY B 549 9.93 -13.72 44.54
N TYR B 550 10.97 -12.99 44.95
CA TYR B 550 11.77 -12.23 44.01
C TYR B 550 12.55 -13.18 43.11
N MET B 551 12.63 -12.83 41.83
CA MET B 551 13.34 -13.62 40.82
C MET B 551 14.76 -13.11 40.62
N TRP B 552 15.71 -14.04 40.59
CA TRP B 552 17.12 -13.74 40.36
C TRP B 552 17.61 -14.52 39.14
N ILE B 553 18.30 -13.84 38.23
CA ILE B 553 18.84 -14.45 37.02
C ILE B 553 20.27 -14.89 37.27
N LYS B 554 20.56 -16.16 36.97
CA LYS B 554 21.91 -16.67 37.05
C LYS B 554 22.69 -16.30 35.78
N GLY B 555 23.94 -15.88 35.97
CA GLY B 555 24.85 -15.65 34.86
C GLY B 555 25.38 -16.95 34.28
N ARG B 556 26.27 -16.81 33.30
CA ARG B 556 26.77 -17.96 32.56
C ARG B 556 28.21 -18.27 32.94
N VAL B 557 28.46 -19.55 33.27
CA VAL B 557 29.78 -20.02 33.64
C VAL B 557 30.69 -20.07 32.42
N ASP B 558 31.92 -19.56 32.57
CA ASP B 558 32.88 -19.66 31.48
C ASP B 558 34.29 -19.53 32.00
N ASP B 559 35.14 -20.51 31.67
CA ASP B 559 36.57 -20.38 31.82
C ASP B 559 37.15 -19.62 30.63
N VAL B 560 38.04 -18.67 30.91
CA VAL B 560 38.70 -17.90 29.85
C VAL B 560 40.20 -18.13 29.97
N ILE B 561 40.86 -18.22 28.82
CA ILE B 561 42.23 -18.68 28.68
C ILE B 561 42.97 -17.65 27.83
N ASN B 562 44.28 -17.53 28.04
CA ASN B 562 45.09 -16.51 27.38
C ASN B 562 46.08 -17.21 26.45
N VAL B 563 45.77 -17.20 25.15
CA VAL B 563 46.64 -17.83 24.15
C VAL B 563 47.37 -16.72 23.40
N SER B 564 48.68 -16.62 23.63
CA SER B 564 49.56 -15.68 22.93
C SER B 564 49.09 -14.22 23.08
N GLY B 565 48.40 -13.93 24.18
CA GLY B 565 47.89 -12.60 24.43
C GLY B 565 46.44 -12.39 24.09
N HIS B 566 45.72 -13.44 23.70
CA HIS B 566 44.30 -13.35 23.35
C HIS B 566 43.46 -13.94 24.46
N ARG B 567 42.48 -13.18 24.93
CA ARG B 567 41.51 -13.71 25.88
C ARG B 567 40.55 -14.60 25.11
N LEU B 568 40.66 -15.90 25.34
CA LEU B 568 39.99 -16.91 24.53
C LEU B 568 38.96 -17.63 25.38
N SER B 569 37.69 -17.50 25.02
CA SER B 569 36.63 -18.19 25.73
C SER B 569 36.69 -19.68 25.44
N THR B 570 36.78 -20.49 26.51
CA THR B 570 36.86 -21.94 26.34
C THR B 570 35.56 -22.52 25.78
N ALA B 571 34.42 -21.85 26.05
CA ALA B 571 33.15 -22.32 25.53
C ALA B 571 32.99 -22.00 24.05
N GLU B 572 33.51 -20.86 23.60
CA GLU B 572 33.50 -20.52 22.19
C GLU B 572 34.28 -21.55 21.37
N VAL B 573 35.36 -22.10 21.93
CA VAL B 573 36.08 -23.19 21.26
C VAL B 573 35.25 -24.46 21.30
N GLU B 574 34.64 -24.76 22.46
CA GLU B 574 33.77 -25.92 22.57
C GLU B 574 32.62 -25.84 21.57
N SER B 575 31.89 -24.72 21.57
CA SER B 575 30.74 -24.56 20.70
C SER B 575 31.13 -24.51 19.22
N ALA B 576 32.40 -24.30 18.91
CA ALA B 576 32.87 -24.35 17.52
C ALA B 576 33.22 -25.77 17.10
N LEU B 577 33.80 -26.58 17.99
CA LEU B 577 34.03 -27.98 17.68
C LEU B 577 32.72 -28.72 17.48
N ILE B 578 31.64 -28.26 18.12
CA ILE B 578 30.32 -28.86 17.96
C ILE B 578 29.80 -28.64 16.54
N LEU B 579 30.20 -27.53 15.90
CA LEU B 579 29.71 -27.25 14.55
C LEU B 579 30.13 -28.34 13.57
N HIS B 580 31.32 -28.92 13.77
CA HIS B 580 31.73 -30.08 12.96
C HIS B 580 30.88 -31.29 13.36
N LYS B 581 30.17 -31.85 12.39
CA LYS B 581 29.24 -32.95 12.66
C LYS B 581 30.00 -34.16 13.20
N GLY B 582 29.28 -34.98 13.98
CA GLY B 582 29.82 -36.17 14.59
C GLY B 582 30.27 -35.99 16.02
N VAL B 583 30.60 -34.77 16.43
CA VAL B 583 31.00 -34.50 17.80
C VAL B 583 29.79 -34.67 18.71
N ALA B 584 29.90 -35.58 19.68
CA ALA B 584 28.84 -35.73 20.67
C ALA B 584 29.00 -34.67 21.77
N GLU B 585 30.05 -34.82 22.59
CA GLU B 585 30.35 -33.89 23.67
C GLU B 585 31.82 -33.51 23.59
N THR B 586 32.12 -32.25 23.92
CA THR B 586 33.50 -31.77 23.95
C THR B 586 33.78 -31.05 25.25
N ALA B 587 35.04 -31.08 25.65
CA ALA B 587 35.51 -30.36 26.84
C ALA B 587 36.85 -29.73 26.50
N VAL B 588 36.90 -28.41 26.48
CA VAL B 588 38.10 -27.65 26.14
C VAL B 588 38.70 -27.09 27.44
N VAL B 589 39.94 -27.49 27.75
CA VAL B 589 40.67 -26.95 28.89
C VAL B 589 41.96 -26.31 28.40
N GLY B 590 42.41 -25.29 29.14
CA GLY B 590 43.67 -24.62 28.86
C GLY B 590 44.77 -25.09 29.78
N CYS B 591 46.00 -25.13 29.26
CA CYS B 591 47.16 -25.60 30.01
C CYS B 591 48.36 -24.72 29.68
N ALA B 592 49.30 -24.68 30.63
CA ALA B 592 50.51 -23.89 30.47
C ALA B 592 51.28 -24.35 29.24
N ASP B 593 51.88 -23.39 28.53
CA ASP B 593 52.54 -23.68 27.26
C ASP B 593 53.89 -22.98 27.19
N ASP B 594 54.89 -23.73 26.71
CA ASP B 594 56.26 -23.22 26.64
C ASP B 594 56.41 -22.04 25.67
N LEU B 595 55.44 -21.83 24.77
CA LEU B 595 55.58 -20.87 23.67
C LEU B 595 54.48 -19.83 23.61
N THR B 596 53.22 -20.23 23.82
CA THR B 596 52.07 -19.35 23.65
C THR B 596 51.51 -18.86 24.98
N GLY B 597 52.20 -19.12 26.09
CA GLY B 597 51.68 -18.82 27.41
C GLY B 597 50.76 -19.94 27.88
N GLN B 598 49.61 -20.04 27.24
CA GLN B 598 48.72 -21.17 27.42
C GLN B 598 48.34 -21.74 26.06
N ALA B 599 48.05 -23.03 26.03
CA ALA B 599 47.67 -23.73 24.81
C ALA B 599 46.30 -24.37 24.97
N VAL B 600 45.55 -24.43 23.87
CA VAL B 600 44.19 -24.96 23.86
C VAL B 600 44.25 -26.48 23.72
N TYR B 601 43.56 -27.18 24.63
CA TYR B 601 43.44 -28.64 24.57
C TYR B 601 41.97 -29.02 24.56
N ALA B 602 41.60 -29.85 23.59
CA ALA B 602 40.21 -30.23 23.36
C ALA B 602 40.06 -31.74 23.54
N PHE B 603 39.09 -32.13 24.36
CA PHE B 603 38.63 -33.52 24.44
C PHE B 603 37.30 -33.64 23.72
N VAL B 604 37.21 -34.59 22.78
CA VAL B 604 36.04 -34.74 21.92
C VAL B 604 35.62 -36.21 21.91
N THR B 605 34.34 -36.46 22.20
CA THR B 605 33.73 -37.75 22.03
C THR B 605 32.83 -37.74 20.80
N MET B 606 32.70 -38.90 20.17
CA MET B 606 32.04 -39.02 18.87
C MET B 606 30.72 -39.76 18.99
N LYS B 607 29.81 -39.45 18.06
CA LYS B 607 28.52 -40.13 17.99
C LYS B 607 28.71 -41.59 17.59
N PRO B 608 27.79 -42.47 17.97
CA PRO B 608 27.88 -43.86 17.49
C PRO B 608 27.95 -43.98 15.97
N GLU B 609 27.33 -43.04 15.24
CA GLU B 609 27.22 -43.07 13.80
C GLU B 609 28.48 -42.66 13.06
N PHE B 610 29.62 -42.54 13.74
CA PHE B 610 30.86 -42.11 13.11
C PHE B 610 31.84 -43.27 13.07
N ASP B 611 32.40 -43.53 11.88
CA ASP B 611 33.38 -44.60 11.71
C ASP B 611 34.80 -44.06 11.86
N GLU B 617 41.51 -40.82 12.70
CA GLU B 617 41.63 -39.94 13.86
C GLU B 617 42.39 -38.67 13.49
N ALA B 618 43.64 -38.83 13.06
CA ALA B 618 44.48 -37.68 12.72
C ALA B 618 43.85 -36.81 11.63
N ASP B 619 43.15 -37.44 10.68
CA ASP B 619 42.43 -36.67 9.67
C ASP B 619 41.26 -35.90 10.28
N LEU B 620 40.66 -36.44 11.33
CA LEU B 620 39.54 -35.77 11.99
C LEU B 620 40.03 -34.58 12.83
N SER B 621 41.15 -34.75 13.52
CA SER B 621 41.70 -33.64 14.30
C SER B 621 42.09 -32.49 13.40
N LYS B 622 42.75 -32.79 12.26
CA LYS B 622 43.07 -31.75 11.29
C LYS B 622 41.80 -31.06 10.81
N GLU B 623 40.74 -31.84 10.56
CA GLU B 623 39.47 -31.25 10.15
C GLU B 623 38.84 -30.45 11.29
N LEU B 624 39.10 -30.83 12.53
CA LEU B 624 38.53 -30.11 13.67
C LEU B 624 39.23 -28.79 13.91
N ALA B 625 40.57 -28.79 13.86
CA ALA B 625 41.30 -27.54 14.00
C ALA B 625 40.86 -26.51 12.95
N ILE B 626 40.48 -26.97 11.75
CA ILE B 626 40.05 -26.05 10.70
C ILE B 626 38.75 -25.36 11.10
N GLN B 627 37.84 -26.09 11.76
CA GLN B 627 36.59 -25.47 12.21
C GLN B 627 36.86 -24.36 13.22
N VAL B 628 37.77 -24.62 14.18
CA VAL B 628 38.08 -23.61 15.18
C VAL B 628 38.85 -22.45 14.55
N ARG B 629 39.80 -22.74 13.65
CA ARG B 629 40.64 -21.69 13.07
C ARG B 629 39.80 -20.67 12.33
N LYS B 630 38.83 -21.12 11.53
CA LYS B 630 37.99 -20.22 10.76
C LYS B 630 36.88 -19.59 11.61
N VAL B 631 36.34 -20.35 12.56
CA VAL B 631 35.20 -19.85 13.33
C VAL B 631 35.62 -18.81 14.38
N ILE B 632 36.84 -18.92 14.93
CA ILE B 632 37.30 -18.00 15.98
C ILE B 632 38.52 -17.23 15.50
N GLY B 633 39.61 -17.95 15.24
CA GLY B 633 40.86 -17.34 14.83
C GLY B 633 41.97 -18.37 14.78
N PRO B 634 43.09 -18.02 14.14
CA PRO B 634 44.18 -19.00 14.00
C PRO B 634 44.80 -19.40 15.34
N PHE B 635 44.99 -18.43 16.25
CA PHE B 635 45.51 -18.73 17.58
C PHE B 635 44.65 -19.70 18.36
N ALA B 636 43.36 -19.81 18.01
CA ALA B 636 42.42 -20.62 18.76
C ALA B 636 42.52 -22.11 18.44
N ALA B 637 43.21 -22.50 17.39
CA ALA B 637 43.26 -23.90 17.00
C ALA B 637 43.99 -24.73 18.05
N PRO B 638 43.36 -25.80 18.57
CA PRO B 638 43.98 -26.59 19.65
C PRO B 638 45.38 -27.09 19.30
N LYS B 639 46.24 -27.13 20.31
CA LYS B 639 47.56 -27.73 20.15
C LYS B 639 47.46 -29.25 20.13
N LYS B 640 46.47 -29.81 20.82
CA LYS B 640 46.19 -31.24 20.81
C LYS B 640 44.69 -31.44 20.90
N ILE B 641 44.17 -32.35 20.07
CA ILE B 641 42.78 -32.81 20.14
C ILE B 641 42.80 -34.28 20.52
N TYR B 642 41.94 -34.65 21.46
CA TYR B 642 41.87 -36.02 21.98
C TYR B 642 40.48 -36.59 21.69
N LEU B 643 40.45 -37.67 20.93
CA LEU B 643 39.20 -38.39 20.67
C LEU B 643 39.02 -39.42 21.78
N VAL B 644 38.05 -39.17 22.65
CA VAL B 644 37.81 -40.00 23.83
C VAL B 644 36.46 -40.70 23.68
N SER B 645 36.38 -41.90 24.25
CA SER B 645 35.13 -42.65 24.37
C SER B 645 34.07 -41.84 25.10
N ASP B 646 34.19 -41.75 26.43
CA ASP B 646 33.27 -40.97 27.25
C ASP B 646 34.07 -40.00 28.11
N LEU B 647 33.61 -38.74 28.16
CA LEU B 647 34.20 -37.77 29.07
C LEU B 647 33.87 -38.15 30.52
N PRO B 648 34.71 -37.77 31.48
CA PRO B 648 34.44 -38.08 32.90
C PRO B 648 33.36 -37.16 33.45
N LYS B 649 32.24 -37.76 33.87
CA LYS B 649 31.11 -37.00 34.39
C LYS B 649 30.59 -37.60 35.70
N GLY B 653 27.63 -36.54 36.74
CA GLY B 653 26.82 -35.65 35.93
C GLY B 653 27.59 -34.64 35.09
CB ALY B 654 29.18 -31.51 36.02
CA ALY B 654 29.10 -32.72 35.08
N ALY B 654 28.44 -33.83 35.75
C ALY B 654 30.49 -33.10 34.61
O ALY B 654 31.14 -33.99 35.16
N ILE B 655 30.97 -32.39 33.57
CA ILE B 655 32.31 -32.62 33.05
C ILE B 655 33.33 -32.14 34.08
N MET B 656 34.33 -32.99 34.35
CA MET B 656 35.33 -32.71 35.40
C MET B 656 36.55 -32.04 34.78
N ARG B 657 36.44 -30.74 34.56
CA ARG B 657 37.52 -30.01 33.90
C ARG B 657 38.77 -29.89 34.77
N ARG B 658 38.65 -29.96 36.10
CA ARG B 658 39.84 -29.93 36.93
C ARG B 658 40.66 -31.20 36.79
N VAL B 659 40.00 -32.35 36.60
CA VAL B 659 40.73 -33.59 36.37
C VAL B 659 41.31 -33.62 34.96
N LEU B 660 40.60 -33.04 33.98
CA LEU B 660 41.17 -32.95 32.64
C LEU B 660 42.40 -32.04 32.62
N ARG B 661 42.30 -30.88 33.28
CA ARG B 661 43.43 -29.95 33.32
C ARG B 661 44.67 -30.62 33.89
N LYS B 662 44.54 -31.28 35.04
CA LYS B 662 45.70 -31.84 35.73
C LYS B 662 46.29 -33.04 35.00
N ILE B 663 45.55 -33.64 34.06
CA ILE B 663 46.10 -34.71 33.23
C ILE B 663 47.02 -34.15 32.15
N VAL B 664 46.56 -33.09 31.46
CA VAL B 664 47.43 -32.38 30.52
C VAL B 664 48.65 -31.81 31.24
N ALA B 665 48.48 -31.40 32.50
CA ALA B 665 49.57 -30.81 33.27
C ALA B 665 50.52 -31.86 33.85
N GLY B 666 50.08 -33.11 33.98
CA GLY B 666 50.95 -34.17 34.46
C GLY B 666 51.07 -34.30 35.98
N PRO B 680 34.67 -43.67 36.25
CA PRO B 680 35.54 -44.55 37.06
C PRO B 680 36.70 -45.12 36.25
N GLN B 681 36.39 -46.00 35.29
CA GLN B 681 37.40 -46.51 34.36
C GLN B 681 37.66 -45.54 33.21
N ILE B 682 36.88 -44.47 33.08
CA ILE B 682 37.09 -43.52 31.99
C ILE B 682 38.31 -42.65 32.24
N VAL B 683 38.64 -42.38 33.51
CA VAL B 683 39.76 -41.50 33.81
C VAL B 683 41.09 -42.19 33.48
N GLU B 684 41.18 -43.49 33.74
CA GLU B 684 42.40 -44.21 33.36
C GLU B 684 42.56 -44.28 31.85
N GLU B 685 41.44 -44.38 31.12
CA GLU B 685 41.48 -44.41 29.67
C GLU B 685 41.88 -43.07 29.07
N VAL B 686 41.61 -41.97 29.77
CA VAL B 686 41.93 -40.64 29.24
C VAL B 686 43.40 -40.32 29.48
N LYS B 687 43.94 -40.73 30.64
CA LYS B 687 45.38 -40.64 30.85
C LYS B 687 46.14 -41.42 29.78
N GLN B 688 45.72 -42.66 29.53
CA GLN B 688 46.39 -43.50 28.54
C GLN B 688 46.28 -42.92 27.13
N LYS B 689 45.23 -42.16 26.87
CA LYS B 689 45.08 -41.49 25.58
C LYS B 689 45.82 -40.15 25.58
N ASP C 39 -44.60 -39.75 -10.02
CA ASP C 39 -43.30 -39.98 -9.36
C ASP C 39 -42.80 -38.71 -8.64
N LEU C 40 -43.18 -38.58 -7.37
CA LEU C 40 -42.93 -37.37 -6.59
C LEU C 40 -42.51 -37.77 -5.19
N PHE C 41 -41.29 -37.39 -4.80
CA PHE C 41 -40.71 -37.83 -3.52
C PHE C 41 -40.59 -36.63 -2.58
N ALA C 42 -41.47 -36.57 -1.58
CA ALA C 42 -41.42 -35.52 -0.57
C ALA C 42 -40.19 -35.68 0.32
N PRO C 43 -39.70 -34.59 0.91
CA PRO C 43 -38.52 -34.70 1.80
C PRO C 43 -38.76 -35.72 2.89
N PRO C 44 -37.90 -36.72 3.00
CA PRO C 44 -38.13 -37.81 3.99
C PRO C 44 -37.88 -37.34 5.41
N PRO C 45 -38.16 -38.18 6.42
CA PRO C 45 -37.99 -37.75 7.83
C PRO C 45 -36.64 -37.14 8.17
N ARG C 46 -35.54 -37.75 7.72
CA ARG C 46 -34.21 -37.17 7.97
C ARG C 46 -34.10 -35.71 7.51
N MET C 47 -34.98 -35.27 6.60
CA MET C 47 -34.99 -33.89 6.14
C MET C 47 -36.19 -33.13 6.68
N GLN C 48 -36.82 -33.66 7.73
CA GLN C 48 -37.92 -33.01 8.42
C GLN C 48 -37.57 -32.62 9.85
N GLY C 49 -36.28 -32.55 10.17
CA GLY C 49 -35.90 -32.34 11.56
C GLY C 49 -36.24 -33.47 12.50
N LYS C 50 -36.77 -34.57 11.98
CA LYS C 50 -37.06 -35.76 12.77
C LYS C 50 -35.80 -36.58 12.98
N GLU C 51 -35.92 -37.63 13.79
CA GLU C 51 -34.85 -38.60 14.01
C GLU C 51 -33.55 -37.93 14.46
N GLY C 52 -33.69 -36.86 15.25
CA GLY C 52 -32.56 -36.13 15.78
C GLY C 52 -31.77 -35.32 14.78
N ARG C 53 -32.23 -35.23 13.52
CA ARG C 53 -31.49 -34.50 12.50
C ARG C 53 -31.80 -33.00 12.57
N PRO C 54 -30.85 -32.16 12.14
CA PRO C 54 -31.08 -30.71 12.19
C PRO C 54 -32.25 -30.30 11.31
N LYS C 55 -33.05 -29.37 11.83
CA LYS C 55 -34.14 -28.82 11.04
C LYS C 55 -33.56 -28.19 9.77
N PRO C 56 -34.18 -28.38 8.61
CA PRO C 56 -33.62 -27.83 7.38
C PRO C 56 -33.61 -26.30 7.38
N HIS C 57 -32.62 -25.72 6.69
CA HIS C 57 -32.52 -24.26 6.58
C HIS C 57 -33.73 -23.66 5.88
N ILE C 58 -34.30 -24.36 4.91
CA ILE C 58 -35.49 -23.94 4.18
C ILE C 58 -36.45 -25.13 4.13
N GLY C 59 -37.72 -24.87 4.41
CA GLY C 59 -38.72 -25.91 4.46
C GLY C 59 -40.02 -25.38 5.01
N PRO C 60 -41.05 -26.23 5.07
CA PRO C 60 -41.00 -27.65 4.70
C PRO C 60 -41.47 -27.96 3.29
N ASN C 61 -41.91 -26.96 2.53
CA ASN C 61 -42.64 -27.21 1.29
C ASN C 61 -42.11 -26.30 0.19
N TYR C 62 -42.69 -26.48 -1.00
CA TYR C 62 -42.31 -25.66 -2.14
C TYR C 62 -42.53 -24.17 -1.87
N GLU C 63 -43.66 -23.82 -1.24
CA GLU C 63 -43.97 -22.41 -0.99
C GLU C 63 -42.88 -21.74 -0.16
N SER C 64 -42.23 -22.48 0.75
CA SER C 64 -41.16 -21.91 1.54
C SER C 64 -39.87 -21.71 0.74
N TYR C 65 -39.67 -22.49 -0.32
CA TYR C 65 -38.56 -22.21 -1.23
C TYR C 65 -38.83 -20.93 -2.04
N VAL C 66 -40.06 -20.74 -2.53
CA VAL C 66 -40.37 -19.58 -3.36
C VAL C 66 -40.34 -18.29 -2.55
N LYS C 67 -40.91 -18.32 -1.35
CA LYS C 67 -40.88 -17.11 -0.53
C LYS C 67 -39.46 -16.59 -0.37
N GLU C 68 -38.49 -17.50 -0.18
CA GLU C 68 -37.11 -17.07 -0.05
C GLU C 68 -36.48 -16.74 -1.40
N TRP C 69 -36.65 -17.62 -2.39
CA TRP C 69 -36.03 -17.40 -3.70
C TRP C 69 -36.41 -16.05 -4.29
N ALA C 70 -37.65 -15.61 -4.07
CA ALA C 70 -38.13 -14.35 -4.65
C ALA C 70 -37.44 -13.13 -4.07
N LYS C 71 -36.89 -13.22 -2.86
CA LYS C 71 -36.09 -12.12 -2.34
C LYS C 71 -34.73 -12.01 -3.01
N THR C 72 -34.30 -13.04 -3.75
CA THR C 72 -32.96 -13.09 -4.33
C THR C 72 -32.93 -12.71 -5.80
N VAL C 73 -34.08 -12.43 -6.41
CA VAL C 73 -34.15 -12.03 -7.80
C VAL C 73 -35.03 -10.79 -7.90
N GLY C 74 -34.94 -10.12 -9.05
CA GLY C 74 -35.81 -9.00 -9.32
C GLY C 74 -35.30 -7.67 -8.80
N PRO C 75 -36.21 -6.71 -8.66
CA PRO C 75 -35.82 -5.31 -8.41
C PRO C 75 -35.60 -4.93 -6.96
N ASN C 76 -35.98 -5.78 -6.00
CA ASN C 76 -35.76 -5.46 -4.60
C ASN C 76 -34.74 -6.39 -3.93
N SER C 77 -33.95 -7.13 -4.70
CA SER C 77 -33.11 -8.18 -4.14
C SER C 77 -31.73 -7.69 -3.67
N ASP C 78 -31.39 -6.42 -3.90
CA ASP C 78 -30.12 -5.89 -3.40
C ASP C 78 -30.02 -6.04 -1.89
N GLU C 79 -31.15 -5.87 -1.18
CA GLU C 79 -31.14 -5.96 0.28
C GLU C 79 -30.77 -7.35 0.75
N TRP C 80 -31.23 -8.38 0.03
CA TRP C 80 -30.98 -9.75 0.46
C TRP C 80 -29.52 -10.14 0.23
N TRP C 81 -28.97 -9.77 -0.92
CA TRP C 81 -27.58 -10.14 -1.19
C TRP C 81 -26.61 -9.40 -0.30
N ALA C 82 -26.88 -8.14 0.01
CA ALA C 82 -25.96 -7.38 0.87
C ALA C 82 -25.92 -8.00 2.26
N ALA C 83 -27.10 -8.36 2.79
CA ALA C 83 -27.12 -9.01 4.10
C ALA C 83 -26.48 -10.40 4.04
N LYS C 84 -26.75 -11.16 2.99
CA LYS C 84 -26.15 -12.49 2.88
C LYS C 84 -24.64 -12.40 2.75
N ALA C 85 -24.15 -11.44 1.94
CA ALA C 85 -22.71 -11.28 1.78
C ALA C 85 -22.06 -10.87 3.10
N ARG C 86 -22.74 -10.05 3.90
CA ARG C 86 -22.16 -9.62 5.16
C ARG C 86 -22.31 -10.66 6.27
N GLU C 87 -23.32 -11.52 6.20
CA GLU C 87 -23.44 -12.58 7.18
C GLU C 87 -22.53 -13.75 6.86
N THR C 88 -22.28 -14.02 5.57
CA THR C 88 -21.63 -15.26 5.18
C THR C 88 -20.11 -15.16 5.22
N LEU C 89 -19.56 -13.98 4.88
CA LEU C 89 -18.12 -13.83 4.74
C LEU C 89 -17.61 -12.81 5.75
N ASP C 90 -16.34 -12.95 6.10
CA ASP C 90 -15.62 -11.92 6.84
C ASP C 90 -14.96 -10.98 5.86
N TRP C 91 -15.15 -9.68 6.06
CA TRP C 91 -14.62 -8.64 5.17
C TRP C 91 -13.54 -7.84 5.89
N TYR C 92 -12.46 -7.52 5.18
CA TYR C 92 -11.55 -6.51 5.69
C TYR C 92 -12.15 -5.12 5.55
N ASP C 93 -12.63 -4.77 4.35
CA ASP C 93 -13.34 -3.53 4.11
C ASP C 93 -14.74 -3.86 3.65
N ASP C 94 -15.72 -3.12 4.15
CA ASP C 94 -17.08 -3.31 3.67
C ASP C 94 -17.20 -2.85 2.21
N PHE C 95 -18.19 -3.38 1.52
CA PHE C 95 -18.55 -2.90 0.19
C PHE C 95 -19.63 -1.82 0.32
N LYS C 96 -19.81 -1.05 -0.74
CA LYS C 96 -20.85 -0.04 -0.77
C LYS C 96 -21.88 -0.31 -1.85
N THR C 97 -21.44 -0.83 -3.00
CA THR C 97 -22.30 -1.17 -4.11
C THR C 97 -22.53 -2.66 -4.12
N VAL C 98 -23.78 -3.10 -4.28
CA VAL C 98 -24.05 -4.53 -4.28
C VAL C 98 -23.66 -5.16 -5.62
N ARG C 99 -24.10 -4.56 -6.72
CA ARG C 99 -23.88 -5.15 -8.02
C ARG C 99 -23.82 -4.04 -9.07
N ALA C 100 -23.32 -4.40 -10.24
CA ALA C 100 -23.27 -3.49 -11.39
C ALA C 100 -22.74 -4.30 -12.56
N GLY C 101 -22.84 -3.74 -13.76
CA GLY C 101 -22.36 -4.40 -14.94
C GLY C 101 -23.35 -5.41 -15.47
N GLY C 102 -23.01 -6.01 -16.60
CA GLY C 102 -23.96 -6.91 -17.21
C GLY C 102 -23.32 -7.79 -18.26
N PHE C 103 -24.19 -8.59 -18.90
CA PHE C 103 -23.74 -9.56 -19.89
C PHE C 103 -23.09 -8.89 -21.09
N GLU C 104 -23.54 -7.69 -21.46
CA GLU C 104 -23.30 -7.17 -22.80
C GLU C 104 -21.81 -7.00 -23.07
N HIS C 105 -21.08 -6.38 -22.15
CA HIS C 105 -19.67 -6.14 -22.33
C HIS C 105 -18.81 -6.95 -21.38
N GLY C 106 -19.43 -7.69 -20.47
CA GLY C 106 -18.71 -8.49 -19.51
C GLY C 106 -17.99 -7.64 -18.48
N ASP C 107 -18.72 -6.76 -17.80
CA ASP C 107 -18.16 -5.93 -16.74
C ASP C 107 -18.87 -6.20 -15.41
N VAL C 108 -19.21 -7.47 -15.17
CA VAL C 108 -20.00 -7.84 -14.00
C VAL C 108 -19.22 -7.54 -12.72
N GLN C 109 -19.87 -6.81 -11.80
CA GLN C 109 -19.31 -6.49 -10.51
C GLN C 109 -20.27 -6.89 -9.40
N TRP C 110 -19.71 -7.43 -8.32
CA TRP C 110 -20.46 -7.71 -7.10
C TRP C 110 -19.62 -7.28 -5.90
N PHE C 111 -20.22 -6.46 -5.03
CA PHE C 111 -19.58 -5.94 -3.82
C PHE C 111 -18.23 -5.30 -4.11
N PRO C 112 -18.10 -4.48 -5.16
CA PRO C 112 -16.75 -4.17 -5.66
C PRO C 112 -15.88 -3.35 -4.71
N GLU C 113 -16.44 -2.49 -3.85
CA GLU C 113 -15.57 -1.72 -2.95
C GLU C 113 -15.03 -2.55 -1.78
N GLY C 114 -15.55 -3.75 -1.55
CA GLY C 114 -15.13 -4.52 -0.39
C GLY C 114 -13.83 -5.26 -0.59
N THR C 115 -13.17 -5.57 0.52
CA THR C 115 -11.96 -6.39 0.49
C THR C 115 -12.11 -7.55 1.45
N LEU C 116 -11.51 -8.68 1.07
CA LEU C 116 -11.59 -9.90 1.87
C LEU C 116 -10.41 -10.78 1.49
N ASN C 117 -10.31 -11.93 2.14
CA ASN C 117 -9.39 -12.97 1.70
C ASN C 117 -10.06 -14.33 1.76
N ALA C 118 -9.90 -15.13 0.71
CA ALA C 118 -10.60 -16.41 0.68
C ALA C 118 -9.99 -17.40 1.68
N ALA C 119 -8.66 -17.42 1.82
CA ALA C 119 -8.04 -18.29 2.81
C ALA C 119 -8.43 -17.89 4.23
N TYR C 120 -8.56 -16.58 4.49
CA TYR C 120 -9.02 -16.16 5.80
C TYR C 120 -10.40 -16.72 6.10
N ASN C 121 -11.29 -16.68 5.11
CA ASN C 121 -12.66 -17.17 5.26
C ASN C 121 -12.75 -18.69 5.26
N CYS C 122 -11.82 -19.37 4.60
CA CYS C 122 -11.87 -20.83 4.58
C CYS C 122 -11.03 -21.48 5.67
N LEU C 123 -10.20 -20.71 6.37
CA LEU C 123 -9.28 -21.31 7.34
C LEU C 123 -9.25 -20.54 8.64
N ASP C 124 -8.64 -19.34 8.60
CA ASP C 124 -8.30 -18.60 9.81
C ASP C 124 -9.48 -18.49 10.79
N ARG C 125 -10.64 -18.04 10.30
CA ARG C 125 -11.73 -17.73 11.22
C ARG C 125 -12.28 -19.00 11.87
N HIS C 126 -12.23 -20.13 11.17
CA HIS C 126 -12.63 -21.37 11.80
C HIS C 126 -11.56 -21.87 12.75
N TYR C 127 -10.29 -21.76 12.35
CA TYR C 127 -9.18 -22.01 13.26
C TYR C 127 -9.32 -21.20 14.54
N TYR C 128 -9.67 -19.91 14.41
CA TYR C 128 -9.87 -19.08 15.60
C TYR C 128 -11.04 -19.57 16.45
N LYS C 129 -12.04 -20.21 15.82
CA LYS C 129 -13.19 -20.65 16.60
C LYS C 129 -12.94 -22.02 17.23
N ASN C 130 -12.46 -22.99 16.46
CA ASN C 130 -12.21 -24.34 16.98
C ASN C 130 -11.08 -24.98 16.19
N PRO C 131 -9.84 -24.81 16.65
CA PRO C 131 -8.69 -25.32 15.87
C PRO C 131 -8.63 -26.83 15.75
N LYS C 132 -9.11 -27.58 16.75
CA LYS C 132 -9.02 -29.02 16.64
C LYS C 132 -10.05 -29.62 15.70
N LYS C 133 -11.07 -28.86 15.31
CA LYS C 133 -12.12 -29.41 14.46
C LYS C 133 -11.54 -29.88 13.13
N THR C 134 -12.03 -31.02 12.65
CA THR C 134 -11.55 -31.58 11.40
C THR C 134 -11.94 -30.70 10.22
N ALA C 135 -10.95 -30.30 9.44
CA ALA C 135 -11.21 -29.60 8.20
C ALA C 135 -11.39 -30.58 7.05
N ILE C 136 -10.47 -31.52 6.94
CA ILE C 136 -10.45 -32.45 5.82
C ILE C 136 -10.43 -33.87 6.36
N ILE C 137 -11.40 -34.68 5.94
CA ILE C 137 -11.28 -36.13 6.03
C ILE C 137 -10.45 -36.56 4.82
N TYR C 138 -9.18 -36.90 5.04
CA TYR C 138 -8.33 -37.38 3.95
C TYR C 138 -8.51 -38.89 3.85
N GLU C 139 -9.28 -39.34 2.86
CA GLU C 139 -9.46 -40.77 2.59
C GLU C 139 -8.44 -41.16 1.53
N ALA C 140 -7.37 -41.82 1.97
CA ALA C 140 -6.24 -42.15 1.10
C ALA C 140 -6.61 -43.31 0.17
N ASP C 141 -5.80 -43.47 -0.90
CA ASP C 141 -5.99 -44.60 -1.80
C ASP C 141 -6.09 -45.91 -1.01
N GLU C 142 -5.14 -46.13 -0.09
CA GLU C 142 -5.23 -47.24 0.85
C GLU C 142 -6.08 -46.82 2.05
N PRO C 143 -7.19 -47.52 2.33
CA PRO C 143 -8.09 -47.08 3.41
C PRO C 143 -7.40 -46.89 4.75
N SER C 144 -6.37 -47.68 5.06
CA SER C 144 -5.73 -47.63 6.37
C SER C 144 -4.78 -46.46 6.52
N GLU C 145 -4.45 -45.75 5.45
CA GLU C 145 -3.65 -44.53 5.55
C GLU C 145 -4.51 -43.27 5.70
N SER C 146 -5.82 -43.43 5.86
CA SER C 146 -6.72 -42.29 5.98
C SER C 146 -6.58 -41.64 7.34
N ARG C 147 -6.93 -40.35 7.41
CA ARG C 147 -6.83 -39.61 8.66
C ARG C 147 -7.57 -38.28 8.56
N GLU C 148 -7.84 -37.71 9.72
CA GLU C 148 -8.48 -36.40 9.84
C GLU C 148 -7.44 -35.30 9.98
N VAL C 149 -7.60 -34.23 9.22
CA VAL C 149 -6.70 -33.09 9.24
C VAL C 149 -7.43 -31.92 9.89
N SER C 150 -6.95 -31.49 11.06
CA SER C 150 -7.59 -30.39 11.78
C SER C 150 -7.49 -29.08 10.99
N TYR C 151 -8.36 -28.13 11.36
CA TYR C 151 -8.24 -26.77 10.83
C TYR C 151 -6.91 -26.15 11.21
N GLU C 152 -6.43 -26.42 12.43
CA GLU C 152 -5.08 -25.99 12.79
C GLU C 152 -4.06 -26.51 11.79
N GLU C 153 -4.05 -27.82 11.54
CA GLU C 153 -3.02 -28.40 10.66
C GLU C 153 -3.15 -27.88 9.23
N LEU C 154 -4.38 -27.79 8.72
CA LEU C 154 -4.57 -27.26 7.37
C LEU C 154 -4.04 -25.83 7.24
N MET C 155 -4.35 -24.98 8.23
CA MET C 155 -3.96 -23.58 8.15
C MET C 155 -2.45 -23.43 8.25
N GLN C 156 -1.82 -24.18 9.14
CA GLN C 156 -0.37 -24.11 9.26
C GLN C 156 0.31 -24.50 7.96
N GLU C 157 -0.15 -25.60 7.35
CA GLU C 157 0.46 -26.03 6.10
C GLU C 157 0.22 -25.00 4.99
N THR C 158 -0.98 -24.43 4.94
CA THR C 158 -1.25 -23.35 4.01
C THR C 158 -0.33 -22.15 4.25
N CYS C 159 -0.10 -21.79 5.51
CA CYS C 159 0.76 -20.64 5.76
C CYS C 159 2.19 -20.93 5.37
N ARG C 160 2.67 -22.16 5.59
CA ARG C 160 4.03 -22.49 5.20
C ARG C 160 4.20 -22.44 3.68
N VAL C 161 3.21 -22.95 2.94
CA VAL C 161 3.28 -22.91 1.49
C VAL C 161 3.20 -21.48 0.99
N ALA C 162 2.29 -20.68 1.57
CA ALA C 162 2.21 -19.26 1.23
C ALA C 162 3.58 -18.60 1.38
N ASN C 163 4.28 -18.88 2.49
CA ASN C 163 5.58 -18.28 2.72
C ASN C 163 6.61 -18.75 1.70
N VAL C 164 6.56 -20.04 1.31
CA VAL C 164 7.46 -20.53 0.27
C VAL C 164 7.22 -19.77 -1.02
N LEU C 165 5.95 -19.69 -1.46
CA LEU C 165 5.63 -18.96 -2.68
C LEU C 165 6.16 -17.52 -2.63
N LYS C 166 5.93 -16.82 -1.51
CA LYS C 166 6.46 -15.46 -1.39
C LYS C 166 7.97 -15.43 -1.53
N SER C 167 8.66 -16.40 -0.92
CA SER C 167 10.12 -16.47 -1.05
C SER C 167 10.57 -16.74 -2.48
N TYR C 168 9.70 -17.23 -3.35
CA TYR C 168 10.00 -17.33 -4.77
C TYR C 168 9.65 -16.05 -5.52
N GLY C 169 9.22 -15.02 -4.80
CA GLY C 169 8.83 -13.77 -5.42
C GLY C 169 7.43 -13.75 -6.03
N VAL C 170 6.59 -14.75 -5.75
CA VAL C 170 5.20 -14.68 -6.19
C VAL C 170 4.53 -13.47 -5.58
N LYS C 171 3.96 -12.62 -6.43
CA LYS C 171 3.25 -11.43 -5.97
C LYS C 171 1.76 -11.59 -6.20
N LYS C 172 0.99 -10.74 -5.52
CA LYS C 172 -0.44 -10.63 -5.76
C LYS C 172 -0.72 -10.49 -7.26
N GLY C 173 -1.62 -11.32 -7.76
CA GLY C 173 -1.96 -11.30 -9.17
C GLY C 173 -1.14 -12.22 -10.06
N ASP C 174 -0.06 -12.82 -9.55
CA ASP C 174 0.70 -13.80 -10.31
C ASP C 174 -0.06 -15.12 -10.42
N ALA C 175 0.09 -15.78 -11.57
CA ALA C 175 -0.50 -17.11 -11.78
C ALA C 175 0.44 -18.18 -11.24
N VAL C 176 -0.12 -19.12 -10.46
CA VAL C 176 0.57 -20.31 -10.01
C VAL C 176 -0.19 -21.53 -10.50
N SER C 177 0.51 -22.41 -11.21
CA SER C 177 -0.08 -23.64 -11.73
C SER C 177 -0.01 -24.76 -10.69
N ILE C 178 -1.09 -25.53 -10.60
CA ILE C 178 -1.21 -26.60 -9.62
C ILE C 178 -1.52 -27.88 -10.37
N TYR C 179 -0.65 -28.88 -10.20
CA TYR C 179 -0.80 -30.21 -10.81
C TYR C 179 -0.76 -31.24 -9.68
N LEU C 180 -1.81 -31.27 -8.87
CA LEU C 180 -1.82 -32.16 -7.72
C LEU C 180 -2.93 -33.21 -7.83
N PRO C 181 -2.69 -34.43 -7.36
CA PRO C 181 -3.78 -35.42 -7.23
C PRO C 181 -4.52 -35.22 -5.90
N MET C 182 -5.52 -36.06 -5.69
CA MET C 182 -6.46 -35.88 -4.57
C MET C 182 -5.86 -36.28 -3.21
N THR C 183 -4.83 -35.56 -2.82
CA THR C 183 -4.35 -35.58 -1.45
C THR C 183 -4.71 -34.27 -0.78
N TRP C 184 -4.75 -34.27 0.56
CA TRP C 184 -5.30 -33.12 1.27
C TRP C 184 -4.47 -31.86 1.05
N GLN C 185 -3.16 -32.00 0.82
CA GLN C 185 -2.35 -30.80 0.60
C GLN C 185 -2.76 -30.04 -0.64
N ALA C 186 -3.55 -30.64 -1.54
CA ALA C 186 -4.08 -29.87 -2.66
C ALA C 186 -4.91 -28.70 -2.17
N ALA C 187 -5.64 -28.90 -1.07
CA ALA C 187 -6.39 -27.79 -0.51
C ALA C 187 -5.45 -26.71 0.02
N ALA C 188 -4.34 -27.13 0.64
CA ALA C 188 -3.34 -26.17 1.11
C ALA C 188 -2.69 -25.43 -0.05
N ALA C 189 -2.45 -26.10 -1.18
CA ALA C 189 -1.88 -25.41 -2.33
C ALA C 189 -2.84 -24.35 -2.88
N PHE C 190 -4.11 -24.72 -3.10
CA PHE C 190 -5.12 -23.74 -3.48
C PHE C 190 -5.11 -22.56 -2.52
N LEU C 191 -5.34 -22.82 -1.23
CA LEU C 191 -5.55 -21.75 -0.28
C LEU C 191 -4.29 -20.91 -0.05
N ALA C 192 -3.10 -21.48 -0.27
CA ALA C 192 -1.87 -20.69 -0.13
C ALA C 192 -1.81 -19.61 -1.19
N CYS C 193 -2.15 -19.95 -2.44
CA CYS C 193 -2.23 -18.97 -3.52
C CYS C 193 -3.25 -17.88 -3.17
N ALA C 194 -4.45 -18.31 -2.79
CA ALA C 194 -5.49 -17.36 -2.45
C ALA C 194 -5.08 -16.49 -1.26
N ARG C 195 -4.28 -17.06 -0.35
CA ARG C 195 -3.89 -16.33 0.85
C ARG C 195 -3.07 -15.10 0.49
N ILE C 196 -2.21 -15.20 -0.53
CA ILE C 196 -1.35 -14.11 -0.92
C ILE C 196 -1.84 -13.40 -2.19
N GLY C 197 -3.08 -13.66 -2.62
CA GLY C 197 -3.59 -13.04 -3.82
C GLY C 197 -3.03 -13.55 -5.13
N ALA C 198 -2.35 -14.69 -5.13
CA ALA C 198 -1.91 -15.31 -6.36
C ALA C 198 -3.07 -16.05 -7.01
N ILE C 199 -3.05 -16.11 -8.34
CA ILE C 199 -4.12 -16.73 -9.11
C ILE C 199 -3.75 -18.18 -9.36
N HIS C 200 -4.39 -19.13 -8.68
CA HIS C 200 -4.03 -20.51 -8.96
C HIS C 200 -4.75 -21.02 -10.20
N SER C 201 -4.10 -21.96 -10.89
CA SER C 201 -4.66 -22.61 -12.07
C SER C 201 -4.44 -24.11 -11.90
N ALA C 202 -5.51 -24.83 -11.54
CA ALA C 202 -5.42 -26.25 -11.29
C ALA C 202 -5.49 -27.04 -12.59
N VAL C 203 -4.51 -27.90 -12.81
CA VAL C 203 -4.52 -28.85 -13.94
C VAL C 203 -4.76 -30.25 -13.38
N PHE C 204 -5.83 -30.88 -13.86
CA PHE C 204 -6.22 -32.22 -13.41
C PHE C 204 -5.06 -33.21 -13.55
N ALA C 205 -4.77 -33.92 -12.47
CA ALA C 205 -3.55 -34.71 -12.38
C ALA C 205 -3.51 -35.90 -13.35
N GLY C 206 -4.60 -36.17 -14.06
CA GLY C 206 -4.53 -37.18 -15.09
C GLY C 206 -4.18 -36.69 -16.48
N PHE C 207 -3.95 -35.39 -16.65
CA PHE C 207 -3.61 -34.82 -17.95
C PHE C 207 -2.23 -35.28 -18.41
N SER C 208 -2.05 -35.27 -19.73
CA SER C 208 -0.77 -35.57 -20.35
C SER C 208 0.22 -34.42 -20.15
N ALA C 209 1.47 -34.69 -20.53
CA ALA C 209 2.49 -33.64 -20.60
C ALA C 209 2.05 -32.51 -21.53
N GLU C 210 1.48 -32.85 -22.68
CA GLU C 210 1.09 -31.83 -23.65
C GLU C 210 -0.03 -30.96 -23.10
N SER C 211 -1.06 -31.57 -22.49
CA SER C 211 -2.12 -30.78 -21.90
C SER C 211 -1.62 -29.94 -20.74
N LEU C 212 -0.78 -30.53 -19.88
CA LEU C 212 -0.19 -29.74 -18.80
C LEU C 212 0.60 -28.57 -19.38
N ARG C 213 1.44 -28.84 -20.39
CA ARG C 213 2.24 -27.79 -21.01
C ARG C 213 1.37 -26.69 -21.61
N ASP C 214 0.28 -27.06 -22.29
CA ASP C 214 -0.60 -26.06 -22.88
C ASP C 214 -1.15 -25.09 -21.83
N ARG C 215 -1.55 -25.63 -20.67
CA ARG C 215 -2.16 -24.81 -19.63
C ARG C 215 -1.10 -24.04 -18.84
N VAL C 216 0.04 -24.68 -18.56
CA VAL C 216 1.13 -23.99 -17.88
C VAL C 216 1.59 -22.78 -18.69
N ASN C 217 1.66 -22.94 -20.01
CA ASN C 217 2.11 -21.85 -20.87
C ASN C 217 1.04 -20.78 -21.02
N ASP C 218 -0.22 -21.18 -21.17
CA ASP C 218 -1.27 -20.18 -21.40
C ASP C 218 -1.30 -19.14 -20.29
N CYS C 219 -1.32 -19.58 -19.03
CA CYS C 219 -1.43 -18.65 -17.91
C CYS C 219 -0.10 -17.97 -17.56
N GLU C 220 1.01 -18.36 -18.17
CA GLU C 220 2.31 -17.70 -18.04
C GLU C 220 2.83 -17.71 -16.61
N CYS C 221 2.56 -18.80 -15.87
CA CYS C 221 3.05 -18.91 -14.49
C CYS C 221 4.57 -19.09 -14.45
N LYS C 222 5.16 -18.64 -13.36
CA LYS C 222 6.58 -18.85 -13.12
C LYS C 222 6.82 -19.94 -12.08
N VAL C 223 5.77 -20.48 -11.46
CA VAL C 223 5.88 -21.44 -10.37
C VAL C 223 4.81 -22.51 -10.54
N LEU C 224 5.19 -23.77 -10.33
CA LEU C 224 4.29 -24.92 -10.46
C LEU C 224 4.40 -25.79 -9.23
N ILE C 225 3.24 -26.25 -8.74
CA ILE C 225 3.15 -27.11 -7.56
C ILE C 225 2.69 -28.50 -8.01
N THR C 226 3.44 -29.54 -7.59
CA THR C 226 3.09 -30.87 -8.03
C THR C 226 3.58 -31.90 -7.02
N THR C 227 3.41 -33.18 -7.34
CA THR C 227 3.87 -34.29 -6.51
C THR C 227 4.98 -35.05 -7.21
N ASP C 228 5.70 -35.84 -6.43
CA ASP C 228 6.58 -36.85 -7.02
C ASP C 228 5.76 -37.88 -7.79
N GLU C 229 4.70 -38.40 -7.17
CA GLU C 229 3.81 -39.38 -7.76
C GLU C 229 2.43 -39.23 -7.16
N GLY C 230 1.44 -39.80 -7.84
CA GLY C 230 0.13 -39.93 -7.26
C GLY C 230 -0.21 -41.39 -7.08
N ARG C 231 -1.21 -41.69 -6.26
CA ARG C 231 -1.67 -43.06 -6.07
C ARG C 231 -3.19 -43.08 -6.20
N ARG C 232 -3.70 -43.81 -7.19
CA ARG C 232 -5.14 -43.91 -7.39
C ARG C 232 -5.49 -45.31 -7.84
N GLY C 233 -6.45 -45.94 -7.15
CA GLY C 233 -6.84 -47.30 -7.45
C GLY C 233 -5.71 -48.30 -7.46
N GLY C 234 -4.81 -48.24 -6.49
CA GLY C 234 -3.68 -49.14 -6.46
C GLY C 234 -2.61 -48.90 -7.50
N LYS C 235 -2.75 -47.88 -8.35
CA LYS C 235 -1.78 -47.61 -9.40
C LYS C 235 -1.04 -46.31 -9.14
N THR C 236 0.14 -46.18 -9.75
CA THR C 236 1.01 -45.02 -9.56
C THR C 236 0.88 -44.07 -10.74
N ILE C 237 0.50 -42.83 -10.44
CA ILE C 237 0.51 -41.73 -11.41
C ILE C 237 1.88 -41.06 -11.35
N ALA C 238 2.63 -41.10 -12.45
CA ALA C 238 4.01 -40.61 -12.47
C ALA C 238 4.02 -39.10 -12.72
N THR C 239 3.47 -38.35 -11.74
CA THR C 239 3.23 -36.93 -11.96
C THR C 239 4.53 -36.16 -12.23
N LYS C 240 5.62 -36.49 -11.53
CA LYS C 240 6.86 -35.76 -11.75
C LYS C 240 7.48 -36.09 -13.12
N GLN C 241 7.40 -37.36 -13.54
CA GLN C 241 7.85 -37.70 -14.90
C GLN C 241 7.11 -36.89 -15.95
N ILE C 242 5.79 -36.80 -15.83
CA ILE C 242 5.04 -36.01 -16.80
C ILE C 242 5.39 -34.53 -16.69
N VAL C 243 5.53 -34.01 -15.46
CA VAL C 243 5.95 -32.63 -15.27
C VAL C 243 7.26 -32.34 -16.02
N ASP C 244 8.23 -33.28 -15.95
CA ASP C 244 9.54 -33.03 -16.56
C ASP C 244 9.45 -32.97 -18.07
N ALA C 245 8.63 -33.83 -18.68
CA ALA C 245 8.42 -33.75 -20.12
C ALA C 245 7.76 -32.44 -20.49
N ALA C 246 6.77 -32.03 -19.71
CA ALA C 246 6.01 -30.82 -20.01
C ALA C 246 6.90 -29.59 -19.93
N LEU C 247 7.66 -29.45 -18.84
CA LEU C 247 8.40 -28.20 -18.60
C LEU C 247 9.52 -27.97 -19.61
N GLN C 248 9.94 -28.98 -20.35
CA GLN C 248 10.90 -28.73 -21.41
C GLN C 248 10.35 -27.82 -22.50
N GLN C 249 9.04 -27.62 -22.54
CA GLN C 249 8.40 -26.67 -23.45
C GLN C 249 7.65 -25.58 -22.68
N CYS C 250 8.05 -25.31 -21.45
CA CYS C 250 7.42 -24.29 -20.61
C CYS C 250 8.53 -23.37 -20.11
N PRO C 251 9.00 -22.45 -20.94
CA PRO C 251 10.23 -21.71 -20.60
C PRO C 251 10.06 -20.68 -19.49
N LEU C 252 8.84 -20.27 -19.16
CA LEU C 252 8.65 -19.29 -18.10
C LEU C 252 8.75 -19.89 -16.70
N VAL C 253 8.61 -21.20 -16.54
CA VAL C 253 8.56 -21.82 -15.23
C VAL C 253 9.95 -21.86 -14.60
N GLU C 254 10.08 -21.28 -13.41
CA GLU C 254 11.37 -21.18 -12.73
C GLU C 254 11.45 -21.98 -11.44
N ASN C 255 10.32 -22.22 -10.76
CA ASN C 255 10.32 -22.97 -9.53
C ASN C 255 9.23 -24.04 -9.57
N VAL C 256 9.61 -25.27 -9.26
CA VAL C 256 8.64 -26.34 -9.05
C VAL C 256 8.73 -26.78 -7.59
N LEU C 257 7.59 -26.74 -6.91
CA LEU C 257 7.47 -27.24 -5.55
C LEU C 257 6.87 -28.66 -5.62
N VAL C 258 7.60 -29.63 -5.09
CA VAL C 258 7.29 -31.04 -5.27
C VAL C 258 6.87 -31.62 -3.92
N LEU C 259 5.59 -32.00 -3.81
CA LEU C 259 5.09 -32.73 -2.66
C LEU C 259 5.57 -34.18 -2.69
N ARG C 260 5.99 -34.68 -1.53
CA ARG C 260 6.56 -36.02 -1.46
C ARG C 260 5.48 -37.03 -1.06
N ARG C 261 4.54 -37.25 -1.97
CA ARG C 261 3.39 -38.11 -1.67
C ARG C 261 3.81 -39.57 -1.45
N THR C 262 4.70 -40.11 -2.30
CA THR C 262 5.06 -41.53 -2.20
C THR C 262 6.49 -41.78 -1.74
N GLY C 263 7.43 -40.88 -2.01
CA GLY C 263 8.81 -41.10 -1.62
C GLY C 263 9.65 -41.87 -2.61
N ASN C 264 9.06 -42.39 -3.67
CA ASN C 264 9.83 -43.15 -4.65
C ASN C 264 10.78 -42.24 -5.42
N LYS C 265 11.82 -42.85 -5.98
CA LYS C 265 12.83 -42.09 -6.70
C LYS C 265 12.22 -41.41 -7.92
N VAL C 266 12.20 -40.09 -7.91
CA VAL C 266 11.79 -39.30 -9.06
C VAL C 266 12.91 -38.31 -9.40
N PRO C 267 13.07 -37.92 -10.66
CA PRO C 267 14.09 -36.92 -10.98
C PRO C 267 13.74 -35.58 -10.39
N MET C 268 14.79 -34.83 -10.01
CA MET C 268 14.69 -33.47 -9.47
C MET C 268 15.79 -32.61 -10.07
N THR C 269 15.42 -31.46 -10.63
CA THR C 269 16.40 -30.56 -11.25
C THR C 269 16.96 -29.59 -10.23
N GLU C 270 18.28 -29.58 -10.09
CA GLU C 270 18.92 -28.66 -9.16
C GLU C 270 18.51 -27.23 -9.51
N GLY C 271 18.28 -26.42 -8.47
CA GLY C 271 17.82 -25.06 -8.68
C GLY C 271 16.32 -24.96 -8.88
N ARG C 272 15.80 -25.63 -9.92
CA ARG C 272 14.38 -25.47 -10.25
C ARG C 272 13.46 -26.19 -9.26
N ASP C 273 13.84 -27.39 -8.84
CA ASP C 273 12.95 -28.29 -8.12
C ASP C 273 13.35 -28.34 -6.65
N LYS C 274 12.37 -28.20 -5.78
CA LYS C 274 12.59 -28.23 -4.34
C LYS C 274 11.49 -29.06 -3.69
N TRP C 275 11.84 -29.77 -2.63
CA TRP C 275 10.85 -30.57 -1.91
C TRP C 275 9.95 -29.69 -1.05
N TRP C 276 8.64 -29.97 -1.12
CA TRP C 276 7.64 -29.30 -0.29
C TRP C 276 8.05 -29.29 1.18
N ASP C 277 8.33 -30.47 1.73
CA ASP C 277 8.63 -30.57 3.16
C ASP C 277 9.88 -29.78 3.54
N GLU C 278 10.92 -29.85 2.70
CA GLU C 278 12.17 -29.17 3.02
C GLU C 278 12.00 -27.65 2.95
N GLU C 279 11.23 -27.15 1.98
CA GLU C 279 10.99 -25.72 1.88
C GLU C 279 10.09 -25.24 3.01
N CYS C 280 9.00 -25.95 3.28
CA CYS C 280 8.10 -25.55 4.37
C CYS C 280 8.75 -25.63 5.74
N ALA C 281 9.73 -26.53 5.92
CA ALA C 281 10.38 -26.64 7.22
C ALA C 281 11.15 -25.37 7.58
N LYS C 282 11.53 -24.58 6.58
CA LYS C 282 12.32 -23.37 6.79
C LYS C 282 11.44 -22.18 7.13
N MET C 283 10.14 -22.22 6.78
CA MET C 283 9.17 -21.14 6.80
C MET C 283 8.35 -21.12 8.08
N PRO C 284 7.99 -19.93 8.57
CA PRO C 284 7.11 -19.84 9.74
C PRO C 284 5.75 -20.46 9.43
N ALA C 285 5.07 -20.90 10.49
CA ALA C 285 3.78 -21.57 10.36
C ALA C 285 2.60 -20.59 10.35
N TYR C 286 2.86 -19.28 10.32
CA TYR C 286 1.84 -18.29 10.06
C TYR C 286 2.27 -17.40 8.92
N CYS C 287 1.30 -16.96 8.11
CA CYS C 287 1.50 -16.03 7.02
C CYS C 287 0.34 -15.05 6.98
N PRO C 288 0.59 -13.75 6.83
CA PRO C 288 -0.53 -12.79 6.75
C PRO C 288 -1.34 -12.95 5.47
N CYS C 289 -2.61 -12.55 5.55
CA CYS C 289 -3.52 -12.58 4.42
C CYS C 289 -3.46 -11.28 3.64
N GLU C 290 -3.45 -11.42 2.32
CA GLU C 290 -3.50 -10.28 1.42
C GLU C 290 -4.93 -9.79 1.31
N ARG C 291 -5.13 -8.49 1.45
CA ARG C 291 -6.47 -7.89 1.39
C ARG C 291 -6.85 -7.75 -0.09
N MET C 292 -7.72 -8.63 -0.56
CA MET C 292 -8.10 -8.71 -1.96
C MET C 292 -9.36 -7.90 -2.23
N ALA C 293 -9.36 -7.17 -3.36
CA ALA C 293 -10.61 -6.62 -3.87
C ALA C 293 -11.60 -7.75 -4.21
N SER C 294 -12.90 -7.47 -4.02
CA SER C 294 -13.93 -8.44 -4.38
C SER C 294 -13.72 -9.00 -5.78
N GLU C 295 -13.39 -8.13 -6.72
CA GLU C 295 -13.23 -8.53 -8.10
C GLU C 295 -11.78 -8.91 -8.45
N ASP C 296 -10.88 -9.00 -7.48
CA ASP C 296 -9.58 -9.57 -7.79
C ASP C 296 -9.78 -11.02 -8.20
N PRO C 297 -9.16 -11.48 -9.29
CA PRO C 297 -9.37 -12.86 -9.73
C PRO C 297 -8.85 -13.88 -8.73
N LEU C 298 -9.69 -14.88 -8.44
CA LEU C 298 -9.35 -15.94 -7.51
C LEU C 298 -8.64 -17.09 -8.20
N PHE C 299 -9.12 -17.52 -9.37
CA PHE C 299 -8.45 -18.63 -10.05
C PHE C 299 -8.83 -18.64 -11.52
N ILE C 300 -8.00 -19.35 -12.27
CA ILE C 300 -8.23 -19.73 -13.66
C ILE C 300 -8.50 -21.22 -13.71
N LEU C 301 -9.54 -21.63 -14.43
CA LEU C 301 -9.81 -23.06 -14.61
C LEU C 301 -9.97 -23.37 -16.10
N TYR C 302 -8.98 -24.03 -16.68
CA TYR C 302 -9.02 -24.33 -18.12
C TYR C 302 -10.01 -25.45 -18.41
N THR C 303 -10.58 -25.38 -19.61
CA THR C 303 -11.48 -26.41 -20.12
C THR C 303 -10.75 -27.74 -20.23
N SER C 304 -11.53 -28.82 -20.34
CA SER C 304 -11.01 -30.17 -20.21
C SER C 304 -10.47 -30.77 -21.51
N GLY C 305 -10.25 -29.97 -22.54
CA GLY C 305 -9.75 -30.49 -23.81
C GLY C 305 -8.38 -31.16 -23.81
N SER C 306 -8.31 -32.39 -24.33
CA SER C 306 -7.05 -33.10 -24.52
C SER C 306 -6.29 -32.65 -25.76
N THR C 307 -6.96 -31.99 -26.71
CA THR C 307 -6.33 -31.39 -27.87
C THR C 307 -7.01 -30.06 -28.18
N GLY C 308 -6.21 -29.07 -28.59
CA GLY C 308 -6.72 -27.77 -28.96
C GLY C 308 -6.00 -26.66 -28.19
N LYS C 309 -6.74 -25.56 -27.99
CA LYS C 309 -6.28 -24.46 -27.14
C LYS C 309 -7.23 -24.35 -25.96
N PRO C 310 -6.78 -24.66 -24.73
CA PRO C 310 -7.69 -24.55 -23.59
C PRO C 310 -8.01 -23.10 -23.26
N LYS C 311 -9.27 -22.85 -22.94
CA LYS C 311 -9.70 -21.53 -22.51
C LYS C 311 -9.85 -21.52 -20.99
N GLY C 312 -9.36 -20.44 -20.37
CA GLY C 312 -9.33 -20.34 -18.93
C GLY C 312 -10.51 -19.57 -18.37
N VAL C 313 -11.40 -20.28 -17.69
CA VAL C 313 -12.51 -19.63 -17.01
C VAL C 313 -11.96 -18.92 -15.78
N VAL C 314 -12.18 -17.60 -15.69
CA VAL C 314 -11.69 -16.81 -14.57
C VAL C 314 -12.82 -16.53 -13.61
N HIS C 315 -12.60 -16.83 -12.33
CA HIS C 315 -13.53 -16.43 -11.28
C HIS C 315 -12.92 -15.37 -10.38
N SER C 316 -13.73 -14.41 -9.95
CA SER C 316 -13.20 -13.45 -8.99
C SER C 316 -13.45 -14.02 -7.59
N THR C 317 -13.36 -13.17 -6.55
CA THR C 317 -13.16 -13.65 -5.18
C THR C 317 -14.46 -13.63 -4.37
N ALA C 318 -15.06 -12.46 -4.18
CA ALA C 318 -16.16 -12.34 -3.23
C ALA C 318 -17.43 -13.03 -3.74
N GLY C 319 -17.82 -12.75 -4.99
CA GLY C 319 -19.05 -13.33 -5.51
C GLY C 319 -18.99 -14.84 -5.61
N TYR C 320 -17.87 -15.37 -6.10
CA TYR C 320 -17.69 -16.82 -6.19
C TYR C 320 -17.69 -17.46 -4.80
N LEU C 321 -16.91 -16.92 -3.89
CA LEU C 321 -16.91 -17.43 -2.52
C LEU C 321 -18.31 -17.39 -1.92
N LEU C 322 -19.05 -16.31 -2.19
CA LEU C 322 -20.41 -16.23 -1.66
C LEU C 322 -21.31 -17.28 -2.30
N GLY C 323 -21.20 -17.45 -3.61
CA GLY C 323 -22.04 -18.42 -4.31
C GLY C 323 -21.82 -19.84 -3.82
N THR C 324 -20.56 -20.25 -3.70
CA THR C 324 -20.27 -21.62 -3.27
C THR C 324 -20.68 -21.84 -1.81
N ALA C 325 -20.45 -20.85 -0.95
CA ALA C 325 -20.84 -21.00 0.45
C ALA C 325 -22.35 -21.11 0.58
N LEU C 326 -23.10 -20.28 -0.14
CA LEU C 326 -24.57 -20.33 -0.07
C LEU C 326 -25.11 -21.64 -0.63
N THR C 327 -24.62 -22.05 -1.81
CA THR C 327 -25.09 -23.29 -2.41
C THR C 327 -24.78 -24.48 -1.53
N LEU C 328 -23.58 -24.52 -0.93
CA LEU C 328 -23.26 -25.66 -0.09
C LEU C 328 -24.15 -25.68 1.15
N LYS C 329 -24.43 -24.52 1.72
CA LYS C 329 -25.27 -24.48 2.91
C LYS C 329 -26.72 -24.85 2.57
N TYR C 330 -27.24 -24.35 1.45
CA TYR C 330 -28.67 -24.50 1.18
C TYR C 330 -29.00 -25.72 0.33
N VAL C 331 -28.23 -26.02 -0.71
CA VAL C 331 -28.57 -27.15 -1.57
C VAL C 331 -28.32 -28.49 -0.86
N PHE C 332 -27.31 -28.56 0.00
CA PHE C 332 -27.05 -29.79 0.75
C PHE C 332 -27.42 -29.69 2.22
N ASP C 333 -28.07 -28.59 2.63
CA ASP C 333 -28.46 -28.33 4.03
C ASP C 333 -27.35 -28.66 5.02
N ALA C 334 -26.18 -28.08 4.77
CA ALA C 334 -25.04 -28.29 5.66
C ALA C 334 -25.22 -27.53 6.97
N HIS C 335 -24.94 -28.21 8.07
CA HIS C 335 -25.01 -27.66 9.41
C HIS C 335 -23.64 -27.77 10.05
N PRO C 336 -23.34 -26.94 11.08
CA PRO C 336 -21.95 -26.78 11.56
C PRO C 336 -21.18 -28.07 11.76
N ASP C 337 -21.83 -29.13 12.22
CA ASP C 337 -21.13 -30.36 12.55
C ASP C 337 -21.07 -31.36 11.40
N ASP C 338 -21.55 -31.00 10.20
CA ASP C 338 -21.69 -32.00 9.16
C ASP C 338 -20.36 -32.44 8.59
N ARG C 339 -20.36 -33.64 8.02
CA ARG C 339 -19.22 -34.21 7.31
CA ARG C 339 -19.22 -34.23 7.32
C ARG C 339 -19.64 -34.41 5.86
N PHE C 340 -19.21 -33.49 5.00
CA PHE C 340 -19.62 -33.44 3.60
C PHE C 340 -18.62 -34.19 2.72
N ALA C 341 -19.12 -35.06 1.85
CA ALA C 341 -18.28 -35.94 1.04
C ALA C 341 -18.66 -35.81 -0.42
N CYS C 342 -17.96 -34.93 -1.13
CA CYS C 342 -18.06 -34.82 -2.57
C CYS C 342 -16.95 -35.68 -3.17
N MET C 343 -17.32 -36.64 -4.01
CA MET C 343 -16.36 -37.61 -4.51
C MET C 343 -15.77 -37.19 -5.85
N ALA C 344 -15.47 -35.93 -6.03
CA ALA C 344 -14.91 -35.45 -7.29
C ALA C 344 -13.40 -35.18 -7.15
N ASP C 345 -12.84 -34.53 -8.17
CA ASP C 345 -11.43 -34.20 -8.21
C ASP C 345 -11.30 -32.68 -8.16
N ILE C 346 -10.35 -32.19 -7.37
CA ILE C 346 -10.14 -30.75 -7.28
C ILE C 346 -9.64 -30.17 -8.59
N GLY C 347 -9.27 -31.01 -9.57
CA GLY C 347 -8.88 -30.53 -10.89
C GLY C 347 -10.03 -30.01 -11.73
N TRP C 348 -11.27 -30.16 -11.24
CA TRP C 348 -12.46 -29.66 -11.94
C TRP C 348 -13.23 -28.74 -11.02
N ILE C 349 -14.22 -28.05 -11.60
CA ILE C 349 -14.93 -27.02 -10.86
C ILE C 349 -15.70 -27.64 -9.69
N THR C 350 -16.13 -28.89 -9.83
CA THR C 350 -16.85 -29.53 -8.75
C THR C 350 -15.99 -29.68 -7.51
N GLY C 351 -14.70 -29.91 -7.70
CA GLY C 351 -13.78 -29.98 -6.58
C GLY C 351 -13.44 -28.60 -6.03
N HIS C 352 -13.25 -27.62 -6.94
CA HIS C 352 -13.05 -26.23 -6.52
C HIS C 352 -14.16 -25.77 -5.58
N SER C 353 -15.41 -25.93 -6.03
CA SER C 353 -16.57 -25.35 -5.36
C SER C 353 -17.09 -26.20 -4.20
N TYR C 354 -17.02 -27.53 -4.31
CA TYR C 354 -17.72 -28.38 -3.37
C TYR C 354 -16.84 -29.36 -2.63
N ILE C 355 -15.54 -29.35 -2.86
CA ILE C 355 -14.58 -29.95 -1.93
C ILE C 355 -13.88 -28.89 -1.10
N ILE C 356 -13.33 -27.86 -1.75
CA ILE C 356 -12.48 -26.89 -1.07
C ILE C 356 -13.26 -25.64 -0.64
N TYR C 357 -13.66 -24.79 -1.59
CA TYR C 357 -14.08 -23.43 -1.25
C TYR C 357 -15.41 -23.41 -0.49
N GLY C 358 -16.46 -23.98 -1.05
CA GLY C 358 -17.77 -23.94 -0.43
C GLY C 358 -17.83 -24.55 0.95
N PRO C 359 -17.40 -25.81 1.08
CA PRO C 359 -17.45 -26.45 2.41
C PRO C 359 -16.54 -25.79 3.44
N LEU C 360 -15.29 -25.48 3.08
CA LEU C 360 -14.39 -24.83 4.05
C LEU C 360 -14.87 -23.42 4.39
N ALA C 361 -15.44 -22.70 3.42
CA ALA C 361 -15.99 -21.38 3.72
C ALA C 361 -17.03 -21.47 4.84
N ASN C 362 -17.80 -22.57 4.88
CA ASN C 362 -18.79 -22.82 5.93
C ASN C 362 -18.18 -23.36 7.22
N GLY C 363 -16.90 -23.73 7.24
CA GLY C 363 -16.30 -24.20 8.47
C GLY C 363 -16.67 -25.61 8.87
N ILE C 364 -17.09 -26.44 7.92
CA ILE C 364 -17.48 -27.80 8.23
C ILE C 364 -16.37 -28.73 7.77
N THR C 365 -16.59 -30.03 7.92
CA THR C 365 -15.65 -31.05 7.50
C THR C 365 -15.94 -31.46 6.07
N THR C 366 -14.91 -31.45 5.22
CA THR C 366 -15.04 -31.85 3.83
C THR C 366 -14.14 -33.05 3.57
N ALA C 367 -14.54 -33.89 2.61
CA ALA C 367 -13.79 -35.08 2.29
C ALA C 367 -12.89 -34.84 1.08
N VAL C 368 -11.64 -35.28 1.18
CA VAL C 368 -10.72 -35.36 0.06
C VAL C 368 -10.47 -36.84 -0.17
N PHE C 369 -11.12 -37.41 -1.19
CA PHE C 369 -11.14 -38.84 -1.46
C PHE C 369 -10.16 -39.18 -2.58
N GLU C 370 -9.13 -39.95 -2.25
CA GLU C 370 -8.02 -40.17 -3.18
C GLU C 370 -8.22 -41.37 -4.10
N SER C 371 -9.18 -42.25 -3.83
CA SER C 371 -9.28 -43.52 -4.54
C SER C 371 -10.36 -43.50 -5.62
N THR C 372 -10.70 -44.68 -6.12
CA THR C 372 -11.78 -44.92 -7.08
C THR C 372 -12.97 -45.54 -6.35
N PRO C 373 -14.15 -45.59 -7.00
CA PRO C 373 -15.31 -46.20 -6.33
C PRO C 373 -15.17 -47.70 -6.13
N VAL C 374 -14.19 -48.35 -6.76
CA VAL C 374 -14.15 -49.80 -6.78
C VAL C 374 -12.78 -50.30 -6.36
N TYR C 375 -12.03 -49.47 -5.64
CA TYR C 375 -10.78 -49.91 -5.05
C TYR C 375 -10.80 -49.68 -3.54
N PRO C 376 -10.42 -50.68 -2.73
CA PRO C 376 -10.00 -51.98 -3.25
C PRO C 376 -11.16 -52.86 -3.72
N THR C 377 -12.40 -52.51 -3.37
CA THR C 377 -13.56 -53.25 -3.86
C THR C 377 -14.70 -52.28 -4.17
N PRO C 378 -15.77 -52.74 -4.85
CA PRO C 378 -16.91 -51.85 -5.14
C PRO C 378 -17.67 -51.36 -3.91
N SER C 379 -17.23 -51.71 -2.71
CA SER C 379 -17.89 -51.26 -1.50
C SER C 379 -17.24 -50.01 -0.91
N ARG C 380 -16.32 -49.40 -1.66
CA ARG C 380 -15.44 -48.39 -1.06
C ARG C 380 -16.22 -47.15 -0.62
N TYR C 381 -17.15 -46.67 -1.46
CA TYR C 381 -17.96 -45.50 -1.06
C TYR C 381 -18.66 -45.74 0.26
N TRP C 382 -19.25 -46.92 0.42
CA TRP C 382 -20.10 -47.18 1.57
C TRP C 382 -19.27 -47.53 2.79
N ASP C 383 -18.16 -48.24 2.60
CA ASP C 383 -17.14 -48.33 3.65
C ASP C 383 -16.80 -46.95 4.19
N PHE C 384 -16.61 -45.99 3.28
CA PHE C 384 -16.26 -44.62 3.66
C PHE C 384 -17.39 -43.94 4.42
N VAL C 385 -18.62 -44.03 3.91
CA VAL C 385 -19.75 -43.39 4.59
C VAL C 385 -19.86 -43.92 6.02
N ASP C 386 -19.84 -45.24 6.19
CA ASP C 386 -20.03 -45.81 7.53
C ASP C 386 -18.83 -45.53 8.44
N LYS C 387 -17.63 -45.51 7.87
CA LYS C 387 -16.42 -45.31 8.68
CA LYS C 387 -16.42 -45.31 8.67
C LYS C 387 -16.40 -43.92 9.28
N TRP C 388 -16.63 -42.88 8.47
CA TRP C 388 -16.60 -41.50 8.94
C TRP C 388 -17.98 -40.93 9.30
N LYS C 389 -19.06 -41.70 9.09
CA LYS C 389 -20.42 -41.20 9.29
C LYS C 389 -20.64 -39.89 8.52
N ALA C 390 -20.40 -39.98 7.21
CA ALA C 390 -20.68 -38.86 6.33
C ALA C 390 -22.16 -38.51 6.37
N THR C 391 -22.46 -37.22 6.27
CA THR C 391 -23.83 -36.73 6.38
C THR C 391 -24.43 -36.32 5.04
N GLN C 392 -23.61 -35.98 4.05
CA GLN C 392 -24.07 -35.73 2.69
C GLN C 392 -23.06 -36.32 1.74
N LEU C 393 -23.53 -36.81 0.60
CA LEU C 393 -22.70 -37.39 -0.44
C LEU C 393 -23.00 -36.72 -1.78
N TYR C 394 -21.95 -36.44 -2.54
CA TYR C 394 -22.05 -35.70 -3.79
C TYR C 394 -21.17 -36.42 -4.79
N THR C 395 -21.76 -36.90 -5.89
CA THR C 395 -21.02 -37.76 -6.79
C THR C 395 -21.62 -37.68 -8.18
N ALA C 396 -20.99 -38.37 -9.12
CA ALA C 396 -21.33 -38.27 -10.52
C ALA C 396 -22.22 -39.43 -10.98
N PRO C 397 -23.15 -39.19 -11.90
CA PRO C 397 -23.97 -40.30 -12.42
C PRO C 397 -23.15 -41.45 -12.98
N THR C 398 -21.94 -41.19 -13.48
CA THR C 398 -21.09 -42.26 -14.01
C THR C 398 -20.69 -43.23 -12.91
N ALA C 399 -20.30 -42.71 -11.76
CA ALA C 399 -19.94 -43.57 -10.64
C ALA C 399 -21.15 -44.35 -10.12
N ILE C 400 -22.33 -43.73 -10.05
CA ILE C 400 -23.51 -44.43 -9.57
C ILE C 400 -23.91 -45.55 -10.52
N ARG C 401 -23.82 -45.30 -11.83
CA ARG C 401 -24.12 -46.34 -12.81
C ARG C 401 -23.11 -47.48 -12.74
N LEU C 402 -21.84 -47.15 -12.48
CA LEU C 402 -20.82 -48.19 -12.29
C LEU C 402 -21.14 -49.07 -11.09
N LEU C 403 -21.34 -48.44 -9.92
CA LEU C 403 -21.62 -49.23 -8.71
C LEU C 403 -22.89 -50.07 -8.86
N ARG C 404 -23.91 -49.55 -9.56
CA ARG C 404 -25.15 -50.30 -9.72
C ARG C 404 -24.92 -51.61 -10.45
N ARG C 405 -24.13 -51.58 -11.54
CA ARG C 405 -23.80 -52.79 -12.28
C ARG C 405 -22.86 -53.72 -11.52
N MET C 406 -22.24 -53.26 -10.43
CA MET C 406 -21.38 -54.12 -9.63
C MET C 406 -22.15 -54.88 -8.56
N GLY C 407 -23.44 -54.64 -8.42
CA GLY C 407 -24.26 -55.47 -7.56
C GLY C 407 -24.64 -54.78 -6.26
N GLU C 408 -25.72 -55.29 -5.66
CA GLU C 408 -26.23 -54.80 -4.39
C GLU C 408 -25.45 -55.33 -3.20
N ASP C 409 -24.75 -56.45 -3.35
CA ASP C 409 -23.97 -57.02 -2.25
C ASP C 409 -23.01 -56.01 -1.65
N HIS C 410 -22.43 -55.16 -2.50
CA HIS C 410 -21.43 -54.24 -1.98
C HIS C 410 -22.03 -53.06 -1.23
N VAL C 411 -23.36 -52.90 -1.23
CA VAL C 411 -23.96 -51.72 -0.60
C VAL C 411 -25.05 -52.07 0.41
N LYS C 412 -25.83 -53.12 0.13
CA LYS C 412 -27.09 -53.29 0.85
C LYS C 412 -26.92 -53.73 2.30
N ASN C 413 -25.72 -54.14 2.72
CA ASN C 413 -25.52 -54.56 4.10
C ASN C 413 -24.92 -53.47 4.98
N HIS C 414 -24.52 -52.34 4.40
CA HIS C 414 -23.98 -51.25 5.17
C HIS C 414 -25.09 -50.56 5.97
N ASP C 415 -24.67 -49.67 6.87
CA ASP C 415 -25.60 -48.88 7.70
C ASP C 415 -26.11 -47.68 6.90
N LEU C 416 -25.23 -46.72 6.62
CA LEU C 416 -25.43 -45.55 5.77
C LEU C 416 -26.35 -44.48 6.37
N SER C 417 -26.86 -44.66 7.60
CA SER C 417 -27.91 -43.78 8.10
C SER C 417 -27.42 -42.41 8.55
N SER C 418 -26.10 -42.18 8.61
CA SER C 418 -25.65 -40.81 8.88
C SER C 418 -25.96 -39.89 7.72
N LEU C 419 -26.19 -40.44 6.52
CA LEU C 419 -26.52 -39.66 5.34
C LEU C 419 -27.94 -39.09 5.44
N ARG C 420 -28.08 -37.85 4.98
CA ARG C 420 -29.39 -37.22 4.80
C ARG C 420 -29.65 -36.81 3.37
N VAL C 421 -28.60 -36.48 2.61
CA VAL C 421 -28.71 -35.86 1.30
C VAL C 421 -27.70 -36.53 0.39
N LEU C 422 -28.16 -36.93 -0.80
CA LEU C 422 -27.34 -37.58 -1.82
C LEU C 422 -27.41 -36.74 -3.08
N GLY C 423 -26.28 -36.14 -3.46
CA GLY C 423 -26.25 -35.27 -4.61
C GLY C 423 -25.63 -35.94 -5.83
N SER C 424 -25.98 -35.41 -6.99
CA SER C 424 -25.47 -35.90 -8.26
C SER C 424 -25.03 -34.71 -9.11
N VAL C 425 -23.90 -34.87 -9.80
CA VAL C 425 -23.29 -33.76 -10.55
C VAL C 425 -22.69 -34.30 -11.85
N GLY C 426 -23.17 -33.78 -12.98
CA GLY C 426 -22.71 -34.15 -14.31
C GLY C 426 -23.86 -33.99 -15.30
N GLU C 427 -23.93 -34.91 -16.25
CA GLU C 427 -25.15 -35.12 -17.02
C GLU C 427 -26.31 -35.27 -16.03
N PRO C 428 -27.54 -34.96 -16.41
CA PRO C 428 -28.66 -35.29 -15.50
C PRO C 428 -28.72 -36.80 -15.28
N ILE C 429 -28.93 -37.19 -14.03
CA ILE C 429 -28.87 -38.61 -13.67
C ILE C 429 -30.05 -39.35 -14.29
N ASN C 430 -29.80 -40.52 -14.85
CA ASN C 430 -30.92 -41.19 -15.50
C ASN C 430 -31.84 -41.83 -14.46
N PRO C 431 -33.15 -41.84 -14.72
CA PRO C 431 -34.10 -42.40 -13.73
C PRO C 431 -33.72 -43.76 -13.17
N GLU C 432 -33.18 -44.66 -13.98
CA GLU C 432 -32.76 -45.96 -13.45
C GLU C 432 -31.70 -45.81 -12.36
N ALA C 433 -30.72 -44.92 -12.58
CA ALA C 433 -29.65 -44.75 -11.60
C ALA C 433 -30.07 -43.87 -10.44
N TRP C 434 -31.03 -42.98 -10.65
CA TRP C 434 -31.62 -42.19 -9.57
C TRP C 434 -32.27 -43.10 -8.52
N HIS C 435 -33.13 -44.02 -8.97
CA HIS C 435 -33.79 -44.95 -8.07
C HIS C 435 -32.81 -45.86 -7.36
N TRP C 436 -31.74 -46.29 -8.04
CA TRP C 436 -30.75 -47.13 -7.38
C TRP C 436 -30.05 -46.35 -6.27
N TYR C 437 -29.55 -45.16 -6.61
CA TYR C 437 -29.06 -44.20 -5.62
C TYR C 437 -30.05 -44.05 -4.45
N ASN C 438 -31.32 -43.84 -4.78
CA ASN C 438 -32.35 -43.60 -3.78
C ASN C 438 -32.58 -44.83 -2.89
N ASP C 439 -32.61 -46.02 -3.50
CA ASP C 439 -33.00 -47.22 -2.78
C ASP C 439 -31.87 -47.76 -1.91
N PHE C 440 -30.63 -47.73 -2.38
CA PHE C 440 -29.57 -48.43 -1.70
C PHE C 440 -28.61 -47.53 -0.93
N ALA C 441 -28.25 -46.37 -1.47
CA ALA C 441 -27.38 -45.49 -0.71
C ALA C 441 -28.17 -44.68 0.31
N GLY C 442 -29.40 -44.30 -0.02
CA GLY C 442 -30.23 -43.53 0.89
C GLY C 442 -31.24 -44.36 1.61
N LYS C 443 -31.40 -45.63 1.19
CA LYS C 443 -32.40 -46.56 1.73
C LYS C 443 -33.77 -45.91 1.82
N ASN C 444 -34.09 -45.08 0.81
CA ASN C 444 -35.33 -44.33 0.73
C ASN C 444 -35.51 -43.40 1.91
N GLN C 445 -34.40 -42.92 2.48
CA GLN C 445 -34.49 -42.01 3.61
C GLN C 445 -33.64 -40.75 3.42
N CYS C 446 -33.00 -40.58 2.27
CA CYS C 446 -32.29 -39.36 1.94
C CYS C 446 -33.02 -38.58 0.86
N ALA C 447 -32.85 -37.27 0.91
CA ALA C 447 -33.25 -36.42 -0.20
C ALA C 447 -32.23 -36.60 -1.33
N ILE C 448 -32.72 -36.79 -2.54
CA ILE C 448 -31.86 -36.83 -3.72
C ILE C 448 -31.84 -35.44 -4.32
N VAL C 449 -30.66 -34.96 -4.67
CA VAL C 449 -30.47 -33.59 -5.15
C VAL C 449 -29.64 -33.68 -6.42
N ASP C 450 -30.30 -33.72 -7.57
CA ASP C 450 -29.60 -33.57 -8.84
C ASP C 450 -29.36 -32.09 -9.05
N THR C 451 -28.14 -31.76 -9.48
CA THR C 451 -27.68 -30.40 -9.61
C THR C 451 -27.38 -30.10 -11.07
N TYR C 452 -27.71 -28.89 -11.50
CA TYR C 452 -27.32 -28.41 -12.82
C TYR C 452 -26.51 -27.13 -12.62
N TRP C 453 -25.33 -27.09 -13.23
CA TRP C 453 -24.46 -25.92 -13.24
C TRP C 453 -23.34 -26.19 -14.22
N MET C 454 -22.43 -25.21 -14.34
CA MET C 454 -21.28 -25.31 -15.23
C MET C 454 -20.09 -24.65 -14.54
N THR C 455 -18.89 -24.88 -15.12
CA THR C 455 -17.72 -24.14 -14.67
C THR C 455 -17.99 -22.64 -14.67
N GLU C 456 -18.70 -22.16 -15.70
CA GLU C 456 -18.95 -20.73 -15.91
C GLU C 456 -20.00 -20.16 -14.98
N THR C 457 -20.78 -20.97 -14.28
CA THR C 457 -21.69 -20.41 -13.29
C THR C 457 -21.05 -20.31 -11.91
N GLY C 458 -19.98 -21.07 -11.67
CA GLY C 458 -19.26 -21.05 -10.41
C GLY C 458 -19.87 -21.88 -9.30
N SER C 459 -21.19 -22.02 -9.33
CA SER C 459 -21.90 -22.69 -8.26
C SER C 459 -23.21 -23.22 -8.82
N ILE C 460 -23.86 -24.09 -8.04
CA ILE C 460 -25.06 -24.79 -8.47
C ILE C 460 -26.14 -23.78 -8.86
N SER C 461 -26.71 -23.95 -10.07
CA SER C 461 -27.66 -22.99 -10.63
C SER C 461 -29.11 -23.43 -10.45
N ILE C 462 -29.41 -24.70 -10.71
CA ILE C 462 -30.74 -25.27 -10.55
C ILE C 462 -30.58 -26.55 -9.76
N ALA C 463 -31.36 -26.69 -8.68
CA ALA C 463 -31.30 -27.87 -7.83
C ALA C 463 -32.46 -27.85 -6.85
N PRO C 464 -32.93 -29.01 -6.37
CA PRO C 464 -33.92 -28.98 -5.28
C PRO C 464 -33.25 -28.66 -3.95
N LEU C 465 -33.96 -27.90 -3.13
CA LEU C 465 -33.54 -27.68 -1.75
C LEU C 465 -34.10 -28.83 -0.91
N PRO C 466 -33.25 -29.68 -0.32
CA PRO C 466 -33.71 -31.00 0.14
C PRO C 466 -34.78 -30.97 1.21
N GLY C 467 -34.90 -29.88 1.98
CA GLY C 467 -35.88 -29.80 3.02
C GLY C 467 -37.19 -29.21 2.59
N ALA C 468 -37.32 -28.86 1.32
CA ALA C 468 -38.47 -28.14 0.79
C ALA C 468 -39.07 -28.77 -0.45
N ILE C 469 -38.25 -29.17 -1.42
CA ILE C 469 -38.75 -29.52 -2.76
C ILE C 469 -38.95 -31.03 -2.84
N SER C 470 -40.14 -31.44 -3.30
CA SER C 470 -40.42 -32.83 -3.65
C SER C 470 -39.77 -33.14 -5.00
N THR C 471 -38.95 -34.19 -5.04
CA THR C 471 -38.12 -34.43 -6.20
C THR C 471 -38.79 -35.34 -7.22
N LYS C 472 -38.36 -35.19 -8.48
CA LYS C 472 -38.70 -36.09 -9.58
C LYS C 472 -37.42 -36.66 -10.17
N PRO C 473 -37.34 -37.98 -10.39
CA PRO C 473 -36.10 -38.58 -10.92
C PRO C 473 -35.75 -38.03 -12.30
N GLY C 474 -34.55 -37.47 -12.41
CA GLY C 474 -34.07 -36.89 -13.65
C GLY C 474 -34.28 -35.39 -13.79
N SER C 475 -34.90 -34.73 -12.82
CA SER C 475 -35.24 -33.32 -12.89
C SER C 475 -34.37 -32.49 -11.94
N ALA C 476 -33.87 -31.36 -12.42
CA ALA C 476 -33.12 -30.46 -11.56
C ALA C 476 -34.01 -29.59 -10.69
N THR C 477 -35.30 -29.48 -11.04
CA THR C 477 -36.36 -28.75 -10.34
C THR C 477 -36.27 -27.22 -10.50
N PHE C 478 -35.70 -26.50 -9.53
CA PHE C 478 -35.89 -25.04 -9.52
C PHE C 478 -34.59 -24.28 -9.36
N PRO C 479 -34.51 -23.07 -9.93
CA PRO C 479 -33.26 -22.31 -9.89
C PRO C 479 -32.87 -21.92 -8.47
N PHE C 480 -31.56 -21.86 -8.24
CA PHE C 480 -31.06 -21.45 -6.96
C PHE C 480 -31.30 -19.95 -6.75
N PHE C 481 -31.02 -19.52 -5.51
CA PHE C 481 -30.99 -18.10 -5.15
C PHE C 481 -30.17 -17.29 -6.14
N GLY C 482 -30.78 -16.23 -6.69
CA GLY C 482 -30.11 -15.35 -7.61
C GLY C 482 -30.16 -15.79 -9.06
N MET C 483 -30.61 -16.99 -9.33
CA MET C 483 -30.71 -17.51 -10.69
C MET C 483 -32.13 -17.28 -11.18
N ASP C 484 -32.26 -16.45 -12.21
CA ASP C 484 -33.55 -16.11 -12.82
C ASP C 484 -33.49 -16.66 -14.24
N VAL C 485 -34.02 -17.86 -14.42
CA VAL C 485 -33.82 -18.58 -15.68
C VAL C 485 -35.12 -18.60 -16.46
N ASP C 486 -34.98 -18.77 -17.77
CA ASP C 486 -36.12 -18.90 -18.66
C ASP C 486 -35.73 -19.82 -19.82
N ILE C 487 -36.74 -20.20 -20.60
CA ILE C 487 -36.55 -21.03 -21.78
C ILE C 487 -36.92 -20.19 -22.99
N ILE C 488 -36.03 -20.16 -23.97
CA ILE C 488 -36.16 -19.33 -25.16
C ILE C 488 -36.32 -20.22 -26.38
N ASP C 489 -37.17 -19.80 -27.31
CA ASP C 489 -37.28 -20.47 -28.60
C ASP C 489 -35.98 -20.24 -29.36
N PRO C 490 -35.24 -21.29 -29.73
CA PRO C 490 -33.88 -21.08 -30.22
C PRO C 490 -33.83 -20.47 -31.61
N GLN C 491 -34.90 -20.59 -32.39
CA GLN C 491 -34.95 -19.94 -33.70
C GLN C 491 -35.35 -18.47 -33.56
N THR C 492 -36.50 -18.21 -32.93
CA THR C 492 -37.05 -16.87 -32.88
C THR C 492 -36.38 -15.97 -31.85
N GLY C 493 -35.64 -16.55 -30.89
CA GLY C 493 -35.12 -15.79 -29.77
C GLY C 493 -36.15 -15.37 -28.74
N GLN C 494 -37.39 -15.80 -28.88
CA GLN C 494 -38.47 -15.34 -28.02
C GLN C 494 -38.65 -16.28 -26.83
N VAL C 495 -39.01 -15.69 -25.69
CA VAL C 495 -39.23 -16.46 -24.48
C VAL C 495 -40.50 -17.29 -24.65
N LEU C 496 -40.38 -18.61 -24.47
CA LEU C 496 -41.54 -19.47 -24.34
C LEU C 496 -42.18 -19.24 -22.97
N GLU C 497 -43.32 -18.54 -22.98
CA GLU C 497 -44.06 -18.30 -21.74
C GLU C 497 -44.90 -19.53 -21.38
N GLY C 498 -44.96 -19.82 -20.09
CA GLY C 498 -45.83 -20.87 -19.59
C GLY C 498 -45.10 -22.14 -19.24
N ASN C 499 -45.89 -23.15 -18.88
CA ASN C 499 -45.38 -24.49 -18.68
C ASN C 499 -45.66 -25.35 -19.91
N ASP C 500 -45.08 -26.56 -19.90
CA ASP C 500 -45.07 -27.46 -21.06
C ASP C 500 -44.40 -26.83 -22.28
N VAL C 501 -43.23 -26.24 -22.03
CA VAL C 501 -42.42 -25.60 -23.07
C VAL C 501 -41.05 -26.26 -23.09
N GLU C 502 -40.40 -26.21 -24.25
CA GLU C 502 -39.05 -26.73 -24.42
C GLU C 502 -38.25 -25.76 -25.29
N GLY C 503 -36.94 -25.70 -25.05
CA GLY C 503 -36.10 -24.76 -25.77
C GLY C 503 -34.71 -24.69 -25.15
N VAL C 504 -34.07 -23.54 -25.33
CA VAL C 504 -32.72 -23.32 -24.80
C VAL C 504 -32.83 -22.54 -23.49
N LEU C 505 -32.03 -22.96 -22.51
CA LEU C 505 -32.06 -22.36 -21.18
C LEU C 505 -31.21 -21.10 -21.18
N VAL C 506 -31.73 -20.05 -20.55
CA VAL C 506 -31.01 -18.79 -20.39
C VAL C 506 -31.25 -18.26 -18.99
N ALA C 507 -30.33 -17.42 -18.53
CA ALA C 507 -30.47 -16.64 -17.31
C ALA C 507 -30.61 -15.16 -17.65
N ARG C 508 -31.47 -14.44 -16.93
CA ARG C 508 -31.79 -13.06 -17.33
C ARG C 508 -30.86 -12.04 -16.72
N ARG C 509 -30.26 -12.32 -15.57
CA ARG C 509 -29.47 -11.32 -14.87
C ARG C 509 -28.19 -11.99 -14.38
N PRO C 510 -27.11 -11.22 -14.22
CA PRO C 510 -25.91 -11.77 -13.58
C PRO C 510 -26.24 -12.31 -12.19
N TRP C 511 -25.40 -13.23 -11.73
CA TRP C 511 -25.45 -13.73 -10.36
C TRP C 511 -24.04 -13.64 -9.78
N PRO C 512 -23.91 -13.68 -8.44
CA PRO C 512 -22.61 -13.33 -7.82
C PRO C 512 -21.43 -14.19 -8.26
N SER C 513 -21.63 -15.48 -8.49
CA SER C 513 -20.50 -16.36 -8.81
C SER C 513 -20.36 -16.63 -10.31
N ILE C 514 -20.95 -15.81 -11.18
CA ILE C 514 -20.73 -16.00 -12.62
C ILE C 514 -19.26 -15.73 -12.97
N ALA C 515 -18.76 -16.47 -13.95
CA ALA C 515 -17.40 -16.29 -14.41
C ALA C 515 -17.27 -14.92 -15.06
N ARG C 516 -16.15 -14.25 -14.79
CA ARG C 516 -15.99 -12.84 -15.15
C ARG C 516 -15.34 -12.63 -16.49
N THR C 517 -14.58 -13.61 -16.99
CA THR C 517 -13.96 -13.51 -18.30
C THR C 517 -13.43 -14.89 -18.67
N VAL C 518 -12.92 -15.00 -19.89
CA VAL C 518 -12.08 -16.10 -20.31
C VAL C 518 -10.68 -15.54 -20.47
N TYR C 519 -9.70 -16.18 -19.83
CA TYR C 519 -8.40 -15.58 -19.56
C TYR C 519 -7.71 -15.00 -20.80
N ARG C 520 -7.53 -13.68 -20.81
CA ARG C 520 -6.99 -12.95 -21.97
C ARG C 520 -7.70 -13.35 -23.26
N ASP C 521 -8.99 -13.68 -23.17
CA ASP C 521 -9.79 -13.97 -24.35
C ASP C 521 -11.24 -13.59 -24.03
N HIS C 522 -11.42 -12.31 -23.73
CA HIS C 522 -12.74 -11.82 -23.34
C HIS C 522 -13.72 -11.87 -24.50
N LYS C 523 -13.22 -11.73 -25.73
CA LYS C 523 -14.11 -11.82 -26.88
C LYS C 523 -14.73 -13.22 -26.99
N ARG C 524 -13.93 -14.25 -26.71
CA ARG C 524 -14.45 -15.62 -26.72
C ARG C 524 -15.54 -15.78 -25.67
N TYR C 525 -15.35 -15.12 -24.53
CA TYR C 525 -16.31 -15.13 -23.43
C TYR C 525 -17.62 -14.48 -23.84
N LEU C 526 -17.55 -13.35 -24.54
CA LEU C 526 -18.76 -12.71 -25.02
C LEU C 526 -19.40 -13.51 -26.15
N GLU C 527 -18.59 -13.97 -27.10
CA GLU C 527 -19.13 -14.74 -28.21
C GLU C 527 -19.91 -15.96 -27.72
N THR C 528 -19.35 -16.69 -26.74
CA THR C 528 -19.92 -17.98 -26.36
C THR C 528 -21.20 -17.81 -25.55
N TYR C 529 -21.19 -16.91 -24.57
CA TYR C 529 -22.28 -16.80 -23.60
C TYR C 529 -23.18 -15.58 -23.77
N MET C 530 -22.66 -14.46 -24.30
CA MET C 530 -23.40 -13.21 -24.26
C MET C 530 -23.97 -12.76 -25.60
N LYS C 531 -23.34 -13.11 -26.73
CA LYS C 531 -23.83 -12.70 -28.04
C LYS C 531 -24.93 -13.60 -28.61
N PRO C 532 -24.99 -14.91 -28.32
CA PRO C 532 -26.03 -15.74 -28.95
C PRO C 532 -27.45 -15.26 -28.71
N TYR C 533 -27.80 -14.88 -27.48
CA TYR C 533 -29.12 -14.32 -27.18
C TYR C 533 -28.91 -13.04 -26.38
N PRO C 534 -28.85 -11.90 -27.07
CA PRO C 534 -28.43 -10.65 -26.42
C PRO C 534 -29.45 -10.23 -25.36
N GLY C 535 -28.95 -9.90 -24.18
CA GLY C 535 -29.78 -9.73 -23.01
C GLY C 535 -29.72 -10.88 -22.02
N TYR C 536 -29.12 -12.01 -22.40
CA TYR C 536 -29.15 -13.21 -21.57
C TYR C 536 -27.77 -13.83 -21.48
N PHE C 537 -27.63 -14.71 -20.50
CA PHE C 537 -26.54 -15.66 -20.45
C PHE C 537 -26.99 -16.94 -21.12
N PHE C 538 -26.25 -17.37 -22.14
CA PHE C 538 -26.59 -18.59 -22.88
C PHE C 538 -25.79 -19.75 -22.30
N PHE C 539 -26.50 -20.65 -21.61
CA PHE C 539 -25.88 -21.83 -20.98
C PHE C 539 -25.33 -22.82 -22.00
N GLY C 540 -25.99 -22.96 -23.15
CA GLY C 540 -25.60 -23.99 -24.11
C GLY C 540 -26.34 -25.31 -23.98
N ASP C 541 -27.31 -25.41 -23.06
CA ASP C 541 -28.08 -26.61 -22.84
C ASP C 541 -29.54 -26.36 -23.20
N GLY C 542 -30.18 -27.37 -23.77
CA GLY C 542 -31.62 -27.35 -23.87
C GLY C 542 -32.26 -27.66 -22.53
N ALA C 543 -33.49 -27.18 -22.38
CA ALA C 543 -34.21 -27.35 -21.12
C ALA C 543 -35.70 -27.31 -21.40
N ALA C 544 -36.45 -28.07 -20.61
CA ALA C 544 -37.89 -28.13 -20.72
C ALA C 544 -38.51 -27.85 -19.35
N ARG C 545 -39.60 -27.09 -19.34
CA ARG C 545 -40.36 -26.80 -18.14
C ARG C 545 -41.69 -27.55 -18.25
N ASP C 546 -41.96 -28.43 -17.28
CA ASP C 546 -43.10 -29.35 -17.34
C ASP C 546 -44.37 -28.70 -16.77
N TYR C 547 -45.45 -29.48 -16.67
CA TYR C 547 -46.74 -28.95 -16.24
C TYR C 547 -46.68 -28.31 -14.86
N ASP C 548 -45.85 -28.84 -13.96
CA ASP C 548 -45.67 -28.31 -12.62
C ASP C 548 -44.56 -27.26 -12.54
N GLY C 549 -43.99 -26.86 -13.67
CA GLY C 549 -42.90 -25.90 -13.69
C GLY C 549 -41.54 -26.45 -13.36
N TYR C 550 -41.40 -27.77 -13.16
CA TYR C 550 -40.10 -28.36 -12.89
C TYR C 550 -39.21 -28.27 -14.13
N MET C 551 -37.96 -27.88 -13.91
CA MET C 551 -36.99 -27.82 -14.99
C MET C 551 -36.40 -29.21 -15.29
N TRP C 552 -36.32 -29.54 -16.59
CA TRP C 552 -35.67 -30.76 -17.05
C TRP C 552 -34.57 -30.40 -18.05
N ILE C 553 -33.33 -30.74 -17.71
CA ILE C 553 -32.18 -30.43 -18.57
C ILE C 553 -32.09 -31.42 -19.72
N LYS C 554 -31.83 -30.92 -20.92
CA LYS C 554 -31.94 -31.72 -22.14
C LYS C 554 -30.62 -31.90 -22.89
N GLY C 555 -29.49 -31.50 -22.32
CA GLY C 555 -28.22 -31.65 -23.00
C GLY C 555 -28.01 -30.61 -24.08
N ARG C 556 -26.80 -30.65 -24.66
CA ARG C 556 -26.26 -29.58 -25.51
C ARG C 556 -27.16 -29.17 -26.66
N VAL C 557 -26.94 -27.97 -27.19
CA VAL C 557 -27.70 -27.48 -28.34
C VAL C 557 -26.98 -27.83 -29.65
C1 GOL D . -2.35 18.24 -31.27
O1 GOL D . -2.34 19.59 -31.60
C2 GOL D . -3.70 17.94 -30.56
O2 GOL D . -3.50 17.37 -29.32
C3 GOL D . -4.48 16.99 -31.54
O3 GOL D . -5.85 17.25 -31.41
C1 GOL E . -10.99 14.24 12.81
O1 GOL E . -10.38 12.97 12.89
C2 GOL E . -10.16 15.10 11.80
O2 GOL E . -10.08 14.51 10.55
C3 GOL E . -10.80 16.53 11.78
O3 GOL E . -12.18 16.38 11.55
C1 GOL F . -12.98 32.82 -42.70
O1 GOL F . -12.44 32.26 -43.85
C2 GOL F . -13.85 34.04 -43.12
O2 GOL F . -15.21 33.74 -43.21
C3 GOL F . -13.53 35.16 -42.08
O3 GOL F . -13.42 36.37 -42.77
C1 GOL G . 0.78 25.80 -22.74
O1 GOL G . 1.49 25.80 -23.96
C2 GOL G . -0.64 26.47 -22.99
O2 GOL G . -1.16 26.20 -24.25
C3 GOL G . -1.57 25.98 -21.80
O3 GOL G . -2.93 26.05 -22.20
P PO4 H . -1.52 27.78 -17.78
O1 PO4 H . -1.51 29.25 -18.15
O2 PO4 H . -2.28 27.61 -16.49
O3 PO4 H . -0.10 27.26 -17.63
O4 PO4 H . -2.18 26.99 -18.88
C1 GOL I . 1.24 15.25 41.16
O1 GOL I . 1.61 14.60 42.35
C2 GOL I . 2.28 16.37 40.91
O2 GOL I . 3.55 16.04 41.36
C3 GOL I . 2.26 16.61 39.38
O3 GOL I . 3.11 17.69 39.16
C1 GOL J . -3.28 3.51 35.78
O1 GOL J . -3.43 4.89 35.92
C2 GOL J . -2.83 3.25 34.31
O2 GOL J . -1.75 4.06 33.93
C3 GOL J . -2.48 1.74 34.24
O3 GOL J . -3.69 1.05 34.08
P PO4 K . 20.15 -8.01 26.41
O1 PO4 K . 21.44 -7.28 26.12
O2 PO4 K . 20.16 -8.52 27.83
O3 PO4 K . 18.98 -7.08 26.23
O4 PO4 K . 20.04 -9.14 25.41
C1 GOL L . -15.96 -32.94 -14.42
O1 GOL L . -16.10 -33.45 -13.10
C2 GOL L . -15.34 -34.05 -15.35
O2 GOL L . -16.30 -34.89 -15.89
C3 GOL L . -14.51 -33.31 -16.46
O3 GOL L . -15.25 -32.20 -16.89
C1 GOL M . -26.69 -1.33 2.59
O1 GOL M . -27.79 -2.18 2.39
C2 GOL M . -25.75 -1.57 1.41
O2 GOL M . -26.34 -1.32 0.18
C3 GOL M . -24.59 -0.64 1.66
O3 GOL M . -23.66 -0.96 0.68
P PO4 N . -20.05 -29.62 -14.07
O1 PO4 N . -20.65 -28.76 -12.98
O2 PO4 N . -19.40 -28.75 -15.13
O3 PO4 N . -21.16 -30.45 -14.68
O4 PO4 N . -19.01 -30.51 -13.47
#